data_7Y5L
#
_entry.id   7Y5L
#
_cell.length_a   108.715
_cell.length_b   170.956
_cell.length_c   181.080
_cell.angle_alpha   90.00
_cell.angle_beta   104.77
_cell.angle_gamma   90.00
#
_symmetry.space_group_name_H-M   'C 1 2 1'
#
loop_
_entity.id
_entity.type
_entity.pdbx_description
1 polymer 'Chromatin assembly factor 1 subunit A'
2 polymer 'Chromatin assembly factor 1 subunit B'
3 polymer 'Histone-binding protein RBBP4'
4 non-polymer GLYCEROL
5 water water
#
loop_
_entity_poly.entity_id
_entity_poly.type
_entity_poly.pdbx_seq_one_letter_code
_entity_poly.pdbx_strand_id
1 'polypeptide(L)'
;KAEITRFFQKPKTPQAPKTLAGSCGKFAPFEIKEHMVLAPRRRTAFHPDLCSQLDQLLQQQSGEFSFLKDLKGRQPLRSG
PTHVSTRNADIFNSDVVIVERGKGDGVPERRKFGRMKLLQFCENHRPAYWGTWNKKTALIRARDPWAQDTKLLDYEVDSD
EEWEEEEPGESLSHSEGDDDDDMGEDEDEDDGFFVPHGYLSEDEGVTEECADPENHKVRQKLKAKEWDEFLAKGKRFRVL
QPVKIGCVWAADRDCAGDDLKVLQQFAACFLET
;
A,D
2 'polypeptide(L)'
;MKVITCEIAWHNKEPVYSLDFQHGTAGRIHRLASAGVDTNVRIWKVEKGPDGKAIVEFLSNLARHTKAVNVVRFSPTGEI
LASGGDDAVILLWKVNDNKEPEQIAFQDEDEAQLNKENWTVVKTLRGHLEDVYDICWATDGNLMASASVDNTAIIWDVSK
GQKISIFNEHKSYVQGVTWDPLGQYVATLSCDRVLRVYSIQKKRVAFNVSKMLSGIGAEGEARSYRMFHDDSMKSFFRRL
SFTPDGSLLLTPAGCVESGENVMNTTYVFSRKNLKRPIAHLPCPGKATLAVRCCPVYFELRPVVETGVELMSLPYRLVFA
VASEDSVLLYDTQQSFPFGYVSNIHYHTLSDISWSSDGAFLAISSTDGYCSFVTFEKDELGIPLKEKPVLNMRTPDTAKK
TKSQTHRGSSPGPRPVEGT
;
B,E
3 'polypeptide(L)'
;MADKEAAFDDAVEERVINEEYKIWKKNTPFLYDLVMTHALEWPSLTAQWLPDVTRPEGKDFSIHRLVLGTHTSDEQNHLV
IASVQLPNDDAQFDASHYDSEKGEFGGFGSVSGKIEIEIKINHEGEVNRARYMPQNPCIIATKTPSSDVLVFDYTKHPSK
PDPSGECNPDLRLRGHQKEGYGLSWNPNLSGHLLSASDDHTICLWDISAVPKEGKVVDAKTIFTGHTAVVEDVSWHLLHE
SLFGSVADDQKLMIWDTRSNNTSKPSHSVDAHTAEVNCLSFNPYSEFILATGSADKTVALWDLRNLKLKLHSFESHKDEI
FQVQWSPHNETILASSGTDRRLNVWDLSKIGEEQSPEDAEDGPPELLFIHGGHTAKISDFSWNPNEPWVICSVSEDNIMQ
VWQMAENIYNDEDPEGSVDPEGQGS
;
C,F
#
loop_
_chem_comp.id
_chem_comp.type
_chem_comp.name
_chem_comp.formula
GOL non-polymer GLYCEROL 'C3 H8 O3'
#
# COMPACT_ATOMS: atom_id res chain seq x y z
N GLY A 22 -41.42 -29.63 -21.59
CA GLY A 22 -41.83 -28.80 -20.46
C GLY A 22 -42.55 -27.53 -20.87
N SER A 23 -43.50 -27.67 -21.80
CA SER A 23 -44.26 -26.54 -22.31
C SER A 23 -45.30 -26.11 -21.28
N CYS A 24 -45.22 -24.87 -20.82
CA CYS A 24 -46.13 -24.35 -19.81
C CYS A 24 -47.28 -23.63 -20.51
N GLY A 25 -48.48 -24.18 -20.40
CA GLY A 25 -49.65 -23.55 -20.99
C GLY A 25 -49.54 -23.45 -22.49
N LYS A 26 -49.67 -22.23 -23.01
CA LYS A 26 -49.62 -21.96 -24.44
C LYS A 26 -48.24 -21.51 -24.91
N PHE A 27 -47.23 -21.60 -24.05
CA PHE A 27 -45.88 -21.17 -24.37
C PHE A 27 -44.99 -22.36 -24.67
N ALA A 28 -44.16 -22.22 -25.70
CA ALA A 28 -43.23 -23.27 -26.06
C ALA A 28 -42.13 -23.39 -25.00
N PRO A 29 -41.52 -24.56 -24.86
CA PRO A 29 -40.39 -24.70 -23.93
C PRO A 29 -39.21 -23.85 -24.35
N PHE A 30 -38.39 -23.49 -23.36
CA PHE A 30 -37.22 -22.67 -23.63
C PHE A 30 -36.24 -23.43 -24.52
N GLU A 31 -35.72 -22.72 -25.53
CA GLU A 31 -34.81 -23.32 -26.51
C GLU A 31 -33.38 -22.95 -26.13
N ILE A 32 -32.60 -23.95 -25.75
CA ILE A 32 -31.18 -23.75 -25.47
C ILE A 32 -30.43 -23.71 -26.79
N LYS A 33 -29.71 -22.62 -27.03
CA LYS A 33 -29.02 -22.44 -28.30
C LYS A 33 -27.72 -23.23 -28.32
N GLU A 34 -26.93 -23.05 -29.38
CA GLU A 34 -25.77 -23.90 -29.62
C GLU A 34 -24.72 -23.76 -28.54
N HIS A 35 -24.44 -22.53 -28.10
CA HIS A 35 -23.38 -22.26 -27.15
C HIS A 35 -23.93 -21.66 -25.86
N MET A 36 -25.14 -22.03 -25.49
CA MET A 36 -25.79 -21.49 -24.30
C MET A 36 -25.51 -22.35 -23.09
N VAL A 37 -25.50 -21.70 -21.93
CA VAL A 37 -25.45 -22.38 -20.63
C VAL A 37 -26.48 -21.72 -19.73
N LEU A 38 -27.19 -22.54 -18.96
CA LEU A 38 -28.22 -22.10 -18.03
C LEU A 38 -27.70 -22.24 -16.61
N ALA A 39 -27.88 -21.19 -15.81
CA ALA A 39 -27.50 -21.27 -14.40
C ALA A 39 -28.36 -22.32 -13.70
N PRO A 40 -27.80 -23.07 -12.75
CA PRO A 40 -28.60 -24.10 -12.07
C PRO A 40 -29.78 -23.51 -11.33
N ARG A 41 -30.90 -24.22 -11.37
CA ARG A 41 -32.10 -23.75 -10.68
C ARG A 41 -32.03 -24.00 -9.18
N ARG A 42 -31.29 -25.03 -8.77
CA ARG A 42 -31.10 -25.34 -7.35
C ARG A 42 -29.63 -25.20 -6.99
N ARG A 43 -29.37 -24.94 -5.71
CA ARG A 43 -28.01 -24.82 -5.19
C ARG A 43 -27.72 -25.88 -4.13
N THR A 44 -28.59 -26.88 -3.98
CA THR A 44 -28.39 -27.92 -2.98
C THR A 44 -28.90 -29.23 -3.54
N ALA A 45 -28.28 -30.33 -3.12
CA ALA A 45 -28.76 -31.65 -3.51
C ALA A 45 -30.14 -31.89 -2.93
N PHE A 46 -30.93 -32.68 -3.64
CA PHE A 46 -32.32 -32.90 -3.26
C PHE A 46 -32.41 -33.87 -2.09
N HIS A 47 -32.98 -33.41 -0.97
CA HIS A 47 -33.27 -34.26 0.16
C HIS A 47 -34.75 -34.58 0.19
N PRO A 48 -35.14 -35.86 0.15
CA PRO A 48 -36.58 -36.18 0.02
C PRO A 48 -37.42 -35.78 1.22
N ASP A 49 -36.94 -36.07 2.43
CA ASP A 49 -37.70 -35.78 3.64
C ASP A 49 -37.72 -34.29 3.97
N LEU A 50 -36.86 -33.50 3.33
CA LEU A 50 -36.62 -32.12 3.72
C LEU A 50 -37.92 -31.36 3.99
N CYS A 51 -38.78 -31.27 2.97
CA CYS A 51 -40.01 -30.50 3.10
C CYS A 51 -40.80 -30.92 4.33
N SER A 52 -41.01 -32.23 4.49
CA SER A 52 -41.76 -32.71 5.65
C SER A 52 -41.14 -32.20 6.93
N GLN A 53 -39.83 -32.37 7.08
CA GLN A 53 -39.14 -31.89 8.28
C GLN A 53 -39.35 -30.39 8.45
N LEU A 54 -39.23 -29.64 7.35
CA LEU A 54 -39.47 -28.20 7.41
C LEU A 54 -40.84 -27.91 8.01
N ASP A 55 -41.87 -28.62 7.52
CA ASP A 55 -43.22 -28.41 8.06
C ASP A 55 -43.22 -28.59 9.57
N GLN A 56 -42.59 -29.66 10.05
CA GLN A 56 -42.50 -29.87 11.49
C GLN A 56 -41.80 -28.69 12.14
N LEU A 57 -40.64 -28.31 11.63
CA LEU A 57 -39.91 -27.18 12.19
C LEU A 57 -40.64 -25.86 11.99
N LEU A 58 -41.59 -25.82 11.06
CA LEU A 58 -42.39 -24.61 10.92
C LEU A 58 -43.45 -24.51 12.01
N GLN A 59 -43.95 -25.66 12.48
CA GLN A 59 -45.00 -25.65 13.50
C GLN A 59 -44.44 -25.66 14.92
N GLN A 60 -43.32 -26.36 15.14
CA GLN A 60 -42.77 -26.48 16.48
C GLN A 60 -42.38 -25.12 17.06
N GLN A 61 -41.71 -24.28 16.25
CA GLN A 61 -41.23 -22.97 16.68
C GLN A 61 -40.33 -23.10 17.91
N SER A 62 -39.54 -24.17 17.95
CA SER A 62 -38.62 -24.40 19.05
C SER A 62 -37.33 -23.61 18.82
N GLY A 63 -37.00 -22.74 19.78
CA GLY A 63 -35.82 -21.91 19.66
C GLY A 63 -34.53 -22.62 19.97
N GLU A 64 -34.53 -23.96 19.84
CA GLU A 64 -33.34 -24.75 20.12
C GLU A 64 -32.20 -24.42 19.15
N PHE A 65 -32.52 -24.29 17.87
CA PHE A 65 -31.50 -24.19 16.83
C PHE A 65 -31.05 -22.74 16.64
N SER A 66 -29.74 -22.53 16.70
CA SER A 66 -29.13 -21.23 16.41
C SER A 66 -28.28 -21.38 15.16
N PHE A 67 -28.73 -20.77 14.06
CA PHE A 67 -28.04 -20.93 12.78
C PHE A 67 -26.73 -20.15 12.75
N LEU A 68 -26.73 -18.94 13.32
CA LEU A 68 -25.51 -18.13 13.33
C LEU A 68 -24.40 -18.79 14.13
N LYS A 69 -24.75 -19.59 15.14
CA LYS A 69 -23.74 -20.34 15.88
C LYS A 69 -23.08 -21.39 14.98
N ASP A 70 -23.89 -22.13 14.23
CA ASP A 70 -23.34 -23.15 13.34
C ASP A 70 -22.59 -22.55 12.16
N LEU A 71 -22.87 -21.29 11.81
CA LEU A 71 -22.19 -20.67 10.68
C LEU A 71 -20.68 -20.56 10.92
N LYS A 72 -20.29 -20.15 12.13
CA LYS A 72 -18.87 -20.00 12.43
C LYS A 72 -18.19 -21.33 12.75
N GLY A 73 -18.95 -22.39 12.99
CA GLY A 73 -18.41 -23.70 13.28
C GLY A 73 -18.17 -24.58 12.08
N ARG A 74 -18.47 -24.11 10.88
CA ARG A 74 -18.29 -24.88 9.66
C ARG A 74 -17.86 -23.94 8.54
N GLN A 75 -17.69 -24.49 7.34
CA GLN A 75 -17.31 -23.67 6.20
C GLN A 75 -18.55 -23.19 5.46
N PRO A 76 -18.54 -21.95 4.97
CA PRO A 76 -19.70 -21.45 4.22
C PRO A 76 -19.96 -22.28 2.97
N LEU A 77 -21.24 -22.51 2.68
CA LEU A 77 -21.63 -23.25 1.50
C LEU A 77 -21.52 -22.35 0.26
N ARG A 78 -20.68 -22.74 -0.69
CA ARG A 78 -20.42 -21.94 -1.86
C ARG A 78 -20.67 -22.77 -3.12
N SER A 79 -20.63 -22.08 -4.26
CA SER A 79 -20.71 -22.72 -5.56
C SER A 79 -19.90 -21.89 -6.55
N GLY A 80 -19.42 -22.55 -7.61
CA GLY A 80 -18.54 -21.93 -8.56
C GLY A 80 -19.27 -21.32 -9.74
N PRO A 81 -18.53 -20.70 -10.66
CA PRO A 81 -19.14 -20.16 -11.87
C PRO A 81 -19.74 -21.26 -12.73
N THR A 82 -20.77 -20.90 -13.48
CA THR A 82 -21.49 -21.88 -14.29
C THR A 82 -20.59 -22.42 -15.40
N HIS A 83 -20.52 -23.74 -15.51
CA HIS A 83 -19.69 -24.39 -16.51
C HIS A 83 -20.57 -25.20 -17.46
N VAL A 84 -20.00 -25.52 -18.62
CA VAL A 84 -20.68 -26.33 -19.62
C VAL A 84 -20.58 -27.79 -19.23
N SER A 85 -21.69 -28.52 -19.37
CA SER A 85 -21.70 -29.94 -19.03
C SER A 85 -22.43 -30.78 -20.07
N THR A 86 -22.71 -30.24 -21.25
CA THR A 86 -23.40 -31.00 -22.29
C THR A 86 -22.50 -32.11 -22.82
N ARG A 87 -23.12 -33.18 -23.30
CA ARG A 87 -22.37 -34.29 -23.87
C ARG A 87 -21.79 -33.91 -25.22
N ASN A 88 -20.52 -34.26 -25.43
CA ASN A 88 -19.79 -33.93 -26.66
C ASN A 88 -19.85 -32.42 -26.96
N ALA A 89 -19.77 -31.62 -25.91
CA ALA A 89 -19.94 -30.18 -26.06
C ALA A 89 -18.69 -29.52 -26.60
N ASP A 90 -17.60 -29.57 -25.84
CA ASP A 90 -16.36 -28.87 -26.17
C ASP A 90 -15.26 -29.89 -26.46
N ILE A 91 -14.99 -30.11 -27.74
CA ILE A 91 -13.92 -31.01 -28.18
C ILE A 91 -13.19 -30.31 -29.32
N PHE A 92 -11.89 -30.06 -29.14
CA PHE A 92 -11.13 -29.24 -30.06
C PHE A 92 -9.83 -29.94 -30.43
N ASN A 93 -9.20 -29.44 -31.49
CA ASN A 93 -7.92 -29.93 -31.97
C ASN A 93 -6.98 -28.76 -32.17
N SER A 94 -5.71 -28.95 -31.82
CA SER A 94 -4.67 -27.95 -32.02
C SER A 94 -3.64 -28.50 -33.00
N ASP A 95 -3.43 -27.80 -34.10
CA ASP A 95 -2.49 -28.21 -35.14
C ASP A 95 -1.21 -27.39 -35.10
N VAL A 96 -0.93 -26.73 -33.98
CA VAL A 96 0.12 -25.73 -33.89
C VAL A 96 0.96 -25.98 -32.66
N VAL A 97 2.27 -25.77 -32.78
CA VAL A 97 3.18 -25.74 -31.64
C VAL A 97 3.89 -24.39 -31.64
N ILE A 98 3.97 -23.76 -30.47
CA ILE A 98 4.53 -22.42 -30.36
C ILE A 98 6.04 -22.52 -30.12
N VAL A 99 6.80 -21.77 -30.90
CA VAL A 99 8.25 -21.65 -30.74
C VAL A 99 8.58 -20.19 -30.54
N GLU A 100 9.28 -19.88 -29.46
CA GLU A 100 9.59 -18.51 -29.09
C GLU A 100 11.08 -18.25 -29.30
N ARG A 101 11.38 -17.19 -30.04
CA ARG A 101 12.76 -16.81 -30.34
C ARG A 101 12.93 -15.32 -30.10
N GLY A 102 14.08 -14.95 -29.55
CA GLY A 102 14.39 -13.55 -29.28
C GLY A 102 14.46 -13.29 -27.79
N LYS A 103 15.37 -12.40 -27.39
CA LYS A 103 15.52 -12.09 -25.98
C LYS A 103 14.33 -11.32 -25.43
N GLY A 104 13.71 -10.46 -26.24
CA GLY A 104 12.66 -9.63 -25.73
C GLY A 104 13.22 -8.51 -24.87
N ASP A 105 12.32 -7.82 -24.19
CA ASP A 105 12.71 -6.72 -23.31
C ASP A 105 12.95 -7.20 -21.88
N GLY A 106 12.77 -8.47 -21.60
CA GLY A 106 12.92 -8.96 -20.24
C GLY A 106 11.89 -8.41 -19.28
N VAL A 107 10.64 -8.30 -19.73
CA VAL A 107 9.56 -7.76 -18.90
C VAL A 107 9.35 -8.68 -17.71
N PRO A 108 8.91 -8.17 -16.57
CA PRO A 108 8.77 -9.00 -15.37
C PRO A 108 7.75 -10.11 -15.57
N GLU A 109 7.71 -11.01 -14.59
CA GLU A 109 6.78 -12.13 -14.62
C GLU A 109 5.34 -11.62 -14.55
N ARG A 110 4.50 -12.08 -15.48
CA ARG A 110 3.11 -11.67 -15.50
C ARG A 110 2.36 -12.17 -14.28
N ARG A 111 2.70 -13.38 -13.79
CA ARG A 111 1.96 -14.01 -12.71
C ARG A 111 1.88 -13.11 -11.47
N LYS A 112 2.91 -12.33 -11.20
CA LYS A 112 2.95 -11.49 -10.01
C LYS A 112 2.22 -10.16 -10.19
N PHE A 113 1.40 -10.01 -11.22
CA PHE A 113 0.68 -8.76 -11.45
C PHE A 113 -0.83 -8.89 -11.30
N GLY A 114 -1.34 -10.09 -11.01
CA GLY A 114 -2.74 -10.26 -10.68
C GLY A 114 -3.67 -10.17 -11.89
N ARG A 115 -4.96 -10.18 -11.57
CA ARG A 115 -5.99 -10.10 -12.60
C ARG A 115 -6.01 -8.72 -13.24
N MET A 116 -6.31 -8.69 -14.54
CA MET A 116 -6.46 -7.44 -15.26
C MET A 116 -7.86 -6.88 -15.01
N LYS A 117 -7.92 -5.66 -14.50
CA LYS A 117 -9.19 -5.01 -14.17
C LYS A 117 -9.72 -4.25 -15.37
N LEU A 118 -11.03 -4.28 -15.53
CA LEU A 118 -11.74 -3.55 -16.58
C LEU A 118 -12.56 -2.45 -15.92
N LEU A 119 -12.16 -1.20 -16.17
CA LEU A 119 -12.85 -0.03 -15.65
C LEU A 119 -13.27 0.83 -16.83
N GLN A 120 -14.57 0.86 -17.13
CA GLN A 120 -15.11 1.67 -18.20
C GLN A 120 -16.24 2.52 -17.65
N PHE A 121 -16.32 3.76 -18.13
CA PHE A 121 -17.31 4.72 -17.66
C PHE A 121 -18.03 5.34 -18.85
N CYS A 122 -19.34 5.56 -18.69
CA CYS A 122 -20.13 6.09 -19.79
C CYS A 122 -19.72 7.51 -20.16
N GLU A 123 -19.41 8.33 -19.14
CA GLU A 123 -19.14 9.75 -19.34
C GLU A 123 -17.70 10.04 -19.72
N ASN A 124 -16.84 9.02 -19.81
CA ASN A 124 -15.43 9.22 -20.11
C ASN A 124 -15.19 9.26 -21.60
N HIS A 125 -14.57 10.34 -22.08
CA HIS A 125 -14.11 10.38 -23.46
C HIS A 125 -12.99 9.38 -23.69
N ARG A 126 -12.10 9.24 -22.71
CA ARG A 126 -10.99 8.30 -22.82
C ARG A 126 -11.53 6.86 -22.85
N PRO A 127 -10.94 6.00 -23.68
CA PRO A 127 -11.46 4.63 -23.80
C PRO A 127 -11.34 3.85 -22.49
N ALA A 128 -11.94 2.66 -22.50
CA ALA A 128 -11.99 1.82 -21.32
C ALA A 128 -10.59 1.41 -20.87
N TYR A 129 -10.42 1.30 -19.55
CA TYR A 129 -9.16 0.83 -18.99
C TYR A 129 -9.21 -0.68 -18.83
N TRP A 130 -8.21 -1.37 -19.39
CA TRP A 130 -8.09 -2.82 -19.32
C TRP A 130 -6.66 -3.12 -18.91
N GLY A 131 -6.43 -3.28 -17.61
CA GLY A 131 -5.07 -3.51 -17.15
C GLY A 131 -4.99 -3.79 -15.67
N THR A 132 -3.80 -4.24 -15.26
CA THR A 132 -3.56 -4.62 -13.88
C THR A 132 -3.43 -3.39 -12.99
N TRP A 133 -3.42 -3.64 -11.68
CA TRP A 133 -3.30 -2.58 -10.69
C TRP A 133 -2.59 -3.16 -9.48
N ASN A 134 -1.37 -2.69 -9.22
CA ASN A 134 -0.56 -3.19 -8.11
C ASN A 134 -0.18 -2.11 -7.12
N LYS A 135 -0.78 -0.92 -7.20
CA LYS A 135 -0.55 0.09 -6.18
C LYS A 135 -1.15 -0.37 -4.86
N LYS A 136 -0.45 -0.06 -3.77
CA LYS A 136 -0.81 -0.57 -2.45
C LYS A 136 -1.10 0.60 -1.51
N THR A 137 -2.24 0.54 -0.84
CA THR A 137 -2.64 1.55 0.13
C THR A 137 -3.10 0.88 1.42
N ALA A 138 -3.14 1.67 2.48
CA ALA A 138 -3.69 1.23 3.76
C ALA A 138 -4.90 2.05 4.17
N LEU A 139 -5.36 2.98 3.34
CA LEU A 139 -6.46 3.86 3.69
C LEU A 139 -7.67 3.74 2.77
N ILE A 140 -7.49 3.27 1.53
CA ILE A 140 -8.61 3.04 0.62
C ILE A 140 -9.22 1.69 0.94
N ARG A 141 -10.21 1.67 1.82
CA ARG A 141 -10.81 0.43 2.30
C ARG A 141 -12.13 0.16 1.59
N ALA A 142 -12.51 -1.12 1.53
CA ALA A 142 -13.83 -1.48 1.05
C ALA A 142 -14.92 -1.05 2.00
N ARG A 143 -14.60 -0.85 3.28
CA ARG A 143 -15.56 -0.37 4.27
C ARG A 143 -15.86 1.11 4.11
N ASP A 144 -15.05 1.85 3.35
CA ASP A 144 -15.26 3.28 3.14
C ASP A 144 -14.76 3.64 1.76
N PRO A 145 -15.62 3.56 0.74
CA PRO A 145 -15.18 3.90 -0.62
C PRO A 145 -14.71 5.32 -0.77
N TRP A 146 -15.30 6.26 -0.02
CA TRP A 146 -14.96 7.67 -0.11
C TRP A 146 -13.76 8.05 0.74
N ALA A 147 -13.14 7.08 1.42
CA ALA A 147 -11.96 7.38 2.22
C ALA A 147 -10.81 7.80 1.31
N GLN A 148 -10.33 9.02 1.49
CA GLN A 148 -9.26 9.55 0.65
C GLN A 148 -7.91 8.99 1.07
N ASP A 149 -7.01 8.85 0.09
CA ASP A 149 -5.61 8.48 0.35
C ASP A 149 -4.72 9.47 -0.40
N THR A 150 -4.43 10.60 0.24
CA THR A 150 -3.59 11.62 -0.36
C THR A 150 -2.13 11.19 -0.34
N LYS A 151 -1.32 11.90 -1.15
CA LYS A 151 0.12 11.76 -1.22
C LYS A 151 0.56 10.48 -1.91
N LEU A 152 -0.40 9.59 -2.20
CA LEU A 152 -0.19 8.44 -3.06
C LEU A 152 -1.00 8.53 -4.33
N LEU A 153 -2.21 9.08 -4.26
CA LEU A 153 -3.05 9.32 -5.41
C LEU A 153 -3.39 10.81 -5.43
N ASP A 154 -3.00 11.49 -6.50
CA ASP A 154 -3.34 12.90 -6.69
C ASP A 154 -4.79 12.98 -7.15
N TYR A 155 -5.66 13.57 -6.32
CA TYR A 155 -7.11 13.52 -6.55
C TYR A 155 -7.52 14.64 -7.50
N GLU A 156 -7.26 14.39 -8.79
CA GLU A 156 -7.70 15.26 -9.87
C GLU A 156 -8.24 14.40 -10.99
N VAL A 157 -8.86 15.05 -11.99
CA VAL A 157 -9.53 14.32 -13.06
C VAL A 157 -8.50 13.57 -13.89
N ASP A 158 -8.61 12.24 -13.91
CA ASP A 158 -7.76 11.44 -14.78
C ASP A 158 -8.09 11.69 -16.25
N SER A 159 -9.37 11.80 -16.58
CA SER A 159 -9.80 12.03 -17.96
C SER A 159 -9.90 13.52 -18.26
N ASP A 160 -8.79 14.22 -18.07
CA ASP A 160 -8.74 15.63 -18.48
C ASP A 160 -8.83 15.75 -19.98
N GLU A 161 -8.00 15.01 -20.71
CA GLU A 161 -8.00 15.00 -22.16
C GLU A 161 -7.39 13.69 -22.63
N GLU A 162 -7.64 13.34 -23.89
CA GLU A 162 -7.08 12.13 -24.46
C GLU A 162 -6.76 12.32 -25.94
N LYS A 217 10.92 -11.99 -28.12
CA LYS A 217 10.67 -11.07 -29.23
C LYS A 217 9.57 -11.58 -30.16
N VAL A 218 9.81 -12.74 -30.77
CA VAL A 218 8.90 -13.36 -31.72
C VAL A 218 8.36 -14.65 -31.13
N ARG A 219 7.06 -14.85 -31.27
CA ARG A 219 6.37 -16.06 -30.81
C ARG A 219 5.70 -16.67 -32.04
N GLN A 220 6.41 -17.53 -32.75
CA GLN A 220 5.89 -18.15 -33.95
C GLN A 220 4.98 -19.33 -33.60
N LYS A 221 3.95 -19.52 -34.42
CA LYS A 221 2.97 -20.58 -34.24
C LYS A 221 3.12 -21.56 -35.40
N LEU A 222 4.03 -22.53 -35.23
CA LEU A 222 4.38 -23.43 -36.31
C LEU A 222 3.31 -24.49 -36.52
N LYS A 223 3.05 -24.81 -37.78
CA LYS A 223 2.24 -25.96 -38.14
C LYS A 223 3.12 -27.21 -38.17
N ALA A 224 2.51 -28.35 -38.48
CA ALA A 224 3.24 -29.62 -38.42
C ALA A 224 4.41 -29.63 -39.39
N LYS A 225 4.18 -29.17 -40.62
CA LYS A 225 5.25 -29.13 -41.62
C LYS A 225 6.35 -28.16 -41.19
N GLU A 226 5.97 -26.98 -40.70
CA GLU A 226 6.96 -26.01 -40.25
C GLU A 226 7.63 -26.46 -38.96
N TRP A 227 6.91 -27.19 -38.10
CA TRP A 227 7.53 -27.76 -36.90
C TRP A 227 8.59 -28.79 -37.28
N ASP A 228 8.30 -29.63 -38.28
CA ASP A 228 9.30 -30.58 -38.75
C ASP A 228 10.51 -29.85 -39.32
N GLU A 229 10.28 -28.80 -40.12
CA GLU A 229 11.42 -28.06 -40.69
C GLU A 229 12.22 -27.33 -39.62
N PHE A 230 11.56 -26.86 -38.56
CA PHE A 230 12.26 -26.20 -37.47
C PHE A 230 13.11 -27.20 -36.68
N LEU A 231 12.55 -28.38 -36.38
CA LEU A 231 13.34 -29.41 -35.74
C LEU A 231 14.53 -29.82 -36.59
N ALA A 232 14.37 -29.80 -37.92
CA ALA A 232 15.49 -30.11 -38.79
C ALA A 232 16.56 -29.02 -38.76
N LYS A 233 16.13 -27.76 -38.81
CA LYS A 233 17.08 -26.65 -38.95
C LYS A 233 17.52 -26.06 -37.62
N GLY A 234 16.57 -25.68 -36.76
CA GLY A 234 16.91 -25.10 -35.48
C GLY A 234 16.40 -23.68 -35.31
N LYS A 235 17.05 -22.90 -34.44
CA LYS A 235 16.64 -21.51 -34.22
C LYS A 235 16.86 -20.65 -35.45
N ARG A 236 17.78 -21.03 -36.34
CA ARG A 236 18.01 -20.29 -37.57
C ARG A 236 16.84 -20.41 -38.54
N PHE A 237 15.96 -21.39 -38.34
CA PHE A 237 14.83 -21.59 -39.24
C PHE A 237 13.83 -20.44 -39.11
N ARG A 238 13.26 -20.04 -40.25
CA ARG A 238 12.15 -19.10 -40.27
C ARG A 238 11.11 -19.61 -41.26
N VAL A 239 9.84 -19.33 -40.95
CA VAL A 239 8.76 -19.80 -41.80
C VAL A 239 8.84 -19.13 -43.16
N LEU A 240 8.40 -19.85 -44.19
CA LEU A 240 8.41 -19.34 -45.54
C LEU A 240 7.30 -18.32 -45.74
N GLN A 241 7.59 -17.27 -46.52
CA GLN A 241 6.59 -16.30 -46.92
C GLN A 241 6.37 -16.44 -48.42
N PRO A 242 5.31 -17.11 -48.86
CA PRO A 242 5.12 -17.32 -50.30
C PRO A 242 4.97 -16.00 -51.04
N VAL A 243 5.55 -15.95 -52.23
CA VAL A 243 5.49 -14.76 -53.08
C VAL A 243 4.88 -15.17 -54.41
N LYS A 244 3.64 -14.76 -54.64
CA LYS A 244 2.94 -15.01 -55.89
C LYS A 244 2.61 -13.69 -56.56
N ILE A 245 2.90 -13.59 -57.85
CA ILE A 245 2.56 -12.42 -58.65
C ILE A 245 1.48 -12.83 -59.63
N GLY A 246 0.36 -12.11 -59.60
CA GLY A 246 -0.78 -12.44 -60.45
C GLY A 246 -0.46 -12.29 -61.93
N CYS A 247 -1.43 -12.65 -62.77
CA CYS A 247 -1.23 -12.61 -64.22
C CYS A 247 -1.03 -11.17 -64.68
N VAL A 248 0.18 -10.84 -65.10
CA VAL A 248 0.55 -9.50 -65.55
C VAL A 248 0.96 -9.60 -67.01
N TRP A 249 0.20 -8.94 -67.88
CA TRP A 249 0.42 -9.00 -69.32
C TRP A 249 0.95 -7.67 -69.83
N ALA A 250 1.56 -7.72 -71.02
CA ALA A 250 2.05 -6.51 -71.66
C ALA A 250 0.92 -5.59 -72.11
N ALA A 251 -0.28 -6.13 -72.32
CA ALA A 251 -1.43 -5.33 -72.70
C ALA A 251 -2.15 -4.70 -71.52
N ASP A 252 -1.98 -5.24 -70.32
CA ASP A 252 -2.66 -4.69 -69.14
C ASP A 252 -2.26 -3.23 -68.93
N ARG A 253 -3.26 -2.39 -68.65
CA ARG A 253 -3.03 -0.96 -68.45
C ARG A 253 -3.10 -0.54 -67.00
N ASP A 254 -4.04 -1.11 -66.23
CA ASP A 254 -4.19 -0.75 -64.82
C ASP A 254 -3.38 -1.66 -63.89
N CYS A 255 -2.59 -2.57 -64.44
CA CYS A 255 -1.75 -3.43 -63.61
C CYS A 255 -0.71 -2.61 -62.87
N ALA A 256 -0.41 -3.01 -61.64
CA ALA A 256 0.58 -2.29 -60.84
C ALA A 256 1.95 -2.38 -61.50
N GLY A 257 2.64 -1.23 -61.52
CA GLY A 257 3.96 -1.17 -62.13
C GLY A 257 5.02 -1.91 -61.34
N ASP A 258 4.82 -2.08 -60.03
CA ASP A 258 5.78 -2.81 -59.21
C ASP A 258 5.89 -4.26 -59.66
N ASP A 259 4.75 -4.92 -59.84
CA ASP A 259 4.76 -6.28 -60.36
C ASP A 259 5.37 -6.33 -61.76
N LEU A 260 5.07 -5.32 -62.58
CA LEU A 260 5.61 -5.29 -63.94
C LEU A 260 7.14 -5.23 -63.92
N LYS A 261 7.71 -4.41 -63.04
CA LYS A 261 9.17 -4.33 -62.96
C LYS A 261 9.78 -5.59 -62.37
N VAL A 262 9.13 -6.17 -61.34
CA VAL A 262 9.65 -7.39 -60.76
C VAL A 262 9.68 -8.51 -61.80
N LEU A 263 8.66 -8.57 -62.66
CA LEU A 263 8.67 -9.56 -63.73
C LEU A 263 9.63 -9.17 -64.86
N GLN A 264 9.84 -7.87 -65.10
CA GLN A 264 10.86 -7.44 -66.04
C GLN A 264 12.25 -7.85 -65.60
N GLN A 265 12.45 -8.08 -64.30
CA GLN A 265 13.73 -8.59 -63.83
C GLN A 265 14.07 -9.94 -64.46
N PHE A 266 13.08 -10.67 -64.96
CA PHE A 266 13.29 -11.96 -65.63
C PHE A 266 13.12 -11.84 -67.14
N ALA A 267 13.28 -10.66 -67.71
CA ALA A 267 13.02 -10.46 -69.13
C ALA A 267 14.06 -11.20 -69.98
N ALA A 268 13.60 -11.80 -71.08
CA ALA A 268 14.45 -12.60 -71.94
C ALA A 268 15.51 -11.73 -72.62
N CYS A 269 16.70 -12.31 -72.81
CA CYS A 269 17.79 -11.63 -73.49
C CYS A 269 18.11 -12.40 -74.76
N PHE A 270 18.08 -11.70 -75.90
CA PHE A 270 18.23 -12.30 -77.21
C PHE A 270 19.67 -12.19 -77.71
N LEU A 271 20.08 -13.17 -78.50
CA LEU A 271 21.42 -13.20 -79.09
C LEU A 271 21.30 -13.24 -80.60
N GLU A 272 21.99 -12.33 -81.28
CA GLU A 272 21.92 -12.26 -82.73
C GLU A 272 23.27 -12.57 -83.38
N MET B 1 -4.64 -16.16 -60.98
CA MET B 1 -4.18 -17.49 -60.60
C MET B 1 -4.19 -17.67 -59.08
N LYS B 2 -4.28 -18.92 -58.65
CA LYS B 2 -4.28 -19.26 -57.23
C LYS B 2 -3.22 -20.31 -56.96
N VAL B 3 -2.67 -20.28 -55.76
CA VAL B 3 -1.64 -21.24 -55.33
C VAL B 3 -2.18 -22.00 -54.13
N ILE B 4 -2.19 -23.32 -54.22
CA ILE B 4 -2.66 -24.19 -53.15
C ILE B 4 -1.51 -25.13 -52.81
N THR B 5 -0.86 -24.89 -51.68
CA THR B 5 0.22 -25.75 -51.22
C THR B 5 -0.35 -26.80 -50.28
N CYS B 6 0.00 -28.06 -50.52
CA CYS B 6 -0.58 -29.17 -49.77
C CYS B 6 0.18 -29.34 -48.47
N GLU B 7 -0.55 -29.29 -47.35
CA GLU B 7 0.03 -29.42 -46.02
C GLU B 7 0.05 -30.85 -45.51
N ILE B 8 -0.27 -31.82 -46.37
CA ILE B 8 -0.29 -33.23 -45.99
C ILE B 8 0.62 -33.99 -46.93
N ALA B 9 1.53 -34.77 -46.37
CA ALA B 9 2.55 -35.44 -47.17
C ALA B 9 1.96 -36.61 -47.93
N TRP B 10 2.22 -36.65 -49.24
CA TRP B 10 1.71 -37.72 -50.08
C TRP B 10 2.52 -39.00 -49.95
N HIS B 11 3.81 -38.90 -49.67
CA HIS B 11 4.67 -40.09 -49.67
C HIS B 11 5.37 -40.29 -48.33
N ASN B 12 4.62 -40.17 -47.24
CA ASN B 12 5.16 -40.38 -45.89
C ASN B 12 6.32 -39.41 -45.61
N LYS B 13 6.15 -38.15 -46.00
CA LYS B 13 7.10 -37.07 -45.80
C LYS B 13 8.43 -37.29 -46.51
N GLU B 14 8.54 -38.36 -47.30
CA GLU B 14 9.70 -38.59 -48.15
C GLU B 14 9.65 -37.67 -49.37
N PRO B 15 10.80 -37.36 -49.97
CA PRO B 15 10.82 -36.47 -51.12
C PRO B 15 9.97 -36.99 -52.28
N VAL B 16 9.29 -36.06 -52.95
CA VAL B 16 8.52 -36.36 -54.15
C VAL B 16 9.35 -35.90 -55.34
N TYR B 17 9.66 -36.84 -56.24
CA TYR B 17 10.63 -36.59 -57.31
C TYR B 17 9.99 -36.27 -58.66
N SER B 18 8.75 -36.68 -58.91
CA SER B 18 8.17 -36.49 -60.22
C SER B 18 6.66 -36.36 -60.14
N LEU B 19 6.09 -35.72 -61.16
CA LEU B 19 4.65 -35.55 -61.29
C LEU B 19 4.28 -35.58 -62.77
N ASP B 20 3.07 -36.02 -63.06
CA ASP B 20 2.55 -35.97 -64.43
C ASP B 20 1.05 -36.16 -64.40
N PHE B 21 0.34 -35.32 -65.16
CA PHE B 21 -1.09 -35.47 -65.33
C PHE B 21 -1.40 -36.48 -66.42
N GLN B 22 -2.59 -37.06 -66.34
CA GLN B 22 -3.07 -37.99 -67.37
C GLN B 22 -3.49 -37.17 -68.58
N HIS B 23 -2.65 -37.16 -69.61
CA HIS B 23 -2.91 -36.34 -70.79
C HIS B 23 -4.14 -36.79 -71.56
N GLY B 24 -4.59 -38.03 -71.38
CA GLY B 24 -5.73 -38.52 -72.12
C GLY B 24 -7.06 -37.98 -71.65
N THR B 25 -7.11 -37.36 -70.47
CA THR B 25 -8.37 -36.82 -69.96
C THR B 25 -8.86 -35.68 -70.85
N ALA B 26 -10.17 -35.64 -71.06
CA ALA B 26 -10.79 -34.61 -71.88
C ALA B 26 -11.86 -33.82 -71.13
N GLY B 27 -12.09 -34.12 -69.86
CA GLY B 27 -13.14 -33.47 -69.08
C GLY B 27 -12.59 -32.38 -68.19
N ARG B 28 -13.19 -32.23 -67.01
CA ARG B 28 -12.81 -31.21 -66.05
C ARG B 28 -12.01 -31.75 -64.87
N ILE B 29 -12.21 -33.01 -64.50
CA ILE B 29 -11.47 -33.64 -63.43
C ILE B 29 -10.29 -34.40 -64.04
N HIS B 30 -9.14 -34.37 -63.36
CA HIS B 30 -7.91 -34.92 -63.91
C HIS B 30 -7.33 -35.98 -62.99
N ARG B 31 -6.48 -36.82 -63.57
CA ARG B 31 -5.74 -37.83 -62.84
C ARG B 31 -4.27 -37.43 -62.78
N LEU B 32 -3.69 -37.51 -61.59
CA LEU B 32 -2.30 -37.13 -61.37
C LEU B 32 -1.53 -38.32 -60.80
N ALA B 33 -0.25 -38.40 -61.12
CA ALA B 33 0.60 -39.46 -60.61
C ALA B 33 1.87 -38.87 -60.01
N SER B 34 2.26 -39.40 -58.86
CA SER B 34 3.41 -38.91 -58.11
C SER B 34 4.33 -40.06 -57.76
N ALA B 35 5.64 -39.82 -57.91
CA ALA B 35 6.67 -40.78 -57.54
C ALA B 35 7.50 -40.20 -56.40
N GLY B 36 7.94 -41.07 -55.49
CA GLY B 36 8.66 -40.64 -54.31
C GLY B 36 9.75 -41.62 -53.93
N VAL B 37 10.49 -41.25 -52.88
CA VAL B 37 11.55 -42.10 -52.34
C VAL B 37 10.99 -43.28 -51.54
N ASP B 38 9.71 -43.24 -51.18
CA ASP B 38 9.07 -44.31 -50.44
C ASP B 38 8.78 -45.55 -51.28
N THR B 39 9.36 -45.63 -52.49
CA THR B 39 9.20 -46.78 -53.39
C THR B 39 7.76 -46.99 -53.81
N ASN B 40 6.97 -45.91 -53.86
CA ASN B 40 5.58 -45.98 -54.24
C ASN B 40 5.28 -45.00 -55.36
N VAL B 41 4.33 -45.36 -56.21
CA VAL B 41 3.80 -44.48 -57.24
C VAL B 41 2.31 -44.32 -56.94
N ARG B 42 1.89 -43.12 -56.59
CA ARG B 42 0.53 -42.88 -56.13
C ARG B 42 -0.25 -42.10 -57.16
N ILE B 43 -1.47 -42.54 -57.43
CA ILE B 43 -2.36 -41.92 -58.40
C ILE B 43 -3.52 -41.27 -57.65
N TRP B 44 -3.76 -40.00 -57.94
CA TRP B 44 -4.75 -39.17 -57.26
C TRP B 44 -5.70 -38.56 -58.27
N LYS B 45 -6.81 -38.05 -57.76
CA LYS B 45 -7.86 -37.39 -58.53
C LYS B 45 -7.91 -35.92 -58.13
N VAL B 46 -7.71 -35.03 -59.10
CA VAL B 46 -7.60 -33.59 -58.85
C VAL B 46 -8.76 -32.89 -59.53
N GLU B 47 -9.47 -32.05 -58.77
CA GLU B 47 -10.57 -31.26 -59.29
C GLU B 47 -10.72 -29.99 -58.45
N LYS B 48 -11.31 -28.97 -59.06
CA LYS B 48 -11.56 -27.72 -58.37
C LYS B 48 -12.85 -27.80 -57.57
N GLY B 49 -12.85 -27.16 -56.39
CA GLY B 49 -14.04 -27.08 -55.59
C GLY B 49 -14.94 -25.95 -56.05
N PRO B 50 -16.07 -25.79 -55.36
CA PRO B 50 -16.99 -24.70 -55.70
C PRO B 50 -16.37 -23.32 -55.54
N ASP B 51 -15.42 -23.16 -54.62
CA ASP B 51 -14.75 -21.88 -54.42
C ASP B 51 -13.62 -21.65 -55.40
N GLY B 52 -13.08 -22.70 -56.03
CA GLY B 52 -11.95 -22.59 -56.92
C GLY B 52 -10.65 -23.15 -56.38
N LYS B 53 -10.64 -23.66 -55.15
CA LYS B 53 -9.45 -24.26 -54.57
C LYS B 53 -9.35 -25.73 -54.97
N ALA B 54 -8.16 -26.15 -55.36
CA ALA B 54 -7.94 -27.53 -55.79
C ALA B 54 -8.12 -28.49 -54.61
N ILE B 55 -8.62 -29.68 -54.92
CA ILE B 55 -8.82 -30.73 -53.94
C ILE B 55 -8.26 -32.04 -54.52
N VAL B 56 -7.55 -32.79 -53.68
CA VAL B 56 -6.88 -34.02 -54.09
C VAL B 56 -7.58 -35.21 -53.43
N GLU B 57 -7.98 -36.17 -54.24
CA GLU B 57 -8.56 -37.42 -53.76
C GLU B 57 -7.62 -38.58 -54.09
N PHE B 58 -7.30 -39.39 -53.07
CA PHE B 58 -6.41 -40.52 -53.25
C PHE B 58 -7.13 -41.64 -53.98
N LEU B 59 -6.49 -42.19 -55.02
CA LEU B 59 -7.08 -43.24 -55.82
C LEU B 59 -6.35 -44.57 -55.67
N SER B 60 -5.04 -44.61 -55.92
CA SER B 60 -4.34 -45.89 -55.92
C SER B 60 -2.89 -45.73 -55.51
N ASN B 61 -2.31 -46.85 -55.06
CA ASN B 61 -0.90 -46.94 -54.70
C ASN B 61 -0.28 -48.11 -55.43
N LEU B 62 0.88 -47.88 -56.04
CA LEU B 62 1.57 -48.87 -56.88
C LEU B 62 2.95 -49.07 -56.25
N ALA B 63 3.13 -50.19 -55.54
CA ALA B 63 4.32 -50.40 -54.73
C ALA B 63 5.27 -51.43 -55.31
N ARG B 64 5.10 -51.81 -56.58
CA ARG B 64 5.96 -52.85 -57.16
C ARG B 64 7.42 -52.41 -57.24
N HIS B 65 7.69 -51.12 -57.29
CA HIS B 65 9.06 -50.64 -57.31
C HIS B 65 9.75 -50.94 -55.99
N THR B 66 11.01 -51.37 -56.08
CA THR B 66 11.77 -51.76 -54.90
C THR B 66 12.56 -50.62 -54.27
N LYS B 67 12.95 -49.61 -55.06
CA LYS B 67 13.74 -48.49 -54.59
C LYS B 67 13.00 -47.19 -54.91
N ALA B 68 13.69 -46.07 -54.70
CA ALA B 68 13.10 -44.77 -54.96
C ALA B 68 12.70 -44.62 -56.42
N VAL B 69 11.50 -44.07 -56.64
CA VAL B 69 10.97 -43.85 -57.97
C VAL B 69 11.25 -42.39 -58.34
N ASN B 70 11.97 -42.18 -59.44
CA ASN B 70 12.46 -40.85 -59.78
C ASN B 70 11.64 -40.14 -60.83
N VAL B 71 11.01 -40.88 -61.75
CA VAL B 71 10.28 -40.27 -62.86
C VAL B 71 8.97 -41.01 -63.07
N VAL B 72 7.91 -40.26 -63.33
CA VAL B 72 6.61 -40.81 -63.70
C VAL B 72 6.07 -40.01 -64.88
N ARG B 73 5.68 -40.70 -65.94
CA ARG B 73 5.20 -40.06 -67.15
C ARG B 73 4.02 -40.83 -67.73
N PHE B 74 2.98 -40.11 -68.13
CA PHE B 74 1.84 -40.70 -68.80
C PHE B 74 2.05 -40.68 -70.30
N SER B 75 1.55 -41.73 -70.97
CA SER B 75 1.58 -41.76 -72.41
C SER B 75 0.67 -40.66 -72.97
N PRO B 76 0.89 -40.23 -74.21
CA PRO B 76 0.07 -39.14 -74.76
C PRO B 76 -1.42 -39.43 -74.71
N THR B 77 -1.82 -40.70 -74.88
CA THR B 77 -3.23 -41.07 -74.73
C THR B 77 -3.64 -41.25 -73.28
N GLY B 78 -2.70 -41.18 -72.34
CA GLY B 78 -3.03 -41.35 -70.93
C GLY B 78 -3.34 -42.76 -70.50
N GLU B 79 -3.08 -43.75 -71.35
CA GLU B 79 -3.46 -45.13 -71.06
C GLU B 79 -2.34 -45.93 -70.40
N ILE B 80 -1.08 -45.58 -70.65
CA ILE B 80 0.07 -46.30 -70.12
C ILE B 80 0.85 -45.35 -69.22
N LEU B 81 1.16 -45.81 -68.01
CA LEU B 81 1.90 -45.01 -67.04
C LEU B 81 3.31 -45.57 -66.93
N ALA B 82 4.30 -44.78 -67.34
CA ALA B 82 5.70 -45.20 -67.25
C ALA B 82 6.29 -44.71 -65.94
N SER B 83 6.95 -45.62 -65.21
CA SER B 83 7.57 -45.27 -63.93
C SER B 83 8.97 -45.86 -63.89
N GLY B 84 9.95 -45.00 -63.66
CA GLY B 84 11.34 -45.42 -63.55
C GLY B 84 11.91 -45.04 -62.20
N GLY B 85 12.91 -45.78 -61.77
CA GLY B 85 13.48 -45.55 -60.46
C GLY B 85 14.89 -46.05 -60.34
N ASP B 86 15.32 -46.21 -59.09
CA ASP B 86 16.69 -46.61 -58.79
C ASP B 86 16.96 -48.08 -59.08
N ASP B 87 15.94 -48.86 -59.40
CA ASP B 87 16.10 -50.28 -59.70
C ASP B 87 16.39 -50.55 -61.17
N ALA B 88 16.60 -49.49 -61.97
CA ALA B 88 17.05 -49.56 -63.36
C ALA B 88 16.03 -50.21 -64.29
N VAL B 89 14.81 -50.46 -63.83
CA VAL B 89 13.76 -51.06 -64.63
C VAL B 89 12.59 -50.09 -64.70
N ILE B 90 12.01 -49.97 -65.89
CA ILE B 90 10.87 -49.08 -66.12
C ILE B 90 9.61 -49.93 -66.18
N LEU B 91 8.64 -49.61 -65.33
CA LEU B 91 7.37 -50.33 -65.32
C LEU B 91 6.32 -49.56 -66.11
N LEU B 92 5.58 -50.28 -66.95
CA LEU B 92 4.47 -49.72 -67.72
C LEU B 92 3.17 -50.24 -67.10
N TRP B 93 2.40 -49.34 -66.49
CA TRP B 93 1.18 -49.68 -65.79
C TRP B 93 -0.05 -49.37 -66.63
N LYS B 94 -1.08 -50.19 -66.45
CA LYS B 94 -2.37 -50.01 -67.11
C LYS B 94 -3.48 -50.32 -66.11
N VAL B 95 -4.64 -49.75 -66.35
CA VAL B 95 -5.81 -50.00 -65.50
C VAL B 95 -6.38 -51.37 -65.84
N ASN B 96 -6.51 -52.23 -64.83
CA ASN B 96 -7.05 -53.57 -65.00
C ASN B 96 -8.43 -53.63 -64.35
N ASP B 97 -9.42 -54.06 -65.12
CA ASP B 97 -10.79 -54.16 -64.64
C ASP B 97 -11.21 -55.61 -64.44
N ALA B 112 -4.27 -55.55 -51.72
CA ALA B 112 -4.48 -54.22 -52.27
C ALA B 112 -5.78 -53.62 -51.75
N GLN B 113 -5.82 -53.32 -50.45
CA GLN B 113 -7.02 -52.79 -49.82
C GLN B 113 -7.14 -51.29 -50.02
N LEU B 114 -6.01 -50.56 -49.97
CA LEU B 114 -6.06 -49.11 -49.96
C LEU B 114 -6.54 -48.51 -51.27
N ASN B 115 -6.48 -49.27 -52.37
CA ASN B 115 -6.75 -48.71 -53.69
C ASN B 115 -8.24 -48.61 -53.95
N LYS B 116 -8.67 -47.43 -54.43
CA LYS B 116 -10.01 -47.29 -54.99
C LYS B 116 -10.08 -47.88 -56.40
N GLU B 117 -8.99 -47.77 -57.16
CA GLU B 117 -8.87 -48.41 -58.46
C GLU B 117 -7.51 -49.10 -58.52
N ASN B 118 -7.40 -50.11 -59.39
CA ASN B 118 -6.22 -50.95 -59.44
C ASN B 118 -5.45 -50.75 -60.74
N TRP B 119 -4.12 -50.83 -60.63
CA TRP B 119 -3.22 -50.75 -61.77
C TRP B 119 -2.26 -51.94 -61.72
N THR B 120 -1.93 -52.48 -62.88
CA THR B 120 -1.02 -53.61 -62.97
C THR B 120 0.03 -53.35 -64.05
N VAL B 121 1.20 -53.95 -63.87
CA VAL B 121 2.31 -53.77 -64.80
C VAL B 121 2.04 -54.59 -66.06
N VAL B 122 2.22 -53.95 -67.22
CA VAL B 122 2.10 -54.61 -68.50
C VAL B 122 3.47 -55.03 -69.03
N LYS B 123 4.41 -54.10 -69.08
CA LYS B 123 5.77 -54.39 -69.52
C LYS B 123 6.76 -53.92 -68.46
N THR B 124 7.86 -54.66 -68.36
CA THR B 124 9.00 -54.31 -67.50
C THR B 124 10.19 -54.08 -68.43
N LEU B 125 10.38 -52.83 -68.82
CA LEU B 125 11.48 -52.46 -69.70
C LEU B 125 12.79 -52.56 -68.93
N ARG B 126 13.67 -53.45 -69.39
CA ARG B 126 14.95 -53.70 -68.76
C ARG B 126 16.08 -53.45 -69.75
N GLY B 127 17.23 -53.07 -69.22
CA GLY B 127 18.38 -52.77 -70.05
C GLY B 127 19.23 -51.64 -69.51
N HIS B 128 18.74 -50.96 -68.48
CA HIS B 128 19.51 -49.94 -67.79
C HIS B 128 20.32 -50.56 -66.66
N LEU B 129 21.44 -49.93 -66.35
CA LEU B 129 22.35 -50.42 -65.32
C LEU B 129 22.29 -49.62 -64.03
N GLU B 130 21.68 -48.43 -64.03
CA GLU B 130 21.60 -47.59 -62.85
C GLU B 130 20.25 -46.88 -62.83
N ASP B 131 20.14 -45.87 -61.98
CA ASP B 131 18.86 -45.22 -61.75
C ASP B 131 18.34 -44.54 -63.01
N VAL B 132 17.03 -44.61 -63.23
CA VAL B 132 16.37 -43.94 -64.35
C VAL B 132 15.82 -42.61 -63.85
N TYR B 133 16.21 -41.52 -64.51
CA TYR B 133 15.88 -40.18 -64.03
C TYR B 133 14.79 -39.47 -64.84
N ASP B 134 14.66 -39.76 -66.13
CA ASP B 134 13.68 -39.06 -66.95
C ASP B 134 13.18 -39.98 -68.06
N ILE B 135 11.92 -39.78 -68.43
CA ILE B 135 11.26 -40.57 -69.47
C ILE B 135 10.48 -39.62 -70.37
N CYS B 136 10.55 -39.84 -71.67
CA CYS B 136 9.77 -39.06 -72.64
C CYS B 136 9.12 -39.99 -73.65
N TRP B 137 7.83 -39.81 -73.87
CA TRP B 137 7.09 -40.56 -74.88
C TRP B 137 7.17 -39.88 -76.24
N ALA B 138 6.90 -40.66 -77.28
CA ALA B 138 6.75 -40.12 -78.62
C ALA B 138 5.28 -39.79 -78.88
N THR B 139 5.04 -39.00 -79.93
CA THR B 139 3.68 -38.57 -80.23
C THR B 139 2.78 -39.75 -80.56
N ASP B 140 3.29 -40.71 -81.34
CA ASP B 140 2.48 -41.87 -81.70
C ASP B 140 2.21 -42.79 -80.52
N GLY B 141 3.01 -42.71 -79.46
CA GLY B 141 2.85 -43.57 -78.31
C GLY B 141 3.45 -44.95 -78.44
N ASN B 142 4.11 -45.26 -79.56
CA ASN B 142 4.71 -46.56 -79.77
C ASN B 142 6.21 -46.58 -79.52
N LEU B 143 6.82 -45.42 -79.27
CA LEU B 143 8.25 -45.33 -78.98
C LEU B 143 8.45 -44.52 -77.70
N MET B 144 9.39 -44.95 -76.88
CA MET B 144 9.68 -44.28 -75.62
C MET B 144 11.18 -44.02 -75.53
N ALA B 145 11.55 -43.03 -74.71
CA ALA B 145 12.96 -42.73 -74.49
C ALA B 145 13.18 -42.46 -73.01
N SER B 146 14.29 -42.97 -72.48
CA SER B 146 14.60 -42.79 -71.06
C SER B 146 16.08 -42.47 -70.88
N ALA B 147 16.35 -41.65 -69.86
CA ALA B 147 17.70 -41.28 -69.47
C ALA B 147 18.02 -41.88 -68.11
N SER B 148 19.26 -42.32 -67.93
CA SER B 148 19.64 -43.01 -66.71
C SER B 148 21.02 -42.54 -66.25
N VAL B 149 21.35 -42.92 -65.01
CA VAL B 149 22.64 -42.61 -64.41
C VAL B 149 23.78 -43.29 -65.16
N ASP B 150 23.50 -44.39 -65.86
CA ASP B 150 24.53 -45.23 -66.47
C ASP B 150 25.14 -44.64 -67.73
N ASN B 151 24.98 -43.34 -67.97
CA ASN B 151 25.55 -42.62 -69.11
C ASN B 151 24.92 -43.03 -70.44
N THR B 152 23.74 -43.65 -70.42
CA THR B 152 23.07 -44.09 -71.63
C THR B 152 21.64 -43.59 -71.66
N ALA B 153 21.17 -43.24 -72.85
CA ALA B 153 19.76 -42.95 -73.10
C ALA B 153 19.23 -44.04 -74.02
N ILE B 154 18.17 -44.71 -73.59
CA ILE B 154 17.67 -45.90 -74.28
C ILE B 154 16.30 -45.60 -74.87
N ILE B 155 16.13 -45.98 -76.14
CA ILE B 155 14.85 -45.92 -76.83
C ILE B 155 14.21 -47.30 -76.77
N TRP B 156 12.89 -47.32 -76.61
CA TRP B 156 12.15 -48.55 -76.38
C TRP B 156 10.98 -48.66 -77.34
N ASP B 157 10.78 -49.86 -77.87
CA ASP B 157 9.55 -50.23 -78.57
C ASP B 157 8.49 -50.54 -77.52
N VAL B 158 7.52 -49.64 -77.36
CA VAL B 158 6.51 -49.82 -76.32
C VAL B 158 5.67 -51.06 -76.59
N SER B 159 5.24 -51.24 -77.85
CA SER B 159 4.44 -52.41 -78.19
C SER B 159 5.24 -53.69 -78.04
N LYS B 160 6.49 -53.70 -78.48
CA LYS B 160 7.32 -54.89 -78.34
C LYS B 160 7.81 -55.07 -76.90
N GLY B 161 7.93 -53.98 -76.16
CA GLY B 161 8.45 -54.06 -74.81
C GLY B 161 9.92 -54.38 -74.74
N GLN B 162 10.70 -53.99 -75.74
CA GLN B 162 12.11 -54.33 -75.82
C GLN B 162 12.92 -53.11 -76.21
N LYS B 163 14.20 -53.15 -75.84
CA LYS B 163 15.14 -52.10 -76.20
C LYS B 163 15.41 -52.10 -77.70
N ILE B 164 15.51 -50.91 -78.28
CA ILE B 164 15.71 -50.79 -79.72
C ILE B 164 17.00 -50.02 -80.03
N SER B 165 17.43 -49.16 -79.12
CA SER B 165 18.60 -48.33 -79.39
C SER B 165 19.17 -47.79 -78.09
N ILE B 166 20.50 -47.69 -78.03
CA ILE B 166 21.22 -47.17 -76.87
C ILE B 166 22.15 -46.06 -77.33
N PHE B 167 22.09 -44.91 -76.65
CA PHE B 167 22.99 -43.79 -76.86
C PHE B 167 23.93 -43.73 -75.67
N ASN B 168 25.19 -44.13 -75.87
CA ASN B 168 26.20 -44.14 -74.83
C ASN B 168 27.24 -43.05 -75.03
N GLU B 169 26.93 -42.03 -75.82
CA GLU B 169 27.87 -40.94 -76.07
C GLU B 169 28.07 -40.03 -74.86
N HIS B 170 27.25 -40.18 -73.82
CA HIS B 170 27.38 -39.36 -72.63
C HIS B 170 28.62 -39.75 -71.83
N LYS B 171 29.12 -38.79 -71.05
CA LYS B 171 30.28 -39.00 -70.21
C LYS B 171 29.96 -38.90 -68.73
N SER B 172 28.69 -38.71 -68.38
CA SER B 172 28.25 -38.63 -66.99
C SER B 172 26.77 -39.02 -66.95
N TYR B 173 26.10 -38.72 -65.84
CA TYR B 173 24.68 -39.04 -65.70
C TYR B 173 23.86 -38.29 -66.74
N VAL B 174 22.84 -38.95 -67.26
CA VAL B 174 21.89 -38.35 -68.20
C VAL B 174 20.64 -38.00 -67.40
N GLN B 175 20.34 -36.71 -67.29
CA GLN B 175 19.33 -36.22 -66.37
C GLN B 175 18.16 -35.54 -67.08
N GLY B 176 17.90 -35.93 -68.33
CA GLY B 176 16.75 -35.40 -69.05
C GLY B 176 16.70 -35.79 -70.50
N VAL B 177 15.54 -36.19 -70.97
CA VAL B 177 15.32 -36.57 -72.37
C VAL B 177 13.99 -36.01 -72.83
N THR B 178 13.98 -35.42 -74.02
CA THR B 178 12.75 -34.97 -74.66
C THR B 178 12.67 -35.52 -76.08
N TRP B 179 11.45 -35.75 -76.53
CA TRP B 179 11.16 -36.33 -77.84
C TRP B 179 10.48 -35.29 -78.71
N ASP B 180 10.92 -35.20 -79.96
CA ASP B 180 10.39 -34.18 -80.87
C ASP B 180 8.94 -34.50 -81.22
N PRO B 181 8.01 -33.56 -81.03
CA PRO B 181 6.63 -33.82 -81.46
C PRO B 181 6.49 -34.00 -82.96
N LEU B 182 7.47 -33.54 -83.75
CA LEU B 182 7.49 -33.77 -85.19
C LEU B 182 8.23 -35.05 -85.57
N GLY B 183 8.73 -35.81 -84.59
CA GLY B 183 9.37 -37.08 -84.84
C GLY B 183 10.66 -37.01 -85.64
N GLN B 184 11.56 -36.10 -85.29
CA GLN B 184 12.81 -35.96 -86.03
C GLN B 184 14.03 -36.05 -85.12
N TYR B 185 13.92 -35.55 -83.89
CA TYR B 185 15.07 -35.45 -82.99
C TYR B 185 14.70 -35.96 -81.61
N VAL B 186 15.74 -36.35 -80.87
CA VAL B 186 15.64 -36.66 -79.44
C VAL B 186 16.76 -35.92 -78.72
N ALA B 187 16.40 -35.13 -77.71
CA ALA B 187 17.35 -34.26 -77.03
C ALA B 187 17.64 -34.80 -75.63
N THR B 188 18.91 -34.84 -75.27
CA THR B 188 19.36 -35.31 -73.97
C THR B 188 20.26 -34.24 -73.33
N LEU B 189 20.01 -33.96 -72.06
CA LEU B 189 20.84 -33.07 -71.26
C LEU B 189 21.55 -33.92 -70.21
N SER B 190 22.87 -33.87 -70.22
CA SER B 190 23.69 -34.68 -69.33
C SER B 190 24.42 -33.80 -68.32
N CYS B 191 25.05 -34.46 -67.36
CA CYS B 191 25.78 -33.78 -66.29
C CYS B 191 27.16 -33.29 -66.73
N ASP B 192 27.60 -33.66 -67.94
CA ASP B 192 28.88 -33.20 -68.46
C ASP B 192 28.79 -31.83 -69.12
N ARG B 193 27.74 -31.05 -68.79
CA ARG B 193 27.54 -29.71 -69.33
C ARG B 193 27.46 -29.73 -70.86
N VAL B 194 26.86 -30.80 -71.40
CA VAL B 194 26.75 -31.00 -72.84
C VAL B 194 25.30 -31.34 -73.18
N LEU B 195 24.75 -30.63 -74.15
CA LEU B 195 23.44 -30.94 -74.72
C LEU B 195 23.63 -31.71 -76.02
N ARG B 196 22.92 -32.82 -76.16
CA ARG B 196 23.05 -33.66 -77.34
C ARG B 196 21.69 -33.80 -78.03
N VAL B 197 21.70 -33.71 -79.35
CA VAL B 197 20.50 -33.88 -80.16
C VAL B 197 20.77 -34.99 -81.16
N TYR B 198 20.02 -36.09 -81.04
CA TYR B 198 20.18 -37.26 -81.88
C TYR B 198 19.12 -37.29 -82.96
N SER B 199 19.54 -37.60 -84.19
CA SER B 199 18.59 -37.80 -85.27
C SER B 199 17.82 -39.11 -85.04
N ILE B 200 16.49 -39.03 -85.13
CA ILE B 200 15.66 -40.20 -84.87
C ILE B 200 15.82 -41.26 -85.94
N GLN B 201 16.23 -40.87 -87.16
CA GLN B 201 16.39 -41.80 -88.26
C GLN B 201 17.80 -42.35 -88.34
N LYS B 202 18.80 -41.48 -88.29
CA LYS B 202 20.19 -41.92 -88.37
C LYS B 202 20.63 -42.66 -87.11
N LYS B 203 19.97 -42.43 -85.98
CA LYS B 203 20.32 -43.04 -84.71
C LYS B 203 21.76 -42.70 -84.29
N ARG B 204 22.22 -41.50 -84.65
CA ARG B 204 23.52 -40.99 -84.24
C ARG B 204 23.34 -39.60 -83.66
N VAL B 205 24.45 -38.99 -83.26
CA VAL B 205 24.43 -37.64 -82.71
C VAL B 205 24.38 -36.65 -83.86
N ALA B 206 23.35 -35.80 -83.87
CA ALA B 206 23.20 -34.80 -84.91
C ALA B 206 23.80 -33.45 -84.49
N PHE B 207 23.51 -33.02 -83.28
CA PHE B 207 23.99 -31.72 -82.79
C PHE B 207 24.61 -31.89 -81.41
N ASN B 208 25.70 -31.16 -81.18
CA ASN B 208 26.39 -31.14 -79.89
C ASN B 208 26.55 -29.69 -79.48
N VAL B 209 26.01 -29.34 -78.31
CA VAL B 209 25.95 -27.95 -77.85
C VAL B 209 26.42 -27.92 -76.41
N SER B 210 27.69 -27.55 -76.21
CA SER B 210 28.24 -27.38 -74.86
C SER B 210 28.76 -25.97 -74.62
N LYS B 211 29.57 -25.45 -75.53
CA LYS B 211 30.22 -24.16 -75.36
C LYS B 211 29.38 -23.04 -75.96
N MET B 212 29.66 -21.82 -75.52
CA MET B 212 29.01 -20.62 -76.03
C MET B 212 30.01 -19.50 -76.07
N LEU B 213 30.14 -18.85 -77.23
CA LEU B 213 31.00 -17.68 -77.34
C LEU B 213 30.39 -16.52 -76.58
N SER B 214 31.24 -15.81 -75.84
CA SER B 214 30.77 -14.71 -75.00
C SER B 214 31.02 -13.37 -75.68
N GLY B 215 30.21 -13.10 -76.72
CA GLY B 215 30.31 -11.84 -77.41
C GLY B 215 31.72 -11.61 -77.94
N ILE B 216 32.27 -10.45 -77.62
CA ILE B 216 33.66 -10.13 -77.95
C ILE B 216 34.41 -10.00 -76.62
N GLY B 217 35.49 -10.76 -76.48
CA GLY B 217 36.29 -10.68 -75.28
C GLY B 217 37.04 -9.38 -75.17
N ALA B 218 37.43 -9.06 -73.93
CA ALA B 218 38.21 -7.85 -73.68
C ALA B 218 39.55 -7.94 -74.38
N GLU B 219 39.95 -6.83 -75.01
CA GLU B 219 41.22 -6.74 -75.75
C GLU B 219 41.27 -7.72 -76.91
N GLY B 220 40.11 -8.04 -77.49
CA GLY B 220 40.05 -8.89 -78.66
C GLY B 220 40.10 -10.38 -78.42
N GLU B 221 39.96 -10.83 -77.17
CA GLU B 221 40.05 -12.24 -76.87
C GLU B 221 38.81 -13.00 -77.38
N ALA B 222 38.99 -14.29 -77.60
CA ALA B 222 37.91 -15.18 -78.02
C ALA B 222 37.33 -15.84 -76.78
N ARG B 223 36.36 -15.16 -76.16
CA ARG B 223 35.79 -15.62 -74.90
C ARG B 223 34.72 -16.68 -75.15
N SER B 224 34.94 -17.89 -74.63
CA SER B 224 33.99 -18.98 -74.73
C SER B 224 33.83 -19.62 -73.36
N TYR B 225 32.59 -19.83 -72.94
CA TYR B 225 32.30 -20.45 -71.65
C TYR B 225 31.31 -21.59 -71.82
N ARG B 226 31.32 -22.52 -70.86
CA ARG B 226 30.42 -23.65 -70.91
C ARG B 226 29.00 -23.20 -70.59
N MET B 227 28.04 -23.66 -71.41
CA MET B 227 26.67 -23.19 -71.28
C MET B 227 26.03 -23.64 -69.97
N PHE B 228 26.23 -24.91 -69.59
CA PHE B 228 25.41 -25.55 -68.58
C PHE B 228 26.16 -25.67 -67.26
N HIS B 229 25.41 -26.01 -66.22
CA HIS B 229 25.90 -26.03 -64.85
C HIS B 229 26.74 -27.28 -64.58
N ASP B 230 27.57 -27.18 -63.55
CA ASP B 230 28.43 -28.26 -63.10
C ASP B 230 27.70 -29.08 -62.03
N ASP B 231 28.44 -29.92 -61.30
CA ASP B 231 27.84 -30.79 -60.29
C ASP B 231 27.23 -30.03 -59.12
N SER B 232 27.50 -28.73 -58.99
CA SER B 232 26.91 -27.95 -57.91
C SER B 232 25.40 -27.92 -57.97
N MET B 233 24.81 -28.25 -59.12
CA MET B 233 23.36 -28.40 -59.24
C MET B 233 22.80 -29.27 -58.13
N LYS B 234 21.90 -28.70 -57.33
CA LYS B 234 21.29 -29.43 -56.24
C LYS B 234 20.21 -30.39 -56.69
N SER B 235 19.81 -30.33 -57.96
CA SER B 235 18.74 -31.19 -58.48
C SER B 235 19.32 -32.35 -59.27
N PHE B 236 18.73 -33.53 -59.07
CA PHE B 236 19.11 -34.69 -59.87
C PHE B 236 18.79 -34.50 -61.34
N PHE B 237 17.88 -33.57 -61.66
CA PHE B 237 17.27 -33.51 -62.98
C PHE B 237 17.67 -32.24 -63.72
N ARG B 238 17.77 -32.36 -65.04
CA ARG B 238 17.95 -31.26 -65.98
C ARG B 238 16.89 -31.34 -67.06
N ARG B 239 15.63 -31.44 -66.63
CA ARG B 239 14.52 -31.80 -67.52
C ARG B 239 14.20 -30.69 -68.52
N LEU B 240 14.79 -30.78 -69.71
CA LEU B 240 14.43 -29.89 -70.81
C LEU B 240 13.18 -30.40 -71.52
N SER B 241 12.63 -29.56 -72.39
CA SER B 241 11.39 -29.95 -73.06
C SER B 241 11.28 -29.27 -74.41
N PHE B 242 10.64 -29.97 -75.34
CA PHE B 242 10.26 -29.36 -76.61
C PHE B 242 8.96 -28.59 -76.47
N THR B 243 8.73 -27.70 -77.41
CA THR B 243 7.45 -27.02 -77.54
C THR B 243 6.44 -27.98 -78.17
N PRO B 244 5.18 -27.95 -77.74
CA PRO B 244 4.19 -28.90 -78.29
C PRO B 244 4.07 -28.87 -79.81
N ASP B 245 4.24 -27.71 -80.44
CA ASP B 245 4.32 -27.67 -81.90
C ASP B 245 5.67 -28.15 -82.42
N GLY B 246 6.71 -28.13 -81.59
CA GLY B 246 8.03 -28.56 -81.98
C GLY B 246 8.98 -27.45 -82.35
N SER B 247 8.50 -26.21 -82.43
CA SER B 247 9.31 -25.12 -82.98
C SER B 247 10.51 -24.81 -82.10
N LEU B 248 10.34 -24.82 -80.79
CA LEU B 248 11.38 -24.39 -79.86
C LEU B 248 11.77 -25.52 -78.92
N LEU B 249 12.99 -25.43 -78.40
CA LEU B 249 13.51 -26.36 -77.41
C LEU B 249 14.01 -25.56 -76.22
N LEU B 250 13.48 -25.86 -75.03
CA LEU B 250 13.82 -25.12 -73.82
C LEU B 250 14.67 -25.99 -72.93
N THR B 251 15.88 -25.53 -72.62
CA THR B 251 16.85 -26.30 -71.86
C THR B 251 17.20 -25.53 -70.58
N PRO B 252 16.88 -26.07 -69.40
CA PRO B 252 17.25 -25.38 -68.15
C PRO B 252 18.69 -25.63 -67.75
N ALA B 253 19.07 -25.14 -66.57
CA ALA B 253 20.42 -25.30 -66.02
C ALA B 253 21.48 -24.74 -66.97
N GLY B 254 21.29 -23.48 -67.35
CA GLY B 254 22.26 -22.81 -68.19
C GLY B 254 22.93 -21.65 -67.48
N CYS B 255 24.12 -21.27 -67.92
CA CYS B 255 24.89 -20.20 -67.30
C CYS B 255 25.22 -19.13 -68.32
N VAL B 256 25.03 -17.86 -67.93
CA VAL B 256 25.34 -16.72 -68.77
C VAL B 256 26.31 -15.83 -68.02
N GLU B 257 27.42 -15.47 -68.66
CA GLU B 257 28.42 -14.59 -68.06
C GLU B 257 28.18 -13.19 -68.60
N SER B 258 27.36 -12.42 -67.88
CA SER B 258 27.04 -11.06 -68.30
C SER B 258 28.26 -10.16 -68.16
N GLY B 259 28.81 -10.07 -66.94
CA GLY B 259 30.06 -9.36 -66.72
C GLY B 259 31.14 -10.30 -66.25
N GLU B 260 31.59 -10.13 -65.00
CA GLU B 260 32.51 -11.06 -64.37
C GLU B 260 31.79 -12.08 -63.51
N ASN B 261 30.46 -12.03 -63.46
CA ASN B 261 29.65 -12.94 -62.67
C ASN B 261 28.82 -13.84 -63.60
N VAL B 262 28.39 -14.97 -63.06
CA VAL B 262 27.58 -15.94 -63.78
C VAL B 262 26.16 -15.88 -63.27
N MET B 263 25.20 -16.07 -64.17
CA MET B 263 23.78 -16.01 -63.84
C MET B 263 23.08 -17.24 -64.41
N ASN B 264 22.20 -17.82 -63.60
CA ASN B 264 21.41 -18.97 -64.04
C ASN B 264 20.36 -18.54 -65.04
N THR B 265 20.10 -19.39 -66.02
CA THR B 265 19.21 -19.05 -67.12
C THR B 265 18.70 -20.34 -67.77
N THR B 266 17.65 -20.19 -68.58
CA THR B 266 17.11 -21.26 -69.40
C THR B 266 17.25 -20.87 -70.86
N TYR B 267 17.95 -21.71 -71.63
CA TYR B 267 18.23 -21.41 -73.03
C TYR B 267 17.08 -21.83 -73.93
N VAL B 268 16.86 -21.06 -75.00
CA VAL B 268 15.80 -21.31 -75.96
C VAL B 268 16.42 -21.49 -77.34
N PHE B 269 16.27 -22.69 -77.90
CA PHE B 269 16.79 -23.01 -79.23
C PHE B 269 15.64 -23.12 -80.22
N SER B 270 15.95 -22.89 -81.50
CA SER B 270 15.00 -23.02 -82.58
C SER B 270 15.33 -24.25 -83.43
N ARG B 271 14.33 -24.69 -84.20
CA ARG B 271 14.53 -25.79 -85.13
C ARG B 271 15.48 -25.40 -86.26
N LYS B 272 15.51 -24.11 -86.63
CA LYS B 272 16.29 -23.68 -87.78
C LYS B 272 17.78 -24.00 -87.58
N ASN B 273 18.34 -23.58 -86.45
CA ASN B 273 19.67 -24.00 -86.05
C ASN B 273 19.62 -24.40 -84.58
N LEU B 274 20.13 -25.59 -84.28
CA LEU B 274 20.10 -26.12 -82.92
C LEU B 274 21.43 -25.94 -82.20
N LYS B 275 22.46 -25.41 -82.87
CA LYS B 275 23.77 -25.24 -82.26
C LYS B 275 23.95 -23.87 -81.60
N ARG B 276 22.95 -23.00 -81.67
CA ARG B 276 23.02 -21.72 -80.98
C ARG B 276 21.61 -21.31 -80.56
N PRO B 277 21.40 -20.94 -79.30
CA PRO B 277 20.06 -20.55 -78.86
C PRO B 277 19.67 -19.18 -79.40
N ILE B 278 18.36 -19.01 -79.59
CA ILE B 278 17.83 -17.68 -79.93
C ILE B 278 18.08 -16.71 -78.78
N ALA B 279 17.79 -17.15 -77.56
CA ALA B 279 17.76 -16.26 -76.41
C ALA B 279 17.90 -17.09 -75.15
N HIS B 280 17.97 -16.40 -74.02
CA HIS B 280 17.95 -17.04 -72.72
C HIS B 280 17.04 -16.28 -71.79
N LEU B 281 16.22 -17.03 -71.05
CA LEU B 281 15.39 -16.46 -70.00
C LEU B 281 16.20 -16.46 -68.72
N PRO B 282 16.64 -15.31 -68.22
CA PRO B 282 17.46 -15.30 -67.00
C PRO B 282 16.62 -15.53 -65.76
N CYS B 283 17.19 -16.30 -64.83
CA CYS B 283 16.57 -16.58 -63.54
C CYS B 283 17.59 -16.27 -62.45
N PRO B 284 17.64 -15.04 -61.97
CA PRO B 284 18.57 -14.71 -60.89
C PRO B 284 18.22 -15.49 -59.62
N GLY B 285 19.26 -15.91 -58.90
CA GLY B 285 19.06 -16.69 -57.70
C GLY B 285 19.52 -18.14 -57.86
N LYS B 286 18.57 -19.06 -57.88
CA LYS B 286 18.88 -20.48 -58.01
C LYS B 286 18.85 -20.91 -59.48
N ALA B 287 19.29 -22.14 -59.72
CA ALA B 287 19.39 -22.68 -61.07
C ALA B 287 18.09 -23.35 -61.48
N THR B 288 17.72 -23.17 -62.75
CA THR B 288 16.52 -23.78 -63.29
C THR B 288 16.75 -25.25 -63.61
N LEU B 289 15.77 -26.09 -63.27
CA LEU B 289 15.92 -27.53 -63.41
C LEU B 289 14.84 -28.21 -64.25
N ALA B 290 13.66 -27.61 -64.39
CA ALA B 290 12.59 -28.26 -65.15
C ALA B 290 11.90 -27.25 -66.06
N VAL B 291 11.42 -27.74 -67.20
CA VAL B 291 10.62 -26.94 -68.12
C VAL B 291 9.44 -27.79 -68.59
N ARG B 292 8.23 -27.25 -68.49
CA ARG B 292 7.05 -27.98 -68.93
C ARG B 292 6.08 -27.04 -69.63
N CYS B 293 5.56 -27.47 -70.77
CA CYS B 293 4.72 -26.62 -71.61
C CYS B 293 3.25 -26.98 -71.45
N CYS B 294 2.39 -25.96 -71.55
CA CYS B 294 0.95 -26.18 -71.54
C CYS B 294 0.50 -26.75 -72.88
N PRO B 295 -0.32 -27.80 -72.89
CA PRO B 295 -0.75 -28.42 -74.14
C PRO B 295 -1.86 -27.69 -74.88
N VAL B 296 -2.18 -26.45 -74.50
CA VAL B 296 -3.27 -25.70 -75.10
C VAL B 296 -2.69 -24.57 -75.94
N TYR B 297 -3.10 -24.50 -77.20
CA TYR B 297 -2.71 -23.40 -78.08
C TYR B 297 -3.63 -22.22 -77.84
N PHE B 298 -3.05 -21.04 -77.59
CA PHE B 298 -3.83 -19.87 -77.23
C PHE B 298 -3.77 -18.83 -78.34
N GLU B 299 -4.88 -18.11 -78.51
CA GLU B 299 -4.92 -16.99 -79.43
C GLU B 299 -4.00 -15.88 -78.93
N LEU B 300 -3.40 -15.16 -79.88
CA LEU B 300 -2.47 -14.10 -79.53
C LEU B 300 -3.17 -12.97 -78.79
N ARG B 301 -2.49 -12.42 -77.78
CA ARG B 301 -3.00 -11.27 -77.05
C ARG B 301 -3.14 -10.09 -78.02
N PRO B 302 -3.88 -9.03 -77.64
CA PRO B 302 -3.81 -7.79 -78.41
C PRO B 302 -2.37 -7.30 -78.47
N VAL B 303 -1.79 -7.36 -79.66
CA VAL B 303 -0.34 -7.25 -79.81
C VAL B 303 0.07 -5.78 -79.82
N VAL B 304 0.92 -5.39 -78.89
CA VAL B 304 1.68 -4.15 -79.02
C VAL B 304 2.91 -4.47 -79.86
N GLU B 305 2.92 -3.96 -81.09
CA GLU B 305 3.84 -4.44 -82.11
C GLU B 305 5.30 -4.21 -81.78
N THR B 306 6.02 -5.30 -81.50
CA THR B 306 7.45 -5.27 -81.23
C THR B 306 8.03 -6.62 -81.63
N GLY B 307 9.34 -6.64 -81.87
CA GLY B 307 10.04 -7.87 -82.19
C GLY B 307 10.36 -8.68 -80.96
N VAL B 308 9.42 -8.70 -80.01
CA VAL B 308 9.66 -9.32 -78.71
C VAL B 308 9.42 -10.83 -78.74
N GLU B 309 8.51 -11.29 -79.61
CA GLU B 309 8.09 -12.69 -79.60
C GLU B 309 9.27 -13.62 -79.84
N LEU B 310 9.30 -14.73 -79.09
CA LEU B 310 10.32 -15.75 -79.30
C LEU B 310 10.18 -16.38 -80.68
N MET B 311 8.95 -16.68 -81.10
CA MET B 311 8.67 -17.16 -82.44
C MET B 311 7.38 -16.52 -82.92
N SER B 312 7.32 -16.27 -84.23
CA SER B 312 6.21 -15.55 -84.85
C SER B 312 5.29 -16.54 -85.57
N LEU B 313 4.22 -16.94 -84.89
CA LEU B 313 3.19 -17.81 -85.47
C LEU B 313 1.83 -17.29 -85.02
N PRO B 314 0.76 -17.66 -85.72
CA PRO B 314 -0.56 -17.12 -85.37
C PRO B 314 -1.03 -17.46 -83.96
N TYR B 315 -0.43 -18.45 -83.31
CA TYR B 315 -0.82 -18.85 -81.97
C TYR B 315 0.31 -18.56 -80.98
N ARG B 316 0.05 -18.90 -79.71
CA ARG B 316 1.06 -18.79 -78.67
C ARG B 316 0.89 -19.94 -77.70
N LEU B 317 1.95 -20.22 -76.94
CA LEU B 317 1.98 -21.33 -76.01
C LEU B 317 2.53 -20.87 -74.68
N VAL B 318 1.83 -21.22 -73.60
CA VAL B 318 2.25 -20.91 -72.24
C VAL B 318 3.08 -22.07 -71.71
N PHE B 319 4.17 -21.75 -71.01
CA PHE B 319 4.99 -22.79 -70.39
C PHE B 319 5.53 -22.29 -69.07
N ALA B 320 6.11 -23.21 -68.30
CA ALA B 320 6.61 -22.93 -66.96
C ALA B 320 8.03 -23.46 -66.83
N VAL B 321 8.88 -22.66 -66.18
CA VAL B 321 10.26 -23.05 -65.87
C VAL B 321 10.39 -23.08 -64.36
N ALA B 322 10.76 -24.23 -63.82
CA ALA B 322 10.89 -24.44 -62.39
C ALA B 322 12.37 -24.50 -62.03
N SER B 323 12.80 -23.59 -61.16
CA SER B 323 14.12 -23.59 -60.57
C SER B 323 14.07 -24.25 -59.20
N GLU B 324 15.15 -24.14 -58.43
CA GLU B 324 15.23 -24.82 -57.15
C GLU B 324 14.17 -24.32 -56.16
N ASP B 325 13.78 -23.04 -56.25
CA ASP B 325 12.85 -22.49 -55.28
C ASP B 325 11.78 -21.60 -55.91
N SER B 326 11.61 -21.61 -57.22
CA SER B 326 10.65 -20.72 -57.86
C SER B 326 10.12 -21.36 -59.14
N VAL B 327 8.99 -20.84 -59.59
CA VAL B 327 8.38 -21.22 -60.86
C VAL B 327 8.03 -19.94 -61.61
N LEU B 328 8.51 -19.85 -62.85
CA LEU B 328 8.25 -18.71 -63.73
C LEU B 328 7.31 -19.16 -64.83
N LEU B 329 6.29 -18.34 -65.10
CA LEU B 329 5.25 -18.66 -66.07
C LEU B 329 5.40 -17.71 -67.24
N TYR B 330 5.84 -18.25 -68.38
CA TYR B 330 6.06 -17.52 -69.62
C TYR B 330 5.00 -17.87 -70.65
N ASP B 331 4.93 -17.05 -71.69
CA ASP B 331 4.23 -17.43 -72.91
C ASP B 331 5.17 -17.22 -74.09
N THR B 332 4.65 -17.36 -75.32
CA THR B 332 5.52 -17.27 -76.49
C THR B 332 5.85 -15.83 -76.85
N GLN B 333 4.85 -14.95 -76.87
CA GLN B 333 5.01 -13.64 -77.48
C GLN B 333 5.61 -12.59 -76.55
N GLN B 334 5.50 -12.76 -75.23
CA GLN B 334 6.01 -11.75 -74.31
C GLN B 334 7.47 -12.03 -73.95
N SER B 335 8.19 -10.95 -73.65
CA SER B 335 9.58 -11.08 -73.22
C SER B 335 9.67 -11.46 -71.74
N PHE B 336 8.90 -10.78 -70.90
CA PHE B 336 8.92 -11.09 -69.48
C PHE B 336 7.89 -12.17 -69.15
N PRO B 337 8.15 -12.99 -68.14
CA PRO B 337 7.14 -13.97 -67.72
C PRO B 337 5.91 -13.27 -67.14
N PHE B 338 4.75 -13.82 -67.43
CA PHE B 338 3.51 -13.27 -66.89
C PHE B 338 3.22 -13.77 -65.48
N GLY B 339 3.93 -14.77 -64.99
CA GLY B 339 3.70 -15.28 -63.65
C GLY B 339 4.99 -15.59 -62.93
N TYR B 340 4.96 -15.46 -61.60
CA TYR B 340 6.09 -15.83 -60.78
C TYR B 340 5.59 -16.26 -59.41
N VAL B 341 5.97 -17.47 -58.99
CA VAL B 341 5.67 -17.97 -57.65
C VAL B 341 6.97 -18.48 -57.02
N SER B 342 7.15 -18.21 -55.74
CA SER B 342 8.36 -18.68 -55.08
C SER B 342 8.13 -18.78 -53.58
N ASN B 343 9.04 -19.48 -52.92
CA ASN B 343 9.05 -19.64 -51.46
C ASN B 343 7.76 -20.30 -50.97
N ILE B 344 7.37 -21.38 -51.64
CA ILE B 344 6.26 -22.22 -51.19
C ILE B 344 6.72 -23.58 -50.71
N HIS B 345 8.00 -23.92 -50.86
CA HIS B 345 8.52 -25.21 -50.44
C HIS B 345 9.90 -25.00 -49.80
N TYR B 346 10.17 -25.78 -48.75
CA TYR B 346 11.38 -25.62 -47.96
C TYR B 346 12.60 -26.31 -48.58
N HIS B 347 12.45 -26.99 -49.71
CA HIS B 347 13.57 -27.65 -50.36
C HIS B 347 13.39 -27.56 -51.87
N THR B 348 14.36 -28.14 -52.58
CA THR B 348 14.40 -27.99 -54.04
C THR B 348 13.18 -28.63 -54.70
N LEU B 349 12.64 -27.93 -55.70
CA LEU B 349 11.56 -28.48 -56.51
C LEU B 349 12.11 -29.57 -57.42
N SER B 350 11.23 -30.49 -57.82
CA SER B 350 11.63 -31.65 -58.60
C SER B 350 11.04 -31.68 -59.99
N ASP B 351 9.73 -31.52 -60.12
CA ASP B 351 9.09 -31.62 -61.43
C ASP B 351 7.82 -30.80 -61.46
N ILE B 352 7.42 -30.42 -62.68
CA ILE B 352 6.19 -29.67 -62.92
C ILE B 352 5.43 -30.35 -64.04
N SER B 353 4.09 -30.30 -63.95
CA SER B 353 3.26 -30.92 -64.98
C SER B 353 1.96 -30.15 -65.13
N TRP B 354 1.59 -29.86 -66.38
CA TRP B 354 0.32 -29.22 -66.67
C TRP B 354 -0.79 -30.26 -66.79
N SER B 355 -2.01 -29.83 -66.51
CA SER B 355 -3.18 -30.66 -66.77
C SER B 355 -3.56 -30.57 -68.24
N SER B 356 -4.46 -31.47 -68.65
CA SER B 356 -4.82 -31.57 -70.06
C SER B 356 -5.49 -30.29 -70.56
N ASP B 357 -6.34 -29.69 -69.73
CA ASP B 357 -7.06 -28.47 -70.11
C ASP B 357 -6.29 -27.21 -69.77
N GLY B 358 -5.14 -27.31 -69.11
CA GLY B 358 -4.39 -26.15 -68.70
C GLY B 358 -4.87 -25.48 -67.43
N ALA B 359 -5.87 -26.05 -66.76
CA ALA B 359 -6.40 -25.45 -65.55
C ALA B 359 -5.51 -25.67 -64.33
N PHE B 360 -4.58 -26.61 -64.40
CA PHE B 360 -3.73 -26.96 -63.27
C PHE B 360 -2.27 -26.98 -63.69
N LEU B 361 -1.41 -26.58 -62.76
CA LEU B 361 0.03 -26.77 -62.88
C LEU B 361 0.53 -27.35 -61.56
N ALA B 362 0.88 -28.63 -61.57
CA ALA B 362 1.32 -29.31 -60.36
C ALA B 362 2.83 -29.22 -60.23
N ILE B 363 3.30 -28.80 -59.06
CA ILE B 363 4.70 -28.66 -58.74
C ILE B 363 5.04 -29.59 -57.59
N SER B 364 6.11 -30.36 -57.74
CA SER B 364 6.58 -31.24 -56.69
C SER B 364 7.94 -30.78 -56.19
N SER B 365 8.19 -30.97 -54.90
CA SER B 365 9.43 -30.57 -54.27
C SER B 365 9.94 -31.69 -53.38
N THR B 366 11.25 -31.66 -53.12
CA THR B 366 11.92 -32.71 -52.37
C THR B 366 11.67 -32.63 -50.87
N ASP B 367 10.94 -31.62 -50.39
CA ASP B 367 10.61 -31.56 -48.98
C ASP B 367 9.50 -32.54 -48.60
N GLY B 368 8.83 -33.14 -49.57
CA GLY B 368 7.80 -34.13 -49.32
C GLY B 368 6.39 -33.65 -49.61
N TYR B 369 6.20 -32.37 -49.90
CA TYR B 369 4.88 -31.81 -50.17
C TYR B 369 4.84 -31.25 -51.58
N CYS B 370 3.63 -31.20 -52.15
CA CYS B 370 3.41 -30.70 -53.50
C CYS B 370 2.44 -29.53 -53.45
N SER B 371 2.34 -28.82 -54.57
CA SER B 371 1.47 -27.65 -54.65
C SER B 371 0.88 -27.55 -56.05
N PHE B 372 -0.20 -26.77 -56.16
CA PHE B 372 -0.89 -26.55 -57.42
C PHE B 372 -1.01 -25.07 -57.70
N VAL B 373 -0.87 -24.71 -58.97
CA VAL B 373 -1.18 -23.38 -59.48
C VAL B 373 -2.41 -23.53 -60.38
N THR B 374 -3.51 -22.94 -59.98
CA THR B 374 -4.78 -23.08 -60.67
C THR B 374 -5.12 -21.78 -61.41
N PHE B 375 -5.70 -21.93 -62.59
CA PHE B 375 -6.14 -20.81 -63.41
C PHE B 375 -7.63 -20.96 -63.69
N GLU B 376 -8.35 -19.85 -63.62
CA GLU B 376 -9.79 -19.87 -63.85
C GLU B 376 -10.07 -19.90 -65.35
N LYS B 377 -11.33 -19.72 -65.73
CA LYS B 377 -11.74 -19.88 -67.12
C LYS B 377 -11.09 -18.83 -68.00
N ASP B 378 -10.35 -19.27 -69.01
CA ASP B 378 -9.73 -18.41 -70.02
C ASP B 378 -8.79 -17.39 -69.40
N GLU B 379 -8.19 -17.71 -68.25
CA GLU B 379 -7.25 -16.79 -67.64
C GLU B 379 -5.91 -16.79 -68.38
N LEU B 380 -5.45 -17.97 -68.80
CA LEU B 380 -4.21 -18.05 -69.56
C LEU B 380 -4.36 -17.44 -70.95
N GLY B 381 -5.55 -17.48 -71.51
CA GLY B 381 -5.78 -16.94 -72.83
C GLY B 381 -7.06 -17.52 -73.42
N ILE B 382 -7.22 -17.30 -74.72
CA ILE B 382 -8.37 -17.80 -75.47
C ILE B 382 -7.89 -18.97 -76.31
N PRO B 383 -8.35 -20.19 -76.05
CA PRO B 383 -7.88 -21.35 -76.81
C PRO B 383 -8.27 -21.25 -78.27
N LEU B 384 -7.43 -21.81 -79.14
CA LEU B 384 -7.73 -21.84 -80.56
C LEU B 384 -8.96 -22.71 -80.82
N LYS B 385 -9.74 -22.31 -81.81
CA LYS B 385 -10.90 -23.12 -82.20
C LYS B 385 -10.48 -24.51 -82.66
N GLU B 386 -9.40 -24.58 -83.44
CA GLU B 386 -8.85 -25.84 -83.91
C GLU B 386 -7.36 -25.88 -83.59
N LYS B 387 -6.91 -26.98 -83.01
CA LYS B 387 -5.49 -27.14 -82.73
C LYS B 387 -4.73 -27.31 -84.05
N PRO B 388 -3.68 -26.53 -84.29
CA PRO B 388 -3.02 -26.56 -85.60
C PRO B 388 -2.44 -27.93 -85.91
N VAL B 389 -2.49 -28.31 -87.18
CA VAL B 389 -1.91 -29.57 -87.62
C VAL B 389 -0.39 -29.44 -87.64
N LEU B 390 0.29 -30.52 -87.23
CA LEU B 390 1.74 -30.51 -87.13
C LEU B 390 2.38 -31.02 -88.42
N ASN B 391 3.53 -30.45 -88.76
CA ASN B 391 4.27 -30.85 -89.96
C ASN B 391 5.35 -31.86 -89.57
N MET B 392 4.88 -33.07 -89.27
CA MET B 392 5.77 -34.13 -88.83
C MET B 392 6.68 -34.58 -89.97
N ARG B 393 7.90 -34.97 -89.62
CA ARG B 393 8.92 -35.33 -90.61
C ARG B 393 8.85 -36.80 -91.00
N THR B 394 9.03 -37.70 -90.03
CA THR B 394 9.13 -39.16 -90.22
C THR B 394 9.73 -39.57 -91.56
N ALA C 7 -34.49 25.28 -3.63
CA ALA C 7 -33.66 26.19 -2.84
C ALA C 7 -32.22 25.70 -2.77
N PHE C 8 -31.53 26.02 -1.68
CA PHE C 8 -30.16 25.59 -1.51
C PHE C 8 -30.03 24.09 -1.28
N ASP C 9 -31.12 23.40 -0.91
CA ASP C 9 -31.05 21.98 -0.67
C ASP C 9 -30.59 21.23 -1.91
N ASP C 10 -31.22 21.52 -3.06
CA ASP C 10 -30.87 20.83 -4.29
C ASP C 10 -29.43 21.11 -4.71
N ALA C 11 -29.00 22.38 -4.61
CA ALA C 11 -27.65 22.74 -5.04
C ALA C 11 -26.60 22.08 -4.16
N VAL C 12 -26.80 22.14 -2.83
CA VAL C 12 -25.84 21.53 -1.91
C VAL C 12 -25.79 20.03 -2.10
N GLU C 13 -26.96 19.39 -2.25
CA GLU C 13 -26.99 17.95 -2.47
C GLU C 13 -26.28 17.58 -3.77
N GLU C 14 -26.51 18.34 -4.84
CA GLU C 14 -25.86 18.04 -6.11
C GLU C 14 -24.34 18.20 -6.00
N ARG C 15 -23.88 19.26 -5.35
CA ARG C 15 -22.44 19.47 -5.20
C ARG C 15 -21.81 18.35 -4.40
N VAL C 16 -22.42 17.99 -3.26
CA VAL C 16 -21.86 16.95 -2.41
C VAL C 16 -21.84 15.61 -3.14
N ILE C 17 -22.93 15.29 -3.84
CA ILE C 17 -23.01 14.01 -4.54
C ILE C 17 -22.01 13.95 -5.69
N ASN C 18 -21.82 15.07 -6.41
CA ASN C 18 -20.83 15.08 -7.48
C ASN C 18 -19.42 14.89 -6.94
N GLU C 19 -19.09 15.56 -5.83
CA GLU C 19 -17.77 15.36 -5.24
C GLU C 19 -17.58 13.92 -4.78
N GLU C 20 -18.61 13.34 -4.15
CA GLU C 20 -18.52 11.95 -3.70
C GLU C 20 -18.35 10.99 -4.86
N TYR C 21 -19.07 11.22 -5.97
CA TYR C 21 -18.91 10.36 -7.12
C TYR C 21 -17.53 10.51 -7.74
N LYS C 22 -17.00 11.73 -7.78
CA LYS C 22 -15.66 11.93 -8.33
C LYS C 22 -14.61 11.18 -7.51
N ILE C 23 -14.70 11.30 -6.17
CA ILE C 23 -13.69 10.61 -5.35
C ILE C 23 -13.90 9.10 -5.40
N TRP C 24 -15.15 8.62 -5.52
CA TRP C 24 -15.37 7.19 -5.67
C TRP C 24 -14.80 6.67 -6.98
N LYS C 25 -14.99 7.41 -8.08
CA LYS C 25 -14.40 7.00 -9.34
C LYS C 25 -12.88 7.00 -9.26
N LYS C 26 -12.31 7.96 -8.53
CA LYS C 26 -10.86 7.98 -8.39
C LYS C 26 -10.36 6.78 -7.60
N ASN C 27 -11.11 6.37 -6.56
CA ASN C 27 -10.72 5.23 -5.74
C ASN C 27 -11.16 3.88 -6.32
N THR C 28 -11.89 3.88 -7.43
CA THR C 28 -12.42 2.62 -7.97
C THR C 28 -11.38 1.54 -8.27
N PRO C 29 -10.18 1.82 -8.78
CA PRO C 29 -9.27 0.70 -9.11
C PRO C 29 -8.84 -0.11 -7.90
N PHE C 30 -8.90 0.46 -6.69
CA PHE C 30 -8.50 -0.26 -5.50
C PHE C 30 -9.59 -1.18 -4.95
N LEU C 31 -10.86 -0.92 -5.31
CA LEU C 31 -11.98 -1.62 -4.70
C LEU C 31 -12.73 -2.54 -5.67
N TYR C 32 -12.51 -2.42 -6.97
CA TYR C 32 -13.26 -3.17 -7.96
C TYR C 32 -12.33 -3.87 -8.93
N ASP C 33 -12.77 -5.03 -9.43
CA ASP C 33 -12.13 -5.69 -10.55
C ASP C 33 -12.88 -5.46 -11.86
N LEU C 34 -14.13 -5.00 -11.78
CA LEU C 34 -14.93 -4.73 -12.97
C LEU C 34 -15.88 -3.58 -12.66
N VAL C 35 -15.89 -2.56 -13.51
CA VAL C 35 -16.82 -1.44 -13.40
C VAL C 35 -17.28 -1.08 -14.81
N MET C 36 -18.59 -1.11 -15.04
CA MET C 36 -19.17 -0.73 -16.32
C MET C 36 -20.32 0.24 -16.04
N THR C 37 -20.09 1.53 -16.29
CA THR C 37 -21.12 2.54 -16.13
C THR C 37 -21.80 2.77 -17.47
N HIS C 38 -23.12 2.67 -17.50
CA HIS C 38 -23.89 2.85 -18.73
C HIS C 38 -25.11 3.68 -18.42
N ALA C 39 -25.38 4.68 -19.26
CA ALA C 39 -26.52 5.57 -19.10
C ALA C 39 -27.63 5.11 -20.04
N LEU C 40 -28.76 4.71 -19.47
CA LEU C 40 -29.88 4.23 -20.27
C LEU C 40 -30.66 5.40 -20.86
N GLU C 41 -31.49 5.08 -21.86
CA GLU C 41 -32.36 6.11 -22.44
C GLU C 41 -33.34 6.64 -21.41
N TRP C 42 -33.91 5.75 -20.61
CA TRP C 42 -34.84 6.11 -19.56
C TRP C 42 -34.50 5.37 -18.28
N PRO C 43 -34.88 5.91 -17.12
CA PRO C 43 -34.63 5.20 -15.85
C PRO C 43 -35.35 3.86 -15.82
N SER C 44 -34.71 2.89 -15.18
CA SER C 44 -35.25 1.54 -15.02
C SER C 44 -35.59 1.32 -13.55
N LEU C 45 -36.84 0.96 -13.29
CA LEU C 45 -37.26 0.62 -11.93
C LEU C 45 -36.94 -0.83 -11.55
N THR C 46 -36.68 -1.68 -12.54
CA THR C 46 -36.42 -3.09 -12.29
C THR C 46 -35.15 -3.52 -13.02
N ALA C 47 -34.56 -4.59 -12.52
CA ALA C 47 -33.35 -5.16 -13.12
C ALA C 47 -33.22 -6.61 -12.68
N GLN C 48 -33.05 -7.52 -13.64
CA GLN C 48 -32.86 -8.91 -13.29
C GLN C 48 -31.96 -9.60 -14.31
N TRP C 49 -30.94 -10.32 -13.82
CA TRP C 49 -30.09 -11.10 -14.71
C TRP C 49 -30.85 -12.30 -15.25
N LEU C 50 -30.76 -12.52 -16.55
CA LEU C 50 -31.32 -13.73 -17.14
C LEU C 50 -30.35 -14.90 -16.96
N PRO C 51 -30.88 -16.13 -16.86
CA PRO C 51 -29.99 -17.29 -16.64
C PRO C 51 -29.15 -17.66 -17.85
N ASP C 52 -29.42 -17.07 -19.01
CA ASP C 52 -28.67 -17.41 -20.22
C ASP C 52 -27.27 -16.84 -20.16
N VAL C 53 -26.27 -17.65 -20.48
CA VAL C 53 -24.93 -17.16 -20.77
C VAL C 53 -24.44 -17.86 -22.03
N THR C 54 -24.20 -17.09 -23.08
CA THR C 54 -23.71 -17.63 -24.34
C THR C 54 -22.20 -17.44 -24.38
N ARG C 55 -21.47 -18.56 -24.51
CA ARG C 55 -20.02 -18.56 -24.52
C ARG C 55 -19.57 -18.91 -25.94
N PRO C 56 -19.38 -17.92 -26.81
CA PRO C 56 -18.97 -18.22 -28.20
C PRO C 56 -17.57 -18.82 -28.24
N GLU C 57 -17.46 -19.99 -28.86
CA GLU C 57 -16.18 -20.69 -28.92
C GLU C 57 -15.17 -19.86 -29.72
N GLY C 58 -13.93 -19.85 -29.24
CA GLY C 58 -12.91 -19.03 -29.86
C GLY C 58 -12.94 -17.57 -29.49
N LYS C 59 -13.66 -17.22 -28.42
CA LYS C 59 -13.77 -15.84 -27.98
C LYS C 59 -13.35 -15.74 -26.52
N ASP C 60 -12.90 -14.55 -26.13
CA ASP C 60 -12.40 -14.29 -24.78
C ASP C 60 -13.47 -13.75 -23.84
N PHE C 61 -14.74 -13.82 -24.22
CA PHE C 61 -15.80 -13.22 -23.43
C PHE C 61 -17.05 -14.09 -23.49
N SER C 62 -17.95 -13.85 -22.55
CA SER C 62 -19.28 -14.41 -22.53
C SER C 62 -20.31 -13.30 -22.61
N ILE C 63 -21.53 -13.66 -23.00
CA ILE C 63 -22.61 -12.71 -23.22
C ILE C 63 -23.76 -13.05 -22.29
N HIS C 64 -24.06 -12.13 -21.36
CA HIS C 64 -25.17 -12.28 -20.43
C HIS C 64 -26.30 -11.35 -20.85
N ARG C 65 -27.48 -11.59 -20.29
CA ARG C 65 -28.68 -10.86 -20.66
C ARG C 65 -29.37 -10.32 -19.41
N LEU C 66 -30.01 -9.16 -19.57
CA LEU C 66 -30.66 -8.46 -18.48
C LEU C 66 -32.07 -8.07 -18.89
N VAL C 67 -33.01 -8.20 -17.94
CA VAL C 67 -34.39 -7.74 -18.10
C VAL C 67 -34.53 -6.44 -17.33
N LEU C 68 -34.96 -5.38 -18.03
CA LEU C 68 -35.05 -4.04 -17.49
C LEU C 68 -36.37 -3.42 -17.92
N GLY C 69 -36.72 -2.31 -17.27
CA GLY C 69 -37.90 -1.55 -17.62
C GLY C 69 -37.54 -0.10 -17.94
N THR C 70 -38.58 0.65 -18.31
CA THR C 70 -38.44 2.07 -18.59
C THR C 70 -39.48 2.84 -17.78
N HIS C 71 -39.11 4.07 -17.39
CA HIS C 71 -39.99 4.94 -16.61
C HIS C 71 -40.02 6.30 -17.32
N THR C 72 -40.93 6.43 -18.28
CA THR C 72 -41.11 7.66 -19.04
C THR C 72 -42.30 8.43 -18.48
N SER C 73 -42.10 9.73 -18.23
CA SER C 73 -43.18 10.55 -17.70
C SER C 73 -44.33 10.65 -18.70
N ASP C 74 -44.02 10.88 -19.98
CA ASP C 74 -45.06 11.11 -20.97
C ASP C 74 -44.77 10.45 -22.31
N GLU C 75 -43.94 9.41 -22.34
CA GLU C 75 -43.55 8.76 -23.59
C GLU C 75 -44.02 7.31 -23.58
N GLN C 76 -43.62 6.56 -24.60
CA GLN C 76 -43.97 5.16 -24.72
C GLN C 76 -42.99 4.32 -23.91
N ASN C 77 -43.52 3.49 -23.00
CA ASN C 77 -42.69 2.68 -22.13
C ASN C 77 -42.35 1.35 -22.80
N HIS C 78 -41.20 0.80 -22.43
CA HIS C 78 -40.70 -0.42 -23.04
C HIS C 78 -40.20 -1.39 -21.98
N LEU C 79 -40.55 -2.66 -22.16
CA LEU C 79 -39.86 -3.77 -21.50
C LEU C 79 -38.64 -4.12 -22.33
N VAL C 80 -37.46 -4.09 -21.72
CA VAL C 80 -36.20 -4.14 -22.43
C VAL C 80 -35.45 -5.40 -22.03
N ILE C 81 -34.86 -6.07 -23.02
CA ILE C 81 -33.91 -7.14 -22.80
C ILE C 81 -32.60 -6.72 -23.45
N ALA C 82 -31.55 -6.61 -22.65
CA ALA C 82 -30.28 -6.06 -23.07
C ALA C 82 -29.16 -7.09 -22.88
N SER C 83 -28.05 -6.84 -23.57
CA SER C 83 -26.91 -7.75 -23.60
C SER C 83 -25.68 -7.09 -23.01
N VAL C 84 -24.91 -7.86 -22.24
CA VAL C 84 -23.68 -7.39 -21.63
C VAL C 84 -22.57 -8.38 -21.95
N GLN C 85 -21.43 -7.88 -22.43
CA GLN C 85 -20.26 -8.70 -22.70
C GLN C 85 -19.33 -8.62 -21.49
N LEU C 86 -18.91 -9.79 -20.99
CA LEU C 86 -18.03 -9.84 -19.84
C LEU C 86 -16.83 -10.74 -20.17
N PRO C 87 -15.61 -10.28 -19.91
CA PRO C 87 -14.44 -11.08 -20.27
C PRO C 87 -14.40 -12.41 -19.53
N ASN C 88 -13.91 -13.45 -20.22
CA ASN C 88 -13.75 -14.76 -19.60
C ASN C 88 -12.66 -14.73 -18.55
N ASP C 89 -12.77 -15.65 -17.59
CA ASP C 89 -11.77 -15.72 -16.53
C ASP C 89 -10.39 -16.09 -17.08
N ASP C 90 -10.35 -17.00 -18.06
CA ASP C 90 -9.09 -17.41 -18.64
C ASP C 90 -8.40 -16.27 -19.40
N ALA C 91 -9.16 -15.27 -19.85
CA ALA C 91 -8.59 -14.14 -20.58
C ALA C 91 -8.20 -12.98 -19.68
N GLN C 92 -8.53 -13.04 -18.39
CA GLN C 92 -8.20 -11.95 -17.47
C GLN C 92 -6.72 -11.91 -17.11
N PHE C 93 -5.96 -12.93 -17.47
CA PHE C 93 -4.51 -12.93 -17.32
C PHE C 93 -3.91 -12.82 -18.72
N ASP C 94 -3.34 -11.67 -19.05
CA ASP C 94 -2.88 -11.41 -20.40
C ASP C 94 -1.66 -10.51 -20.34
N ALA C 95 -0.54 -11.00 -20.89
CA ALA C 95 0.69 -10.23 -20.96
C ALA C 95 0.81 -9.54 -22.32
N SER C 96 -0.20 -8.72 -22.64
CA SER C 96 -0.24 -8.04 -23.93
C SER C 96 0.80 -6.93 -23.99
N HIS C 97 0.67 -5.95 -23.11
CA HIS C 97 1.56 -4.80 -23.08
C HIS C 97 2.06 -4.58 -21.66
N TYR C 98 3.22 -3.93 -21.55
CA TYR C 98 3.81 -3.60 -20.27
C TYR C 98 4.14 -2.12 -20.25
N ASP C 99 3.35 -1.34 -19.52
CA ASP C 99 3.61 0.09 -19.37
C ASP C 99 4.80 0.28 -18.45
N SER C 100 5.95 0.65 -19.02
CA SER C 100 7.18 0.79 -18.24
C SER C 100 7.15 1.98 -17.29
N GLU C 101 6.20 2.91 -17.46
CA GLU C 101 6.11 4.06 -16.58
C GLU C 101 5.29 3.75 -15.34
N LYS C 102 4.03 3.36 -15.53
CA LYS C 102 3.17 3.03 -14.40
C LYS C 102 3.50 1.68 -13.79
N GLY C 103 4.36 0.88 -14.44
CA GLY C 103 4.78 -0.38 -13.87
C GLY C 103 3.71 -1.45 -13.83
N GLU C 104 2.73 -1.37 -14.73
CA GLU C 104 1.64 -2.32 -14.78
C GLU C 104 1.57 -2.98 -16.15
N PHE C 105 0.88 -4.11 -16.22
CA PHE C 105 0.52 -4.73 -17.49
C PHE C 105 -0.78 -4.16 -18.01
N GLY C 106 -0.84 -2.83 -18.10
CA GLY C 106 -2.09 -2.15 -18.37
C GLY C 106 -2.24 -1.58 -19.76
N GLY C 107 -2.46 -0.27 -19.84
CA GLY C 107 -2.81 0.35 -21.11
C GLY C 107 -4.30 0.31 -21.34
N PHE C 108 -4.88 1.41 -21.82
CA PHE C 108 -6.32 1.44 -22.03
C PHE C 108 -6.71 0.61 -23.24
N GLY C 109 -5.93 0.68 -24.32
CA GLY C 109 -6.12 -0.18 -25.47
C GLY C 109 -7.49 0.01 -26.10
N SER C 110 -8.02 -1.09 -26.64
CA SER C 110 -9.32 -1.11 -27.29
C SER C 110 -10.27 -2.14 -26.70
N VAL C 111 -9.86 -2.82 -25.62
CA VAL C 111 -10.73 -3.81 -24.98
C VAL C 111 -11.75 -3.05 -24.14
N SER C 112 -13.04 -3.27 -24.43
CA SER C 112 -14.11 -2.57 -23.74
C SER C 112 -15.33 -3.48 -23.68
N GLY C 113 -16.08 -3.36 -22.58
CA GLY C 113 -17.30 -4.14 -22.43
C GLY C 113 -18.42 -3.55 -23.26
N LYS C 114 -19.13 -4.42 -23.97
CA LYS C 114 -20.16 -4.01 -24.92
C LYS C 114 -21.53 -4.17 -24.28
N ILE C 115 -22.26 -3.06 -24.15
CA ILE C 115 -23.63 -3.06 -23.65
C ILE C 115 -24.54 -2.54 -24.76
N GLU C 116 -25.52 -3.35 -25.12
CA GLU C 116 -26.46 -2.98 -26.18
C GLU C 116 -27.84 -3.54 -25.85
N ILE C 117 -28.85 -2.90 -26.40
CA ILE C 117 -30.24 -3.32 -26.22
C ILE C 117 -30.58 -4.32 -27.31
N GLU C 118 -31.15 -5.46 -26.91
CA GLU C 118 -31.48 -6.54 -27.82
C GLU C 118 -32.94 -6.54 -28.25
N ILE C 119 -33.86 -6.50 -27.29
CA ILE C 119 -35.29 -6.54 -27.58
C ILE C 119 -35.98 -5.41 -26.83
N LYS C 120 -36.84 -4.67 -27.54
CA LYS C 120 -37.69 -3.66 -26.95
C LYS C 120 -39.14 -4.02 -27.25
N ILE C 121 -39.95 -4.14 -26.20
CA ILE C 121 -41.37 -4.47 -26.35
C ILE C 121 -42.18 -3.33 -25.74
N ASN C 122 -43.28 -2.98 -26.40
CA ASN C 122 -44.15 -1.94 -25.88
C ASN C 122 -44.72 -2.34 -24.52
N HIS C 123 -45.04 -1.34 -23.71
CA HIS C 123 -45.57 -1.60 -22.36
C HIS C 123 -46.41 -0.41 -21.94
N GLU C 124 -47.68 -0.65 -21.65
CA GLU C 124 -48.57 0.41 -21.19
C GLU C 124 -48.24 0.75 -19.75
N GLY C 125 -47.76 1.96 -19.53
CA GLY C 125 -47.35 2.40 -18.20
C GLY C 125 -45.95 1.98 -17.86
N GLU C 126 -45.47 2.48 -16.72
CA GLU C 126 -44.13 2.18 -16.27
C GLU C 126 -43.98 0.70 -15.92
N VAL C 127 -42.77 0.18 -16.07
CA VAL C 127 -42.46 -1.20 -15.72
C VAL C 127 -41.99 -1.18 -14.26
N ASN C 128 -42.91 -1.45 -13.33
CA ASN C 128 -42.57 -1.43 -11.92
C ASN C 128 -41.60 -2.53 -11.56
N ARG C 129 -41.85 -3.75 -12.06
CA ARG C 129 -40.95 -4.87 -11.82
C ARG C 129 -41.20 -5.94 -12.87
N ALA C 130 -40.13 -6.42 -13.50
CA ALA C 130 -40.19 -7.48 -14.49
C ALA C 130 -39.40 -8.68 -13.97
N ARG C 131 -40.03 -9.85 -13.99
CA ARG C 131 -39.41 -11.08 -13.52
C ARG C 131 -39.71 -12.21 -14.48
N TYR C 132 -38.69 -13.00 -14.80
CA TYR C 132 -38.83 -14.12 -15.72
C TYR C 132 -39.19 -15.40 -14.96
N MET C 133 -39.86 -16.31 -15.66
CA MET C 133 -40.22 -17.59 -15.07
C MET C 133 -39.04 -18.55 -15.12
N PRO C 134 -38.58 -19.08 -13.98
CA PRO C 134 -37.39 -19.94 -14.01
C PRO C 134 -37.54 -21.17 -14.90
N GLN C 135 -38.73 -21.78 -14.94
CA GLN C 135 -38.93 -22.95 -15.79
C GLN C 135 -38.93 -22.60 -17.27
N ASN C 136 -39.06 -21.32 -17.61
CA ASN C 136 -39.09 -20.89 -18.99
C ASN C 136 -38.71 -19.41 -19.06
N PRO C 137 -37.42 -19.10 -19.18
CA PRO C 137 -36.99 -17.69 -19.20
C PRO C 137 -37.61 -16.86 -20.31
N CYS C 138 -38.32 -17.47 -21.26
CA CYS C 138 -39.01 -16.71 -22.29
C CYS C 138 -40.25 -16.01 -21.75
N ILE C 139 -40.80 -16.48 -20.64
CA ILE C 139 -42.00 -15.91 -20.06
C ILE C 139 -41.59 -14.90 -18.99
N ILE C 140 -42.00 -13.64 -19.17
CA ILE C 140 -41.63 -12.55 -18.28
C ILE C 140 -42.90 -11.88 -17.78
N ALA C 141 -43.02 -11.74 -16.46
CA ALA C 141 -44.16 -11.08 -15.85
C ALA C 141 -43.77 -9.67 -15.43
N THR C 142 -44.64 -8.71 -15.73
CA THR C 142 -44.40 -7.29 -15.45
C THR C 142 -45.56 -6.72 -14.64
N LYS C 143 -45.21 -5.84 -13.70
CA LYS C 143 -46.17 -5.13 -12.88
C LYS C 143 -46.33 -3.71 -13.42
N THR C 144 -47.54 -3.34 -13.76
CA THR C 144 -47.87 -2.04 -14.33
C THR C 144 -48.37 -1.10 -13.25
N PRO C 145 -48.52 0.20 -13.56
CA PRO C 145 -49.22 1.09 -12.62
C PRO C 145 -50.74 0.89 -12.65
N SER C 146 -51.20 -0.15 -13.34
CA SER C 146 -52.61 -0.52 -13.35
C SER C 146 -52.82 -1.73 -12.45
N SER C 147 -54.09 -2.12 -12.31
CA SER C 147 -54.45 -3.25 -11.44
C SER C 147 -54.10 -4.60 -12.05
N ASP C 148 -53.81 -4.66 -13.34
CA ASP C 148 -53.53 -5.90 -14.02
C ASP C 148 -52.02 -6.17 -14.09
N VAL C 149 -51.67 -7.45 -14.07
CA VAL C 149 -50.29 -7.90 -14.23
C VAL C 149 -50.15 -8.46 -15.64
N LEU C 150 -49.10 -8.07 -16.34
CA LEU C 150 -48.93 -8.49 -17.72
C LEU C 150 -47.90 -9.62 -17.81
N VAL C 151 -48.08 -10.49 -18.80
CA VAL C 151 -47.17 -11.60 -19.04
C VAL C 151 -46.82 -11.61 -20.52
N PHE C 152 -45.54 -11.53 -20.83
CA PHE C 152 -45.04 -11.46 -22.19
C PHE C 152 -44.15 -12.66 -22.50
N ASP C 153 -44.09 -13.01 -23.78
CA ASP C 153 -43.14 -13.98 -24.30
C ASP C 153 -42.33 -13.26 -25.38
N TYR C 154 -41.08 -12.90 -25.06
CA TYR C 154 -40.31 -12.03 -25.94
C TYR C 154 -39.95 -12.70 -27.27
N THR C 155 -40.09 -14.01 -27.38
CA THR C 155 -39.93 -14.67 -28.67
C THR C 155 -41.14 -14.48 -29.59
N LYS C 156 -42.31 -14.19 -29.01
CA LYS C 156 -43.53 -13.98 -29.78
C LYS C 156 -43.75 -12.52 -30.16
N HIS C 157 -42.77 -11.66 -29.93
CA HIS C 157 -42.90 -10.24 -30.22
C HIS C 157 -41.75 -9.79 -31.12
N PRO C 158 -41.97 -8.77 -31.95
CA PRO C 158 -40.91 -8.29 -32.84
C PRO C 158 -39.72 -7.75 -32.05
N SER C 159 -38.53 -7.90 -32.63
CA SER C 159 -37.32 -7.41 -31.99
C SER C 159 -37.34 -5.90 -31.83
N LYS C 160 -37.99 -5.19 -32.76
CA LYS C 160 -38.23 -3.76 -32.65
C LYS C 160 -39.67 -3.50 -32.24
N PRO C 161 -39.93 -2.42 -31.50
CA PRO C 161 -41.29 -2.15 -31.03
C PRO C 161 -42.25 -1.91 -32.17
N ASP C 162 -43.54 -1.96 -31.85
CA ASP C 162 -44.59 -1.71 -32.83
C ASP C 162 -44.48 -0.27 -33.33
N PRO C 163 -44.94 0.00 -34.56
CA PRO C 163 -44.86 1.38 -35.07
C PRO C 163 -45.56 2.38 -34.18
N SER C 164 -46.70 2.02 -33.61
CA SER C 164 -47.41 2.86 -32.66
C SER C 164 -48.37 1.99 -31.88
N GLY C 165 -49.05 2.59 -30.90
CA GLY C 165 -50.00 1.88 -30.07
C GLY C 165 -49.34 1.20 -28.89
N GLU C 166 -50.19 0.76 -27.97
CA GLU C 166 -49.73 0.11 -26.75
C GLU C 166 -49.34 -1.34 -27.05
N CYS C 167 -49.02 -2.09 -26.00
CA CYS C 167 -48.53 -3.46 -26.14
C CYS C 167 -49.67 -4.42 -26.44
N ASN C 168 -49.28 -5.62 -26.88
CA ASN C 168 -50.20 -6.76 -27.03
C ASN C 168 -49.69 -7.84 -26.08
N PRO C 169 -50.07 -7.78 -24.81
CA PRO C 169 -49.57 -8.77 -23.85
C PRO C 169 -50.09 -10.16 -24.16
N ASP C 170 -49.23 -11.16 -23.94
CA ASP C 170 -49.63 -12.54 -24.16
C ASP C 170 -50.64 -12.99 -23.12
N LEU C 171 -50.48 -12.55 -21.87
CA LEU C 171 -51.45 -12.87 -20.83
C LEU C 171 -51.72 -11.64 -19.99
N ARG C 172 -52.97 -11.45 -19.58
CA ARG C 172 -53.37 -10.40 -18.67
C ARG C 172 -54.02 -11.04 -17.45
N LEU C 173 -53.46 -10.77 -16.27
CA LEU C 173 -53.94 -11.34 -15.02
C LEU C 173 -54.60 -10.23 -14.21
N ARG C 174 -55.87 -10.41 -13.88
CA ARG C 174 -56.65 -9.38 -13.20
C ARG C 174 -57.07 -9.91 -11.81
N GLY C 175 -56.30 -9.56 -10.80
CA GLY C 175 -56.64 -9.94 -9.44
C GLY C 175 -56.72 -8.79 -8.47
N HIS C 176 -56.02 -7.69 -8.75
CA HIS C 176 -55.87 -6.60 -7.81
C HIS C 176 -56.77 -5.43 -8.19
N GLN C 177 -56.68 -4.36 -7.39
CA GLN C 177 -57.37 -3.11 -7.66
C GLN C 177 -56.43 -1.93 -7.80
N LYS C 178 -55.15 -2.09 -7.48
CA LYS C 178 -54.18 -1.01 -7.52
C LYS C 178 -52.86 -1.55 -8.06
N GLU C 179 -51.90 -0.64 -8.23
CA GLU C 179 -50.57 -1.04 -8.67
C GLU C 179 -49.81 -1.70 -7.52
N GLY C 180 -48.72 -2.37 -7.87
CA GLY C 180 -47.89 -3.03 -6.90
C GLY C 180 -46.47 -3.18 -7.39
N TYR C 181 -45.61 -3.72 -6.52
CA TYR C 181 -44.21 -3.91 -6.84
C TYR C 181 -43.68 -5.30 -6.53
N GLY C 182 -44.37 -6.10 -5.72
CA GLY C 182 -43.90 -7.43 -5.39
C GLY C 182 -44.40 -8.46 -6.38
N LEU C 183 -43.48 -9.26 -6.90
CA LEU C 183 -43.80 -10.24 -7.93
C LEU C 183 -42.81 -11.40 -7.84
N SER C 184 -43.31 -12.63 -7.86
CA SER C 184 -42.41 -13.78 -7.81
C SER C 184 -43.07 -15.01 -8.40
N TRP C 185 -42.31 -15.75 -9.21
CA TRP C 185 -42.74 -17.02 -9.73
C TRP C 185 -42.45 -18.14 -8.73
N ASN C 186 -43.19 -19.22 -8.84
CA ASN C 186 -42.93 -20.40 -8.02
C ASN C 186 -41.81 -21.21 -8.65
N PRO C 187 -40.67 -21.39 -7.96
CA PRO C 187 -39.57 -22.17 -8.55
C PRO C 187 -39.82 -23.67 -8.55
N ASN C 188 -40.88 -24.14 -7.90
CA ASN C 188 -41.18 -25.56 -7.85
C ASN C 188 -42.45 -25.95 -8.60
N LEU C 189 -43.38 -25.02 -8.80
CA LEU C 189 -44.60 -25.26 -9.56
C LEU C 189 -44.60 -24.32 -10.76
N SER C 190 -44.51 -24.89 -11.96
CA SER C 190 -44.45 -24.08 -13.16
C SER C 190 -45.78 -23.39 -13.41
N GLY C 191 -45.74 -22.07 -13.59
CA GLY C 191 -46.90 -21.27 -13.89
C GLY C 191 -47.50 -20.54 -12.71
N HIS C 192 -47.19 -20.96 -11.49
CA HIS C 192 -47.73 -20.31 -10.30
C HIS C 192 -47.03 -18.98 -10.07
N LEU C 193 -47.81 -17.90 -10.10
CA LEU C 193 -47.28 -16.55 -9.95
C LEU C 193 -47.94 -15.86 -8.76
N LEU C 194 -47.14 -15.17 -7.96
CA LEU C 194 -47.62 -14.39 -6.83
C LEU C 194 -47.33 -12.92 -7.07
N SER C 195 -48.33 -12.08 -6.80
CA SER C 195 -48.20 -10.63 -6.93
C SER C 195 -48.77 -9.95 -5.71
N ALA C 196 -48.17 -8.80 -5.36
CA ALA C 196 -48.60 -8.00 -4.22
C ALA C 196 -48.78 -6.56 -4.69
N SER C 197 -49.78 -5.88 -4.12
CA SER C 197 -50.15 -4.55 -4.59
C SER C 197 -50.60 -3.70 -3.40
N ASP C 198 -50.94 -2.45 -3.69
CA ASP C 198 -51.42 -1.52 -2.68
C ASP C 198 -52.82 -1.84 -2.19
N ASP C 199 -53.51 -2.79 -2.82
CA ASP C 199 -54.87 -3.16 -2.44
C ASP C 199 -54.92 -4.04 -1.19
N HIS C 200 -53.83 -4.15 -0.45
CA HIS C 200 -53.73 -4.88 0.82
C HIS C 200 -53.88 -6.38 0.65
N THR C 201 -53.78 -6.90 -0.57
CA THR C 201 -53.99 -8.32 -0.83
C THR C 201 -52.84 -8.87 -1.68
N ILE C 202 -52.76 -10.19 -1.72
CA ILE C 202 -51.80 -10.92 -2.53
C ILE C 202 -52.57 -11.84 -3.44
N CYS C 203 -52.16 -11.93 -4.71
CA CYS C 203 -52.86 -12.73 -5.69
C CYS C 203 -51.98 -13.84 -6.23
N LEU C 204 -52.56 -15.03 -6.35
CA LEU C 204 -51.91 -16.21 -6.89
C LEU C 204 -52.63 -16.64 -8.16
N TRP C 205 -51.88 -16.74 -9.26
CA TRP C 205 -52.38 -17.20 -10.55
C TRP C 205 -51.69 -18.50 -10.93
N ASP C 206 -52.39 -19.31 -11.73
CA ASP C 206 -51.86 -20.56 -12.27
C ASP C 206 -52.07 -20.55 -13.77
N ILE C 207 -51.04 -20.19 -14.52
CA ILE C 207 -51.14 -20.04 -15.96
C ILE C 207 -50.69 -21.32 -16.66
N SER C 208 -50.56 -22.41 -15.91
CA SER C 208 -50.08 -23.65 -16.49
C SER C 208 -51.15 -24.37 -17.31
N ALA C 209 -52.39 -23.92 -17.28
CA ALA C 209 -53.48 -24.56 -18.03
C ALA C 209 -54.15 -23.60 -19.01
N VAL C 210 -53.47 -22.51 -19.38
CA VAL C 210 -54.07 -21.53 -20.29
C VAL C 210 -54.17 -22.13 -21.69
N PRO C 211 -55.32 -22.01 -22.35
CA PRO C 211 -55.42 -22.48 -23.74
C PRO C 211 -54.56 -21.65 -24.67
N LYS C 212 -54.41 -22.16 -25.90
CA LYS C 212 -53.56 -21.50 -26.88
C LYS C 212 -54.08 -20.11 -27.23
N GLU C 213 -55.40 -19.97 -27.35
CA GLU C 213 -56.03 -18.70 -27.68
C GLU C 213 -56.44 -17.89 -26.45
N GLY C 214 -56.16 -18.40 -25.25
CA GLY C 214 -56.51 -17.65 -24.05
C GLY C 214 -55.63 -16.42 -23.90
N LYS C 215 -56.22 -15.35 -23.37
CA LYS C 215 -55.52 -14.09 -23.18
C LYS C 215 -55.72 -13.46 -21.80
N VAL C 216 -56.77 -13.81 -21.07
CA VAL C 216 -57.05 -13.24 -19.76
C VAL C 216 -57.22 -14.37 -18.76
N VAL C 217 -56.55 -14.26 -17.61
CA VAL C 217 -56.61 -15.26 -16.56
C VAL C 217 -57.04 -14.58 -15.26
N ASP C 218 -58.05 -15.14 -14.62
CA ASP C 218 -58.52 -14.62 -13.35
C ASP C 218 -57.64 -15.13 -12.21
N ALA C 219 -57.75 -14.45 -11.06
CA ALA C 219 -56.95 -14.81 -9.90
C ALA C 219 -57.38 -16.16 -9.34
N LYS C 220 -56.42 -17.06 -9.14
CA LYS C 220 -56.73 -18.35 -8.55
C LYS C 220 -57.01 -18.21 -7.06
N THR C 221 -56.20 -17.42 -6.35
CA THR C 221 -56.42 -17.25 -4.91
C THR C 221 -56.05 -15.83 -4.51
N ILE C 222 -56.77 -15.30 -3.52
CA ILE C 222 -56.51 -13.97 -2.98
C ILE C 222 -56.32 -14.10 -1.47
N PHE C 223 -55.19 -13.60 -0.98
CA PHE C 223 -54.85 -13.59 0.45
C PHE C 223 -54.99 -12.18 0.99
N THR C 224 -55.70 -12.04 2.12
CA THR C 224 -56.07 -10.73 2.65
C THR C 224 -55.58 -10.51 4.07
N GLY C 225 -54.51 -11.20 4.49
CA GLY C 225 -54.05 -11.08 5.86
C GLY C 225 -53.52 -9.71 6.21
N HIS C 226 -52.76 -9.11 5.30
CA HIS C 226 -52.14 -7.82 5.58
C HIS C 226 -53.19 -6.72 5.67
N THR C 227 -52.95 -5.75 6.56
CA THR C 227 -53.84 -4.62 6.77
C THR C 227 -53.30 -3.33 6.16
N ALA C 228 -52.18 -3.40 5.44
CA ALA C 228 -51.58 -2.23 4.82
C ALA C 228 -51.16 -2.60 3.39
N VAL C 229 -50.41 -1.71 2.75
CA VAL C 229 -49.91 -1.97 1.40
C VAL C 229 -48.90 -3.10 1.45
N VAL C 230 -49.22 -4.21 0.80
CA VAL C 230 -48.32 -5.36 0.75
C VAL C 230 -47.15 -5.01 -0.15
N GLU C 231 -45.98 -4.76 0.45
CA GLU C 231 -44.85 -4.25 -0.32
C GLU C 231 -44.22 -5.34 -1.19
N ASP C 232 -44.03 -6.54 -0.64
CA ASP C 232 -43.34 -7.57 -1.41
C ASP C 232 -43.85 -8.96 -1.03
N VAL C 233 -43.73 -9.87 -1.98
CA VAL C 233 -44.07 -11.28 -1.80
C VAL C 233 -43.00 -12.12 -2.48
N SER C 234 -42.73 -13.30 -1.93
CA SER C 234 -41.69 -14.15 -2.48
C SER C 234 -41.96 -15.60 -2.11
N TRP C 235 -41.92 -16.49 -3.11
CA TRP C 235 -42.07 -17.91 -2.86
C TRP C 235 -40.86 -18.46 -2.10
N HIS C 236 -41.06 -19.57 -1.42
CA HIS C 236 -39.96 -20.31 -0.83
C HIS C 236 -39.24 -21.11 -1.91
N LEU C 237 -37.91 -21.18 -1.80
CA LEU C 237 -37.09 -21.73 -2.88
C LEU C 237 -37.15 -23.25 -2.97
N LEU C 238 -37.58 -23.94 -1.92
CA LEU C 238 -37.60 -25.40 -1.92
C LEU C 238 -38.96 -25.99 -1.62
N HIS C 239 -39.90 -25.23 -1.08
CA HIS C 239 -41.22 -25.72 -0.73
C HIS C 239 -42.24 -25.18 -1.72
N GLU C 240 -43.04 -26.07 -2.30
CA GLU C 240 -44.05 -25.68 -3.27
C GLU C 240 -45.31 -25.12 -2.64
N SER C 241 -45.32 -24.89 -1.33
CA SER C 241 -46.51 -24.42 -0.65
C SER C 241 -46.29 -23.16 0.16
N LEU C 242 -45.12 -23.00 0.78
CA LEU C 242 -44.86 -21.87 1.66
C LEU C 242 -44.39 -20.66 0.86
N PHE C 243 -44.82 -19.47 1.29
CA PHE C 243 -44.29 -18.24 0.72
C PHE C 243 -44.39 -17.12 1.73
N GLY C 244 -43.46 -16.17 1.64
CA GLY C 244 -43.45 -15.06 2.57
C GLY C 244 -43.91 -13.75 1.95
N SER C 245 -44.37 -12.83 2.79
CA SER C 245 -44.77 -11.51 2.33
C SER C 245 -44.46 -10.48 3.40
N VAL C 246 -44.07 -9.28 2.95
CA VAL C 246 -43.78 -8.17 3.86
C VAL C 246 -44.61 -6.97 3.43
N ALA C 247 -45.23 -6.30 4.40
CA ALA C 247 -46.16 -5.22 4.08
C ALA C 247 -45.81 -3.96 4.86
N ASP C 248 -46.56 -2.90 4.56
CA ASP C 248 -46.40 -1.60 5.21
C ASP C 248 -46.86 -1.61 6.67
N ASP C 249 -47.54 -2.67 7.11
CA ASP C 249 -47.97 -2.78 8.50
C ASP C 249 -46.88 -3.34 9.40
N GLN C 250 -45.62 -3.21 8.99
CA GLN C 250 -44.46 -3.65 9.78
C GLN C 250 -44.50 -5.15 10.02
N LYS C 251 -45.13 -5.90 9.12
CA LYS C 251 -45.39 -7.31 9.34
C LYS C 251 -44.84 -8.16 8.21
N LEU C 252 -44.33 -9.33 8.59
CA LEU C 252 -43.92 -10.39 7.69
C LEU C 252 -44.76 -11.62 7.98
N MET C 253 -45.40 -12.16 6.94
CA MET C 253 -46.32 -13.28 7.07
C MET C 253 -45.82 -14.44 6.24
N ILE C 254 -45.85 -15.64 6.84
CA ILE C 254 -45.53 -16.88 6.16
C ILE C 254 -46.84 -17.61 5.90
N TRP C 255 -47.17 -17.77 4.62
CA TRP C 255 -48.42 -18.36 4.18
C TRP C 255 -48.17 -19.77 3.65
N ASP C 256 -49.12 -20.66 3.92
CA ASP C 256 -49.14 -22.00 3.36
C ASP C 256 -50.34 -22.09 2.42
N THR C 257 -50.08 -22.46 1.16
CA THR C 257 -51.16 -22.54 0.17
C THR C 257 -52.11 -23.69 0.47
N ARG C 258 -51.71 -24.65 1.31
CA ARG C 258 -52.61 -25.72 1.72
C ARG C 258 -53.57 -25.28 2.82
N SER C 259 -53.30 -24.15 3.47
CA SER C 259 -54.21 -23.63 4.49
C SER C 259 -55.42 -22.99 3.81
N ASN C 260 -56.61 -23.35 4.29
CA ASN C 260 -57.84 -22.86 3.67
C ASN C 260 -58.19 -21.43 4.07
N ASN C 261 -57.65 -20.95 5.19
CA ASN C 261 -57.91 -19.58 5.64
C ASN C 261 -57.09 -18.64 4.77
N THR C 262 -57.75 -17.99 3.81
CA THR C 262 -57.10 -17.05 2.90
C THR C 262 -57.01 -15.64 3.48
N SER C 263 -57.41 -15.45 4.74
CA SER C 263 -57.32 -14.15 5.39
C SER C 263 -56.41 -14.15 6.61
N LYS C 264 -55.90 -15.30 7.04
CA LYS C 264 -54.99 -15.37 8.17
C LYS C 264 -53.80 -16.24 7.78
N PRO C 265 -52.58 -15.71 7.83
CA PRO C 265 -51.42 -16.51 7.45
C PRO C 265 -51.12 -17.60 8.46
N SER C 266 -50.41 -18.63 7.98
CA SER C 266 -49.97 -19.69 8.88
C SER C 266 -49.02 -19.16 9.95
N HIS C 267 -48.31 -18.08 9.66
CA HIS C 267 -47.43 -17.45 10.65
C HIS C 267 -47.41 -15.95 10.41
N SER C 268 -47.40 -15.19 11.50
CA SER C 268 -47.31 -13.73 11.45
C SER C 268 -46.23 -13.25 12.41
N VAL C 269 -45.42 -12.29 11.96
CA VAL C 269 -44.33 -11.75 12.77
C VAL C 269 -44.30 -10.24 12.62
N ASP C 270 -44.23 -9.54 13.75
CA ASP C 270 -43.99 -8.10 13.76
C ASP C 270 -42.50 -7.91 13.50
N ALA C 271 -42.15 -7.81 12.22
CA ALA C 271 -40.75 -7.86 11.83
C ALA C 271 -40.00 -6.59 12.19
N HIS C 272 -40.64 -5.43 12.02
CA HIS C 272 -39.93 -4.17 12.09
C HIS C 272 -40.79 -3.11 12.76
N THR C 273 -40.23 -1.91 12.89
CA THR C 273 -40.91 -0.77 13.47
C THR C 273 -41.44 0.21 12.42
N ALA C 274 -41.26 -0.10 11.14
CA ALA C 274 -41.76 0.73 10.06
C ALA C 274 -42.08 -0.16 8.88
N GLU C 275 -42.29 0.46 7.71
CA GLU C 275 -42.64 -0.30 6.51
C GLU C 275 -41.51 -1.23 6.11
N VAL C 276 -41.87 -2.47 5.78
CA VAL C 276 -40.92 -3.48 5.33
C VAL C 276 -41.11 -3.64 3.83
N ASN C 277 -40.05 -3.34 3.06
CA ASN C 277 -40.21 -3.17 1.62
C ASN C 277 -39.81 -4.40 0.80
N CYS C 278 -39.02 -5.31 1.35
CA CYS C 278 -38.51 -6.41 0.54
C CYS C 278 -38.16 -7.59 1.42
N LEU C 279 -38.09 -8.77 0.81
CA LEU C 279 -37.69 -9.99 1.48
C LEU C 279 -37.05 -10.93 0.45
N SER C 280 -36.25 -11.87 0.95
CA SER C 280 -35.58 -12.84 0.09
C SER C 280 -35.15 -14.04 0.92
N PHE C 281 -35.35 -15.23 0.37
CA PHE C 281 -34.96 -16.46 1.04
C PHE C 281 -33.53 -16.83 0.68
N ASN C 282 -32.81 -17.37 1.66
CA ASN C 282 -31.46 -17.84 1.40
C ASN C 282 -31.51 -19.10 0.53
N PRO C 283 -30.66 -19.19 -0.49
CA PRO C 283 -30.73 -20.35 -1.39
C PRO C 283 -30.14 -21.62 -0.79
N TYR C 284 -29.19 -21.47 0.13
CA TYR C 284 -28.50 -22.61 0.71
C TYR C 284 -29.12 -23.10 2.01
N SER C 285 -29.97 -22.30 2.65
CA SER C 285 -30.61 -22.68 3.90
C SER C 285 -32.12 -22.56 3.72
N GLU C 286 -32.84 -23.66 3.97
CA GLU C 286 -34.29 -23.65 3.92
C GLU C 286 -34.91 -22.80 5.02
N PHE C 287 -34.17 -22.52 6.09
CA PHE C 287 -34.74 -21.89 7.27
C PHE C 287 -34.50 -20.39 7.35
N ILE C 288 -33.51 -19.86 6.63
CA ILE C 288 -33.06 -18.49 6.80
C ILE C 288 -33.65 -17.61 5.72
N LEU C 289 -34.04 -16.39 6.09
CA LEU C 289 -34.47 -15.38 5.14
C LEU C 289 -34.10 -14.01 5.69
N ALA C 290 -34.25 -12.99 4.85
CA ALA C 290 -33.89 -11.62 5.23
C ALA C 290 -34.95 -10.66 4.72
N THR C 291 -35.19 -9.60 5.50
CA THR C 291 -36.17 -8.58 5.15
C THR C 291 -35.56 -7.19 5.33
N GLY C 292 -35.69 -6.35 4.31
CA GLY C 292 -35.22 -4.98 4.39
C GLY C 292 -36.37 -4.03 4.72
N SER C 293 -36.13 -3.11 5.65
CA SER C 293 -37.21 -2.28 6.16
C SER C 293 -36.88 -0.80 5.96
N ALA C 294 -37.84 0.04 6.35
CA ALA C 294 -37.63 1.48 6.41
C ALA C 294 -36.85 1.91 7.64
N ASP C 295 -36.56 0.98 8.55
CA ASP C 295 -35.74 1.25 9.72
C ASP C 295 -34.29 1.55 9.36
N LYS C 296 -33.94 1.55 8.08
CA LYS C 296 -32.56 1.51 7.61
C LYS C 296 -31.87 0.24 8.08
N THR C 297 -32.64 -0.85 8.20
CA THR C 297 -32.15 -2.11 8.74
C THR C 297 -32.55 -3.27 7.86
N VAL C 298 -31.78 -4.35 7.98
CA VAL C 298 -32.11 -5.65 7.39
C VAL C 298 -32.17 -6.68 8.50
N ALA C 299 -33.32 -7.33 8.65
CA ALA C 299 -33.53 -8.31 9.69
C ALA C 299 -33.34 -9.72 9.15
N LEU C 300 -32.60 -10.54 9.89
CA LEU C 300 -32.38 -11.93 9.54
C LEU C 300 -33.33 -12.81 10.35
N TRP C 301 -34.01 -13.74 9.68
CA TRP C 301 -35.06 -14.53 10.30
C TRP C 301 -34.80 -16.01 10.10
N ASP C 302 -34.99 -16.78 11.17
CA ASP C 302 -34.95 -18.23 11.14
C ASP C 302 -36.39 -18.75 11.19
N LEU C 303 -36.75 -19.60 10.25
CA LEU C 303 -38.12 -20.10 10.19
C LEU C 303 -38.45 -21.06 11.33
N ARG C 304 -37.43 -21.63 11.99
CA ARG C 304 -37.67 -22.49 13.13
C ARG C 304 -37.87 -21.70 14.43
N ASN C 305 -37.54 -20.42 14.44
CA ASN C 305 -37.71 -19.57 15.63
C ASN C 305 -38.09 -18.18 15.12
N LEU C 306 -39.39 -17.93 15.00
CA LEU C 306 -39.88 -16.68 14.42
C LEU C 306 -40.08 -15.58 15.44
N LYS C 307 -40.18 -15.91 16.73
CA LYS C 307 -40.31 -14.88 17.75
C LYS C 307 -39.04 -14.05 17.89
N LEU C 308 -37.88 -14.67 17.68
CA LEU C 308 -36.59 -14.01 17.86
C LEU C 308 -36.02 -13.60 16.51
N LYS C 309 -35.68 -12.33 16.38
CA LYS C 309 -34.93 -11.85 15.21
C LYS C 309 -33.48 -12.29 15.34
N LEU C 310 -32.98 -13.02 14.33
CA LEU C 310 -31.63 -13.58 14.41
C LEU C 310 -30.57 -12.49 14.51
N HIS C 311 -30.70 -11.44 13.71
CA HIS C 311 -29.73 -10.35 13.71
C HIS C 311 -30.31 -9.17 12.94
N SER C 312 -29.71 -8.00 13.17
CA SER C 312 -30.10 -6.77 12.49
C SER C 312 -28.87 -6.11 11.89
N PHE C 313 -28.88 -5.94 10.58
CA PHE C 313 -27.83 -5.24 9.85
C PHE C 313 -28.20 -3.77 9.80
N GLU C 314 -27.31 -2.92 10.31
CA GLU C 314 -27.64 -1.53 10.65
C GLU C 314 -26.55 -0.57 10.15
N SER C 315 -26.14 -0.71 8.90
CA SER C 315 -25.18 0.23 8.32
C SER C 315 -25.80 1.15 7.28
N HIS C 316 -27.08 1.00 6.98
CA HIS C 316 -27.73 1.86 6.01
C HIS C 316 -28.06 3.22 6.63
N LYS C 317 -28.17 4.23 5.76
CA LYS C 317 -28.46 5.59 6.20
C LYS C 317 -29.83 6.08 5.79
N ASP C 318 -30.64 5.24 5.14
CA ASP C 318 -31.98 5.62 4.70
C ASP C 318 -32.78 4.35 4.46
N GLU C 319 -33.94 4.50 3.83
CA GLU C 319 -34.83 3.37 3.59
C GLU C 319 -34.17 2.33 2.70
N ILE C 320 -34.61 1.08 2.85
CA ILE C 320 -34.09 -0.05 2.09
C ILE C 320 -35.23 -0.61 1.24
N PHE C 321 -34.98 -0.81 -0.05
CA PHE C 321 -36.02 -1.24 -0.97
C PHE C 321 -35.79 -2.60 -1.61
N GLN C 322 -34.55 -3.09 -1.68
CA GLN C 322 -34.29 -4.41 -2.24
C GLN C 322 -33.22 -5.12 -1.42
N VAL C 323 -33.47 -6.40 -1.13
CA VAL C 323 -32.52 -7.27 -0.46
C VAL C 323 -32.47 -8.59 -1.21
N GLN C 324 -31.29 -9.00 -1.65
CA GLN C 324 -31.12 -10.25 -2.39
C GLN C 324 -29.87 -10.96 -1.90
N TRP C 325 -29.96 -12.29 -1.79
CA TRP C 325 -28.83 -13.10 -1.40
C TRP C 325 -27.90 -13.34 -2.59
N SER C 326 -26.65 -13.62 -2.27
CA SER C 326 -25.71 -14.08 -3.29
C SER C 326 -26.01 -15.54 -3.65
N PRO C 327 -26.05 -15.90 -4.93
CA PRO C 327 -26.31 -17.29 -5.30
C PRO C 327 -25.10 -18.20 -5.16
N HIS C 328 -23.91 -17.65 -4.92
CA HIS C 328 -22.68 -18.44 -4.86
C HIS C 328 -22.08 -18.53 -3.46
N ASN C 329 -22.73 -17.94 -2.45
CA ASN C 329 -22.18 -17.94 -1.10
C ASN C 329 -23.31 -17.67 -0.12
N GLU C 330 -23.56 -18.62 0.79
CA GLU C 330 -24.70 -18.49 1.70
C GLU C 330 -24.50 -17.37 2.71
N THR C 331 -23.25 -17.04 3.04
CA THR C 331 -22.95 -16.04 4.06
C THR C 331 -22.90 -14.63 3.50
N ILE C 332 -23.26 -14.43 2.23
CA ILE C 332 -23.14 -13.14 1.57
C ILE C 332 -24.53 -12.63 1.26
N LEU C 333 -24.80 -11.39 1.65
CA LEU C 333 -26.11 -10.75 1.46
C LEU C 333 -25.90 -9.36 0.90
N ALA C 334 -26.93 -8.82 0.25
CA ALA C 334 -26.85 -7.49 -0.33
C ALA C 334 -28.15 -6.73 -0.09
N SER C 335 -28.02 -5.41 0.06
CA SER C 335 -29.18 -4.56 0.36
C SER C 335 -28.96 -3.19 -0.25
N SER C 336 -29.99 -2.68 -0.94
CA SER C 336 -29.93 -1.37 -1.57
C SER C 336 -31.13 -0.54 -1.14
N GLY C 337 -31.00 0.78 -1.26
CA GLY C 337 -32.06 1.66 -0.85
C GLY C 337 -31.87 3.07 -1.35
N THR C 338 -32.63 3.99 -0.75
CA THR C 338 -32.65 5.39 -1.17
C THR C 338 -31.38 6.14 -0.78
N ASP C 339 -30.51 5.56 0.04
CA ASP C 339 -29.28 6.21 0.45
C ASP C 339 -28.18 6.14 -0.62
N ARG C 340 -28.53 5.78 -1.85
CA ARG C 340 -27.60 5.70 -2.98
C ARG C 340 -26.45 4.72 -2.73
N ARG C 341 -26.66 3.75 -1.83
CA ARG C 341 -25.61 2.81 -1.46
C ARG C 341 -26.11 1.38 -1.64
N LEU C 342 -25.18 0.50 -1.99
CA LEU C 342 -25.44 -0.94 -2.05
C LEU C 342 -24.50 -1.61 -1.05
N ASN C 343 -25.06 -2.11 0.05
CA ASN C 343 -24.26 -2.71 1.12
C ASN C 343 -24.21 -4.22 0.93
N VAL C 344 -23.01 -4.78 1.02
CA VAL C 344 -22.77 -6.22 0.94
C VAL C 344 -22.27 -6.68 2.30
N TRP C 345 -22.94 -7.69 2.86
CA TRP C 345 -22.73 -8.16 4.22
C TRP C 345 -22.24 -9.60 4.21
N ASP C 346 -21.40 -9.92 5.19
CA ASP C 346 -20.93 -11.27 5.44
C ASP C 346 -21.55 -11.78 6.74
N LEU C 347 -22.22 -12.94 6.67
CA LEU C 347 -22.83 -13.51 7.86
C LEU C 347 -21.78 -14.09 8.81
N SER C 348 -20.72 -14.68 8.26
CA SER C 348 -19.70 -15.33 9.09
C SER C 348 -18.82 -14.35 9.86
N LYS C 349 -19.12 -13.04 9.82
CA LYS C 349 -18.38 -12.04 10.57
C LYS C 349 -19.27 -11.35 11.60
N ILE C 350 -20.41 -11.95 11.93
CA ILE C 350 -21.33 -11.36 12.89
C ILE C 350 -20.76 -11.50 14.30
N GLY C 351 -20.78 -10.41 15.06
CA GLY C 351 -20.31 -10.45 16.43
C GLY C 351 -18.83 -10.70 16.59
N GLU C 352 -18.01 -10.24 15.65
CA GLU C 352 -16.57 -10.37 15.76
C GLU C 352 -15.99 -9.12 16.41
N GLU C 353 -14.94 -9.30 17.22
CA GLU C 353 -14.24 -8.16 17.80
C GLU C 353 -13.62 -7.32 16.69
N GLN C 354 -13.61 -6.00 16.90
CA GLN C 354 -13.23 -5.07 15.85
C GLN C 354 -12.27 -4.03 16.41
N SER C 355 -11.28 -3.65 15.60
CA SER C 355 -10.33 -2.63 16.00
C SER C 355 -11.03 -1.28 16.13
N PRO C 356 -10.50 -0.36 16.94
CA PRO C 356 -11.23 0.89 17.21
C PRO C 356 -11.55 1.71 15.97
N GLU C 357 -10.64 1.76 14.98
CA GLU C 357 -10.90 2.54 13.79
C GLU C 357 -11.67 1.78 12.72
N ASP C 358 -11.69 0.44 12.78
CA ASP C 358 -12.51 -0.34 11.87
C ASP C 358 -13.99 -0.24 12.24
N ALA C 359 -14.30 -0.20 13.54
CA ALA C 359 -15.67 -0.01 13.98
C ALA C 359 -16.21 1.35 13.60
N GLU C 360 -15.35 2.31 13.27
CA GLU C 360 -15.82 3.60 12.77
C GLU C 360 -16.53 3.45 11.44
N ASP C 361 -16.13 2.47 10.62
CA ASP C 361 -16.74 2.29 9.30
C ASP C 361 -18.08 1.58 9.38
N GLY C 362 -18.28 0.70 10.36
CA GLY C 362 -19.53 0.00 10.50
C GLY C 362 -19.41 -1.31 11.25
N PRO C 363 -20.48 -2.09 11.29
CA PRO C 363 -20.47 -3.37 11.99
C PRO C 363 -19.54 -4.36 11.30
N PRO C 364 -19.03 -5.36 12.03
CA PRO C 364 -18.09 -6.31 11.41
C PRO C 364 -18.70 -7.09 10.26
N GLU C 365 -20.03 -7.31 10.27
CA GLU C 365 -20.67 -8.08 9.21
C GLU C 365 -20.71 -7.31 7.90
N LEU C 366 -20.54 -5.99 7.92
CA LEU C 366 -20.51 -5.21 6.69
C LEU C 366 -19.22 -5.49 5.94
N LEU C 367 -19.36 -5.93 4.69
CA LEU C 367 -18.22 -6.36 3.88
C LEU C 367 -17.82 -5.31 2.84
N PHE C 368 -18.79 -4.76 2.11
CA PHE C 368 -18.48 -3.87 1.02
C PHE C 368 -19.55 -2.80 0.91
N ILE C 369 -19.15 -1.63 0.43
CA ILE C 369 -20.06 -0.51 0.18
C ILE C 369 -19.90 -0.08 -1.26
N HIS C 370 -20.98 -0.09 -2.02
CA HIS C 370 -21.00 0.39 -3.39
C HIS C 370 -21.66 1.76 -3.40
N GLY C 371 -20.87 2.79 -3.65
CA GLY C 371 -21.38 4.15 -3.66
C GLY C 371 -21.16 4.84 -5.00
N GLY C 372 -21.15 4.07 -6.07
CA GLY C 372 -21.00 4.62 -7.41
C GLY C 372 -22.25 5.19 -8.00
N HIS C 373 -23.39 5.10 -7.29
CA HIS C 373 -24.65 5.63 -7.77
C HIS C 373 -24.89 7.01 -7.17
N THR C 374 -25.31 7.96 -8.00
CA THR C 374 -25.59 9.32 -7.59
C THR C 374 -27.08 9.55 -7.32
N ALA C 375 -27.89 8.50 -7.36
CA ALA C 375 -29.32 8.61 -7.10
C ALA C 375 -29.78 7.34 -6.39
N LYS C 376 -31.09 7.28 -6.11
CA LYS C 376 -31.64 6.12 -5.43
C LYS C 376 -31.50 4.87 -6.30
N ILE C 377 -30.96 3.81 -5.71
CA ILE C 377 -30.80 2.55 -6.41
C ILE C 377 -32.18 1.91 -6.55
N SER C 378 -32.75 1.97 -7.75
CA SER C 378 -34.08 1.41 -7.97
C SER C 378 -34.09 -0.10 -7.76
N ASP C 379 -33.15 -0.80 -8.37
CA ASP C 379 -33.16 -2.26 -8.23
C ASP C 379 -31.81 -2.83 -8.65
N PHE C 380 -31.39 -3.89 -7.96
CA PHE C 380 -30.15 -4.58 -8.29
C PHE C 380 -30.40 -6.08 -8.36
N SER C 381 -29.41 -6.79 -8.89
CA SER C 381 -29.51 -8.23 -9.09
C SER C 381 -28.12 -8.83 -9.15
N TRP C 382 -27.95 -9.97 -8.47
CA TRP C 382 -26.72 -10.76 -8.54
C TRP C 382 -26.68 -11.55 -9.84
N ASN C 383 -25.48 -11.70 -10.37
CA ASN C 383 -25.30 -12.51 -11.57
C ASN C 383 -25.27 -13.98 -11.17
N PRO C 384 -26.20 -14.81 -11.69
CA PRO C 384 -26.21 -16.23 -11.29
C PRO C 384 -25.12 -17.06 -11.94
N ASN C 385 -24.43 -16.54 -12.95
CA ASN C 385 -23.40 -17.28 -13.65
C ASN C 385 -21.98 -16.83 -13.33
N GLU C 386 -21.77 -15.54 -13.06
CA GLU C 386 -20.46 -15.03 -12.69
C GLU C 386 -20.50 -14.57 -11.24
N PRO C 387 -19.73 -15.19 -10.34
CA PRO C 387 -19.80 -14.80 -8.92
C PRO C 387 -19.35 -13.36 -8.70
N TRP C 388 -19.98 -12.72 -7.71
CA TRP C 388 -19.64 -11.38 -7.24
C TRP C 388 -19.88 -10.30 -8.29
N VAL C 389 -20.64 -10.59 -9.34
CA VAL C 389 -21.01 -9.61 -10.35
C VAL C 389 -22.44 -9.15 -10.06
N ILE C 390 -22.61 -7.85 -9.86
CA ILE C 390 -23.90 -7.27 -9.49
C ILE C 390 -24.25 -6.19 -10.49
N CYS C 391 -25.51 -6.18 -10.94
CA CYS C 391 -26.02 -5.12 -11.79
C CYS C 391 -27.04 -4.31 -11.01
N SER C 392 -26.82 -3.00 -10.93
CA SER C 392 -27.69 -2.10 -10.18
C SER C 392 -28.13 -0.95 -11.07
N VAL C 393 -29.44 -0.69 -11.11
CA VAL C 393 -30.02 0.41 -11.85
C VAL C 393 -30.62 1.39 -10.85
N SER C 394 -30.35 2.68 -11.08
CA SER C 394 -30.75 3.76 -10.19
C SER C 394 -31.76 4.67 -10.89
N GLU C 395 -32.13 5.75 -10.20
CA GLU C 395 -33.17 6.65 -10.70
C GLU C 395 -32.69 7.53 -11.84
N ASP C 396 -31.41 7.88 -11.88
CA ASP C 396 -30.91 8.77 -12.94
C ASP C 396 -30.48 7.98 -14.17
N ASN C 397 -31.38 7.10 -14.64
CA ASN C 397 -31.19 6.22 -15.80
C ASN C 397 -29.76 5.69 -15.90
N ILE C 398 -29.19 5.28 -14.77
CA ILE C 398 -27.83 4.78 -14.72
C ILE C 398 -27.88 3.30 -14.35
N MET C 399 -27.29 2.47 -15.20
CA MET C 399 -27.12 1.04 -14.96
C MET C 399 -25.63 0.75 -14.81
N GLN C 400 -25.26 0.06 -13.74
CA GLN C 400 -23.88 -0.25 -13.46
C GLN C 400 -23.74 -1.75 -13.21
N VAL C 401 -22.92 -2.40 -14.03
CA VAL C 401 -22.55 -3.80 -13.83
C VAL C 401 -21.14 -3.80 -13.28
N TRP C 402 -20.98 -4.28 -12.05
CA TRP C 402 -19.71 -4.15 -11.36
C TRP C 402 -19.37 -5.43 -10.61
N GLN C 403 -18.13 -5.50 -10.15
CA GLN C 403 -17.65 -6.60 -9.33
C GLN C 403 -16.54 -6.06 -8.44
N MET C 404 -16.65 -6.28 -7.13
CA MET C 404 -15.65 -5.76 -6.21
C MET C 404 -14.35 -6.55 -6.34
N ALA C 405 -13.28 -5.97 -5.79
CA ALA C 405 -11.95 -6.52 -5.98
C ALA C 405 -11.82 -7.90 -5.35
N GLU C 406 -10.95 -8.72 -5.94
CA GLU C 406 -10.77 -10.10 -5.46
C GLU C 406 -10.21 -10.14 -4.05
N ASN C 407 -9.28 -9.23 -3.74
CA ASN C 407 -8.65 -9.22 -2.42
C ASN C 407 -9.59 -8.80 -1.31
N ILE C 408 -10.87 -8.56 -1.61
CA ILE C 408 -11.84 -8.19 -0.59
C ILE C 408 -12.59 -9.39 -0.05
N TYR C 409 -13.03 -10.30 -0.91
CA TYR C 409 -13.78 -11.48 -0.48
C TYR C 409 -12.90 -12.72 -0.34
N ASN C 410 -11.96 -12.94 -1.26
CA ASN C 410 -11.10 -14.11 -1.19
C ASN C 410 -10.00 -13.92 -0.15
N ASP C 411 -9.15 -12.91 -0.36
CA ASP C 411 -8.04 -12.60 0.54
C ASP C 411 -7.12 -13.80 0.76
N GLY D 22 16.10 1.91 64.04
CA GLY D 22 15.96 0.48 63.84
C GLY D 22 17.23 -0.19 63.36
N SER D 23 18.34 0.15 64.00
CA SER D 23 19.64 -0.41 63.62
C SER D 23 19.76 -1.83 64.12
N CYS D 24 19.95 -2.77 63.20
CA CYS D 24 20.08 -4.19 63.53
C CYS D 24 21.56 -4.54 63.66
N GLY D 25 21.99 -4.87 64.87
CA GLY D 25 23.37 -5.27 65.09
C GLY D 25 24.33 -4.14 64.77
N LYS D 26 25.29 -4.42 63.88
CA LYS D 26 26.30 -3.47 63.48
C LYS D 26 25.97 -2.75 62.17
N PHE D 27 24.76 -2.92 61.67
CA PHE D 27 24.34 -2.31 60.42
C PHE D 27 23.46 -1.09 60.66
N ALA D 28 23.69 -0.04 59.89
CA ALA D 28 22.89 1.16 60.00
C ALA D 28 21.48 0.92 59.46
N PRO D 29 20.50 1.69 59.93
CA PRO D 29 19.15 1.57 59.37
C PRO D 29 19.12 1.99 57.91
N PHE D 30 18.14 1.44 57.19
CA PHE D 30 18.00 1.75 55.77
C PHE D 30 17.66 3.22 55.57
N GLU D 31 18.34 3.84 54.61
CA GLU D 31 18.19 5.27 54.34
C GLU D 31 17.26 5.45 53.15
N ILE D 32 16.09 6.05 53.40
CA ILE D 32 15.15 6.37 52.33
C ILE D 32 15.64 7.64 51.64
N LYS D 33 15.84 7.57 50.33
CA LYS D 33 16.38 8.69 49.57
C LYS D 33 15.27 9.71 49.31
N GLU D 34 15.58 10.74 48.51
CA GLU D 34 14.69 11.88 48.37
C GLU D 34 13.38 11.48 47.70
N HIS D 35 13.44 10.65 46.67
CA HIS D 35 12.27 10.27 45.90
C HIS D 35 11.98 8.78 45.98
N MET D 36 12.33 8.16 47.10
CA MET D 36 12.17 6.72 47.27
C MET D 36 10.82 6.37 47.86
N VAL D 37 10.33 5.18 47.50
CA VAL D 37 9.16 4.58 48.10
C VAL D 37 9.48 3.12 48.41
N LEU D 38 9.02 2.66 49.57
CA LEU D 38 9.22 1.28 50.02
C LEU D 38 7.90 0.52 49.91
N ALA D 39 7.96 -0.68 49.34
CA ALA D 39 6.78 -1.52 49.27
C ALA D 39 6.32 -1.89 50.68
N PRO D 40 5.02 -1.97 50.92
CA PRO D 40 4.55 -2.33 52.27
C PRO D 40 5.02 -3.72 52.68
N ARG D 41 5.39 -3.85 53.95
CA ARG D 41 5.85 -5.13 54.47
C ARG D 41 4.70 -6.08 54.76
N ARG D 42 3.52 -5.53 55.09
CA ARG D 42 2.33 -6.32 55.35
C ARG D 42 1.27 -6.00 54.30
N ARG D 43 0.38 -6.95 54.06
CA ARG D 43 -0.73 -6.76 53.13
C ARG D 43 -2.09 -6.86 53.80
N THR D 44 -2.14 -6.87 55.14
CA THR D 44 -3.40 -6.99 55.86
C THR D 44 -3.29 -6.17 57.14
N ALA D 45 -4.43 -5.64 57.58
CA ALA D 45 -4.47 -4.91 58.84
C ALA D 45 -4.15 -5.85 60.01
N PHE D 46 -3.54 -5.28 61.05
CA PHE D 46 -3.07 -6.06 62.18
C PHE D 46 -4.24 -6.46 63.07
N HIS D 47 -4.42 -7.77 63.26
CA HIS D 47 -5.39 -8.29 64.20
C HIS D 47 -4.66 -8.79 65.44
N PRO D 48 -4.98 -8.28 66.63
CA PRO D 48 -4.19 -8.62 67.82
C PRO D 48 -4.28 -10.09 68.21
N ASP D 49 -5.51 -10.64 68.23
CA ASP D 49 -5.69 -12.02 68.64
C ASP D 49 -5.23 -13.02 67.58
N LEU D 50 -4.99 -12.56 66.36
CA LEU D 50 -4.77 -13.42 65.19
C LEU D 50 -3.84 -14.59 65.51
N CYS D 51 -2.60 -14.27 65.89
CA CYS D 51 -1.60 -15.30 66.13
C CYS D 51 -2.13 -16.36 67.08
N SER D 52 -2.69 -15.93 68.22
CA SER D 52 -3.21 -16.88 69.20
C SER D 52 -4.23 -17.81 68.55
N GLN D 53 -5.19 -17.24 67.82
CA GLN D 53 -6.18 -18.07 67.17
C GLN D 53 -5.52 -19.05 66.21
N LEU D 54 -4.53 -18.58 65.45
CA LEU D 54 -3.80 -19.47 64.55
C LEU D 54 -3.25 -20.66 65.32
N ASP D 55 -2.62 -20.40 66.47
CA ASP D 55 -2.08 -21.49 67.28
C ASP D 55 -3.18 -22.49 67.60
N GLN D 56 -4.34 -22.00 68.04
CA GLN D 56 -5.47 -22.90 68.30
C GLN D 56 -5.81 -23.68 67.04
N LEU D 57 -5.98 -22.98 65.92
CA LEU D 57 -6.31 -23.67 64.68
C LEU D 57 -5.16 -24.54 64.20
N LEU D 58 -3.94 -24.30 64.68
CA LEU D 58 -2.84 -25.19 64.37
C LEU D 58 -2.90 -26.47 65.19
N GLN D 59 -3.45 -26.40 66.40
CA GLN D 59 -3.52 -27.56 67.29
C GLN D 59 -4.79 -28.37 67.08
N GLN D 60 -5.92 -27.70 66.83
CA GLN D 60 -7.19 -28.41 66.68
C GLN D 60 -7.16 -29.38 65.51
N GLN D 61 -6.63 -28.93 64.35
CA GLN D 61 -6.59 -29.72 63.13
C GLN D 61 -7.99 -30.18 62.72
N SER D 62 -8.99 -29.36 62.98
CA SER D 62 -10.37 -29.67 62.63
C SER D 62 -10.61 -29.33 61.16
N GLY D 63 -11.03 -30.31 60.38
CA GLY D 63 -11.25 -30.10 58.96
C GLY D 63 -12.55 -29.40 58.63
N GLU D 64 -13.07 -28.61 59.58
CA GLU D 64 -14.33 -27.91 59.37
C GLU D 64 -14.19 -26.86 58.26
N PHE D 65 -13.09 -26.12 58.25
CA PHE D 65 -12.94 -24.97 57.37
C PHE D 65 -12.40 -25.41 56.00
N SER D 66 -13.13 -25.04 54.95
CA SER D 66 -12.69 -25.24 53.57
C SER D 66 -12.48 -23.86 52.94
N PHE D 67 -11.21 -23.53 52.67
CA PHE D 67 -10.90 -22.19 52.17
C PHE D 67 -11.33 -22.02 50.72
N LEU D 68 -11.16 -23.06 49.90
CA LEU D 68 -11.54 -22.99 48.50
C LEU D 68 -13.05 -22.78 48.34
N LYS D 69 -13.84 -23.26 49.29
CA LYS D 69 -15.28 -23.01 49.26
C LYS D 69 -15.57 -21.52 49.48
N ASP D 70 -14.92 -20.92 50.47
CA ASP D 70 -15.13 -19.50 50.76
C ASP D 70 -14.55 -18.60 49.68
N LEU D 71 -13.59 -19.09 48.88
CA LEU D 71 -12.98 -18.24 47.86
C LEU D 71 -14.00 -17.78 46.83
N LYS D 72 -14.90 -18.67 46.39
CA LYS D 72 -15.89 -18.30 45.39
C LYS D 72 -17.06 -17.51 45.97
N GLY D 73 -17.21 -17.49 47.29
CA GLY D 73 -18.28 -16.76 47.93
C GLY D 73 -17.99 -15.32 48.30
N ARG D 74 -16.79 -14.83 48.01
CA ARG D 74 -16.43 -13.44 48.31
C ARG D 74 -15.53 -12.92 47.20
N GLN D 75 -15.07 -11.68 47.37
CA GLN D 75 -14.17 -11.07 46.40
C GLN D 75 -12.72 -11.33 46.79
N PRO D 76 -11.84 -11.58 45.82
CA PRO D 76 -10.43 -11.81 46.14
C PRO D 76 -9.81 -10.59 46.81
N LEU D 77 -8.96 -10.86 47.80
CA LEU D 77 -8.26 -9.80 48.52
C LEU D 77 -7.10 -9.29 47.65
N ARG D 78 -7.14 -8.00 47.31
CA ARG D 78 -6.16 -7.40 46.42
C ARG D 78 -5.53 -6.18 47.09
N SER D 79 -4.49 -5.66 46.43
CA SER D 79 -3.88 -4.41 46.83
C SER D 79 -3.36 -3.71 45.59
N GLY D 80 -3.25 -2.39 45.66
CA GLY D 80 -2.90 -1.59 44.51
C GLY D 80 -1.40 -1.35 44.40
N PRO D 81 -1.00 -0.67 43.34
CA PRO D 81 0.43 -0.33 43.18
C PRO D 81 0.89 0.61 44.30
N THR D 82 2.18 0.50 44.63
CA THR D 82 2.72 1.29 45.73
C THR D 82 2.71 2.77 45.37
N HIS D 83 2.15 3.58 46.26
CA HIS D 83 2.05 5.02 46.05
C HIS D 83 2.84 5.77 47.12
N VAL D 84 3.14 7.02 46.81
CA VAL D 84 3.86 7.88 47.75
C VAL D 84 2.88 8.42 48.79
N SER D 85 3.30 8.40 50.05
CA SER D 85 2.44 8.89 51.14
C SER D 85 3.21 9.77 52.12
N THR D 86 4.39 10.24 51.77
CA THR D 86 5.18 11.09 52.67
C THR D 86 4.48 12.44 52.85
N ARG D 87 4.72 13.06 54.00
CA ARG D 87 4.14 14.35 54.30
C ARG D 87 4.82 15.45 53.49
N ASN D 88 4.01 16.32 52.88
CA ASN D 88 4.50 17.40 52.03
C ASN D 88 5.42 16.87 50.92
N ALA D 89 5.05 15.71 50.37
CA ALA D 89 5.91 15.05 49.40
C ALA D 89 5.80 15.66 48.01
N ASP D 90 4.62 15.60 47.42
CA ASP D 90 4.41 16.02 46.02
C ASP D 90 3.49 17.23 46.00
N ILE D 91 4.09 18.41 45.82
CA ILE D 91 3.36 19.67 45.70
C ILE D 91 4.01 20.45 44.55
N PHE D 92 3.23 20.74 43.52
CA PHE D 92 3.76 21.32 42.29
C PHE D 92 2.90 22.51 41.86
N ASN D 93 3.45 23.30 40.95
CA ASN D 93 2.77 24.45 40.39
C ASN D 93 2.85 24.41 38.87
N SER D 94 1.75 24.79 38.22
CA SER D 94 1.69 24.86 36.76
C SER D 94 1.46 26.31 36.36
N ASP D 95 2.38 26.85 35.56
CA ASP D 95 2.33 28.23 35.10
C ASP D 95 1.86 28.34 33.65
N VAL D 96 1.23 27.29 33.12
CA VAL D 96 0.98 27.16 31.69
C VAL D 96 -0.47 26.76 31.47
N VAL D 97 -1.08 27.32 30.42
CA VAL D 97 -2.38 26.88 29.91
C VAL D 97 -2.19 26.49 28.45
N ILE D 98 -2.72 25.34 28.07
CA ILE D 98 -2.54 24.81 26.72
C ILE D 98 -3.65 25.32 25.81
N VAL D 99 -3.26 25.83 24.65
CA VAL D 99 -4.19 26.26 23.61
C VAL D 99 -3.89 25.48 22.34
N GLU D 100 -4.89 24.81 21.80
CA GLU D 100 -4.73 23.96 20.64
C GLU D 100 -5.42 24.60 19.44
N ARG D 101 -4.66 24.76 18.35
CA ARG D 101 -5.16 25.39 17.13
C ARG D 101 -4.77 24.55 15.92
N GLY D 102 -5.66 24.49 14.93
CA GLY D 102 -5.38 23.73 13.72
C GLY D 102 -6.34 22.58 13.48
N LYS D 103 -6.62 22.30 12.21
CA LYS D 103 -7.54 21.23 11.85
C LYS D 103 -6.99 19.87 12.24
N GLY D 104 -5.68 19.68 12.14
CA GLY D 104 -5.07 18.40 12.40
C GLY D 104 -5.28 17.40 11.28
N ASP D 105 -4.86 16.17 11.55
CA ASP D 105 -4.99 15.07 10.61
C ASP D 105 -6.27 14.26 10.82
N GLY D 106 -7.09 14.61 11.81
CA GLY D 106 -8.28 13.84 12.11
C GLY D 106 -8.02 12.44 12.59
N VAL D 107 -6.98 12.25 13.41
CA VAL D 107 -6.62 10.95 13.94
C VAL D 107 -7.72 10.46 14.88
N PRO D 108 -7.94 9.16 14.99
CA PRO D 108 -9.02 8.66 15.85
C PRO D 108 -8.79 9.00 17.32
N GLU D 109 -9.81 8.74 18.13
CA GLU D 109 -9.72 8.97 19.56
C GLU D 109 -8.68 8.06 20.18
N ARG D 110 -7.76 8.66 20.95
CA ARG D 110 -6.69 7.89 21.59
C ARG D 110 -7.26 6.93 22.64
N ARG D 111 -8.32 7.35 23.34
CA ARG D 111 -8.87 6.58 24.45
C ARG D 111 -9.22 5.16 24.06
N LYS D 112 -9.67 4.96 22.82
CA LYS D 112 -10.10 3.65 22.35
C LYS D 112 -8.95 2.78 21.84
N PHE D 113 -7.69 3.11 22.16
CA PHE D 113 -6.55 2.34 21.67
C PHE D 113 -5.81 1.61 22.78
N GLY D 114 -6.23 1.75 24.04
CA GLY D 114 -5.67 0.95 25.11
C GLY D 114 -4.27 1.41 25.52
N ARG D 115 -3.69 0.60 26.41
CA ARG D 115 -2.36 0.89 26.93
C ARG D 115 -1.30 0.70 25.85
N MET D 116 -0.26 1.54 25.90
CA MET D 116 0.88 1.40 25.01
C MET D 116 1.81 0.33 25.56
N LYS D 117 2.07 -0.70 24.75
CA LYS D 117 2.90 -1.81 25.17
C LYS D 117 4.37 -1.55 24.83
N LEU D 118 5.26 -1.98 25.71
CA LEU D 118 6.70 -1.87 25.52
C LEU D 118 7.25 -3.29 25.32
N LEU D 119 7.74 -3.57 24.12
CA LEU D 119 8.32 -4.86 23.78
C LEU D 119 9.74 -4.60 23.26
N GLN D 120 10.73 -4.95 24.07
CA GLN D 120 12.14 -4.83 23.69
C GLN D 120 12.84 -6.16 23.92
N PHE D 121 13.74 -6.50 23.00
CA PHE D 121 14.45 -7.78 23.03
C PHE D 121 15.94 -7.53 22.90
N CYS D 122 16.73 -8.33 23.65
CA CYS D 122 18.17 -8.15 23.65
C CYS D 122 18.78 -8.45 22.29
N GLU D 123 18.27 -9.49 21.62
CA GLU D 123 18.86 -9.98 20.37
C GLU D 123 18.36 -9.24 19.15
N ASN D 124 17.46 -8.27 19.31
CA ASN D 124 16.88 -7.57 18.17
C ASN D 124 17.76 -6.37 17.79
N HIS D 125 18.16 -6.32 16.52
CA HIS D 125 18.84 -5.14 16.01
C HIS D 125 17.89 -3.94 15.97
N ARG D 126 16.63 -4.19 15.62
CA ARG D 126 15.63 -3.14 15.56
C ARG D 126 15.36 -2.60 16.96
N PRO D 127 15.20 -1.28 17.11
CA PRO D 127 15.01 -0.70 18.44
C PRO D 127 13.71 -1.17 19.10
N ALA D 128 13.58 -0.80 20.37
CA ALA D 128 12.45 -1.24 21.18
C ALA D 128 11.13 -0.74 20.61
N TYR D 129 10.09 -1.57 20.73
CA TYR D 129 8.75 -1.17 20.31
C TYR D 129 8.01 -0.56 21.49
N TRP D 130 7.46 0.65 21.27
CA TRP D 130 6.69 1.38 22.26
C TRP D 130 5.42 1.85 21.57
N GLY D 131 4.35 1.06 21.66
CA GLY D 131 3.12 1.42 20.98
C GLY D 131 2.00 0.46 21.29
N THR D 132 0.79 0.87 20.88
CA THR D 132 -0.42 0.11 21.13
C THR D 132 -0.52 -1.10 20.21
N TRP D 133 -1.47 -1.98 20.53
CA TRP D 133 -1.71 -3.19 19.74
C TRP D 133 -3.19 -3.51 19.84
N ASN D 134 -3.91 -3.40 18.73
CA ASN D 134 -5.35 -3.61 18.70
C ASN D 134 -5.77 -4.72 17.74
N LYS D 135 -4.84 -5.53 17.25
CA LYS D 135 -5.20 -6.67 16.43
C LYS D 135 -5.98 -7.69 17.26
N LYS D 136 -6.95 -8.35 16.63
CA LYS D 136 -7.88 -9.23 17.31
C LYS D 136 -7.74 -10.65 16.79
N THR D 137 -7.56 -11.60 17.71
CA THR D 137 -7.46 -13.01 17.38
C THR D 137 -8.38 -13.82 18.28
N ALA D 138 -8.66 -15.04 17.85
CA ALA D 138 -9.40 -16.00 18.66
C ALA D 138 -8.59 -17.25 18.98
N LEU D 139 -7.32 -17.32 18.56
CA LEU D 139 -6.49 -18.50 18.75
C LEU D 139 -5.24 -18.27 19.57
N ILE D 140 -4.72 -17.04 19.63
CA ILE D 140 -3.55 -16.75 20.45
C ILE D 140 -4.00 -16.53 21.89
N ARG D 141 -4.01 -17.60 22.67
CA ARG D 141 -4.51 -17.59 24.04
C ARG D 141 -3.36 -17.52 25.03
N ALA D 142 -3.67 -17.00 26.22
CA ALA D 142 -2.71 -17.06 27.31
C ALA D 142 -2.49 -18.48 27.81
N ARG D 143 -3.46 -19.37 27.57
CA ARG D 143 -3.32 -20.77 27.95
C ARG D 143 -2.36 -21.52 27.03
N ASP D 144 -2.05 -20.95 25.86
CA ASP D 144 -1.16 -21.60 24.90
C ASP D 144 -0.41 -20.51 24.15
N PRO D 145 0.76 -20.09 24.66
CA PRO D 145 1.52 -19.03 23.97
C PRO D 145 1.96 -19.41 22.58
N TRP D 146 2.26 -20.68 22.33
CA TRP D 146 2.76 -21.14 21.05
C TRP D 146 1.64 -21.47 20.05
N ALA D 147 0.38 -21.25 20.43
CA ALA D 147 -0.74 -21.51 19.52
C ALA D 147 -0.67 -20.55 18.35
N GLN D 148 -0.59 -21.10 17.13
CA GLN D 148 -0.46 -20.29 15.94
C GLN D 148 -1.79 -19.66 15.56
N ASP D 149 -1.71 -18.47 14.95
CA ASP D 149 -2.85 -17.80 14.33
C ASP D 149 -2.37 -17.39 12.94
N THR D 150 -2.48 -18.30 11.97
CA THR D 150 -2.03 -18.01 10.63
C THR D 150 -2.99 -17.04 9.93
N LYS D 151 -2.49 -16.45 8.84
CA LYS D 151 -3.27 -15.59 7.95
C LYS D 151 -3.57 -14.24 8.59
N LEU D 152 -3.22 -14.07 9.87
CA LEU D 152 -3.26 -12.78 10.53
C LEU D 152 -1.89 -12.25 10.90
N LEU D 153 -0.98 -13.14 11.31
CA LEU D 153 0.41 -12.80 11.55
C LEU D 153 1.27 -13.70 10.68
N ASP D 154 2.07 -13.10 9.80
CA ASP D 154 2.98 -13.87 8.96
C ASP D 154 4.13 -14.36 9.83
N TYR D 155 4.23 -15.68 9.99
CA TYR D 155 5.15 -16.25 10.98
C TYR D 155 6.55 -16.32 10.35
N GLU D 156 7.15 -15.14 10.25
CA GLU D 156 8.53 -14.96 9.84
C GLU D 156 9.16 -13.89 10.73
N VAL D 157 10.47 -13.71 10.59
CA VAL D 157 11.20 -12.81 11.48
C VAL D 157 10.74 -11.38 11.22
N ASP D 158 10.19 -10.74 12.27
CA ASP D 158 9.84 -9.32 12.16
C ASP D 158 11.09 -8.47 11.97
N SER D 159 12.18 -8.82 12.65
CA SER D 159 13.44 -8.09 12.53
C SER D 159 14.28 -8.68 11.39
N ASP D 160 13.70 -8.64 10.20
CA ASP D 160 14.41 -9.08 9.00
C ASP D 160 15.57 -8.17 8.69
N GLU D 161 15.35 -6.86 8.65
CA GLU D 161 16.38 -5.90 8.33
C GLU D 161 16.03 -4.55 8.94
N GLU D 162 17.02 -3.69 9.03
CA GLU D 162 16.83 -2.34 9.58
C GLU D 162 17.71 -1.33 8.84
N LYS D 217 -3.29 20.65 15.13
CA LYS D 217 -1.99 20.80 14.49
C LYS D 217 -0.94 21.31 15.49
N VAL D 218 -1.18 22.50 16.05
CA VAL D 218 -0.25 23.13 16.98
C VAL D 218 -0.88 23.15 18.37
N ARG D 219 -0.09 22.79 19.37
CA ARG D 219 -0.51 22.78 20.77
C ARG D 219 0.44 23.68 21.55
N GLN D 220 0.09 24.96 21.63
CA GLN D 220 0.94 25.93 22.31
C GLN D 220 0.72 25.87 23.82
N LYS D 221 1.81 26.09 24.55
CA LYS D 221 1.80 26.05 26.02
C LYS D 221 2.04 27.48 26.52
N LEU D 222 0.97 28.25 26.64
CA LEU D 222 1.07 29.66 26.96
C LEU D 222 1.39 29.89 28.44
N LYS D 223 2.23 30.88 28.70
CA LYS D 223 2.44 31.38 30.05
C LYS D 223 1.38 32.45 30.34
N ALA D 224 1.43 33.01 31.55
CA ALA D 224 0.39 33.95 31.97
C ALA D 224 0.34 35.17 31.06
N LYS D 225 1.50 35.74 30.74
CA LYS D 225 1.55 36.90 29.86
C LYS D 225 1.04 36.55 28.47
N GLU D 226 1.47 35.41 27.93
CA GLU D 226 1.01 34.99 26.61
C GLU D 226 -0.45 34.57 26.62
N TRP D 227 -0.92 33.99 27.73
CA TRP D 227 -2.34 33.69 27.86
C TRP D 227 -3.19 34.96 27.85
N ASP D 228 -2.72 36.00 28.55
CA ASP D 228 -3.42 37.28 28.50
C ASP D 228 -3.44 37.85 27.09
N GLU D 229 -2.30 37.79 26.39
CA GLU D 229 -2.26 38.31 25.02
C GLU D 229 -3.14 37.50 24.08
N PHE D 230 -3.26 36.19 24.31
CA PHE D 230 -4.14 35.36 23.49
C PHE D 230 -5.61 35.70 23.74
N LEU D 231 -5.99 35.87 25.00
CA LEU D 231 -7.35 36.31 25.31
C LEU D 231 -7.63 37.67 24.69
N ALA D 232 -6.63 38.54 24.62
CA ALA D 232 -6.82 39.84 23.98
C ALA D 232 -6.99 39.71 22.47
N LYS D 233 -6.17 38.87 21.83
CA LYS D 233 -6.13 38.81 20.37
C LYS D 233 -7.09 37.76 19.80
N GLY D 234 -6.96 36.50 20.26
CA GLY D 234 -7.79 35.42 19.75
C GLY D 234 -6.95 34.35 19.07
N LYS D 235 -7.57 33.63 18.15
CA LYS D 235 -6.86 32.60 17.39
C LYS D 235 -5.79 33.20 16.49
N ARG D 236 -5.91 34.48 16.14
CA ARG D 236 -4.90 35.17 15.35
C ARG D 236 -3.59 35.34 16.10
N PHE D 237 -3.62 35.22 17.43
CA PHE D 237 -2.41 35.40 18.23
C PHE D 237 -1.44 34.25 18.03
N ARG D 238 -0.15 34.58 17.98
CA ARG D 238 0.92 33.59 18.03
C ARG D 238 2.01 34.12 18.95
N VAL D 239 2.68 33.19 19.63
CA VAL D 239 3.71 33.59 20.59
C VAL D 239 4.85 34.29 19.86
N LEU D 240 5.49 35.23 20.57
CA LEU D 240 6.60 35.96 20.00
C LEU D 240 7.85 35.10 19.97
N GLN D 241 8.64 35.27 18.91
CA GLN D 241 9.95 34.62 18.81
C GLN D 241 11.02 35.70 18.88
N PRO D 242 11.65 35.90 20.04
CA PRO D 242 12.65 36.98 20.16
C PRO D 242 13.82 36.77 19.23
N VAL D 243 14.31 37.87 18.66
CA VAL D 243 15.44 37.87 17.74
C VAL D 243 16.51 38.77 18.32
N LYS D 244 17.60 38.17 18.81
CA LYS D 244 18.74 38.93 19.33
C LYS D 244 19.97 38.59 18.51
N ILE D 245 20.69 39.62 18.09
CA ILE D 245 21.96 39.46 17.38
C ILE D 245 23.07 39.93 18.29
N GLY D 246 24.03 39.05 18.54
CA GLY D 246 25.14 39.36 19.43
C GLY D 246 26.01 40.49 18.94
N CYS D 247 26.99 40.89 19.74
CA CYS D 247 27.86 42.01 19.40
C CYS D 247 28.70 41.66 18.18
N VAL D 248 28.40 42.30 17.05
CA VAL D 248 29.11 42.08 15.79
C VAL D 248 29.78 43.39 15.40
N TRP D 249 31.10 43.38 15.35
CA TRP D 249 31.88 44.58 15.09
C TRP D 249 32.48 44.53 13.69
N ALA D 250 32.86 45.72 13.19
CA ALA D 250 33.53 45.81 11.90
C ALA D 250 34.94 45.23 11.94
N ALA D 251 35.55 45.18 13.13
CA ALA D 251 36.87 44.59 13.28
C ALA D 251 36.84 43.08 13.48
N ASP D 252 35.69 42.54 13.90
CA ASP D 252 35.56 41.11 14.12
C ASP D 252 35.82 40.35 12.82
N ARG D 253 36.60 39.28 12.91
CA ARG D 253 36.97 38.49 11.75
C ARG D 253 36.22 37.17 11.66
N ASP D 254 35.98 36.51 12.80
CA ASP D 254 35.28 35.23 12.81
C ASP D 254 33.77 35.37 12.99
N CYS D 255 33.25 36.60 13.03
CA CYS D 255 31.81 36.80 13.14
C CYS D 255 31.08 36.25 11.93
N ALA D 256 29.90 35.69 12.17
CA ALA D 256 29.11 35.13 11.08
C ALA D 256 28.70 36.21 10.09
N GLY D 257 28.83 35.90 8.79
CA GLY D 257 28.48 36.87 7.78
C GLY D 257 26.99 37.13 7.66
N ASP D 258 26.17 36.16 8.08
CA ASP D 258 24.72 36.34 8.04
C ASP D 258 24.30 37.47 8.98
N ASP D 259 24.79 37.44 10.22
CA ASP D 259 24.53 38.53 11.16
C ASP D 259 25.07 39.85 10.64
N LEU D 260 26.25 39.80 10.01
CA LEU D 260 26.85 41.02 9.48
C LEU D 260 25.96 41.66 8.41
N LYS D 261 25.39 40.85 7.52
CA LYS D 261 24.52 41.40 6.49
C LYS D 261 23.19 41.88 7.08
N VAL D 262 22.64 41.14 8.04
CA VAL D 262 21.40 41.56 8.67
C VAL D 262 21.57 42.91 9.36
N LEU D 263 22.74 43.12 9.98
CA LEU D 263 23.03 44.42 10.57
C LEU D 263 23.37 45.48 9.53
N GLN D 264 23.96 45.07 8.40
CA GLN D 264 24.18 45.98 7.28
C GLN D 264 22.86 46.50 6.72
N GLN D 265 21.77 45.75 6.91
CA GLN D 265 20.46 46.23 6.48
C GLN D 265 20.07 47.54 7.16
N PHE D 266 20.68 47.87 8.30
CA PHE D 266 20.43 49.13 9.00
C PHE D 266 21.60 50.11 8.88
N ALA D 267 22.42 49.97 7.84
CA ALA D 267 23.62 50.79 7.72
C ALA D 267 23.27 52.25 7.50
N ALA D 268 24.03 53.14 8.14
CA ALA D 268 23.75 54.58 8.05
C ALA D 268 23.96 55.09 6.64
N CYS D 269 23.12 56.05 6.24
CA CYS D 269 23.23 56.68 4.93
C CYS D 269 23.50 58.16 5.11
N PHE D 270 24.57 58.65 4.49
CA PHE D 270 25.03 60.02 4.67
C PHE D 270 24.46 60.92 3.57
N LEU D 271 24.24 62.18 3.92
CA LEU D 271 23.65 63.16 3.00
C LEU D 271 24.62 64.31 2.79
N GLU D 272 24.87 64.65 1.53
CA GLU D 272 25.81 65.72 1.19
C GLU D 272 25.09 66.90 0.54
N MET E 1 26.10 39.84 24.53
CA MET E 1 24.99 40.47 25.24
C MET E 1 23.89 39.47 25.55
N LYS E 2 23.10 39.77 26.58
CA LYS E 2 22.01 38.90 26.99
C LYS E 2 20.72 39.73 27.09
N VAL E 3 19.59 39.07 26.83
CA VAL E 3 18.28 39.70 26.90
C VAL E 3 17.46 38.98 27.95
N ILE E 4 16.95 39.74 28.92
CA ILE E 4 16.13 39.19 29.99
C ILE E 4 14.80 39.93 29.96
N THR E 5 13.76 39.26 29.49
CA THR E 5 12.42 39.85 29.47
C THR E 5 11.68 39.47 30.75
N CYS E 6 11.12 40.46 31.41
CA CYS E 6 10.49 40.24 32.71
C CYS E 6 9.07 39.73 32.50
N GLU E 7 8.75 38.56 33.07
CA GLU E 7 7.45 37.94 32.92
C GLU E 7 6.49 38.31 34.04
N ILE E 8 6.84 39.29 34.87
CA ILE E 8 6.00 39.73 35.98
C ILE E 8 5.76 41.22 35.81
N ALA E 9 4.49 41.63 35.85
CA ALA E 9 4.14 43.00 35.54
C ALA E 9 4.50 43.93 36.69
N TRP E 10 5.21 45.01 36.37
CA TRP E 10 5.62 45.97 37.39
C TRP E 10 4.49 46.90 37.81
N HIS E 11 3.56 47.21 36.90
CA HIS E 11 2.52 48.20 37.18
C HIS E 11 1.13 47.61 37.01
N ASN E 12 0.90 46.42 37.55
CA ASN E 12 -0.41 45.75 37.49
C ASN E 12 -0.86 45.55 36.04
N LYS E 13 0.09 45.14 35.19
CA LYS E 13 -0.16 44.84 33.78
C LYS E 13 -0.60 46.08 32.99
N GLU E 14 -0.61 47.24 33.63
CA GLU E 14 -0.86 48.48 32.94
C GLU E 14 0.38 48.89 32.15
N PRO E 15 0.22 49.68 31.09
CA PRO E 15 1.37 50.09 30.28
C PRO E 15 2.42 50.83 31.09
N VAL E 16 3.68 50.55 30.79
CA VAL E 16 4.82 51.25 31.37
C VAL E 16 5.31 52.25 30.35
N TYR E 17 5.35 53.52 30.74
CA TYR E 17 5.59 54.62 29.80
C TYR E 17 7.02 55.14 29.83
N SER E 18 7.76 54.95 30.92
CA SER E 18 9.09 55.54 31.01
C SER E 18 9.98 54.72 31.93
N LEU E 19 11.29 54.88 31.72
CA LEU E 19 12.31 54.23 32.53
C LEU E 19 13.51 55.16 32.64
N ASP E 20 14.24 55.05 33.74
CA ASP E 20 15.48 55.80 33.90
C ASP E 20 16.29 55.22 35.05
N PHE E 21 17.58 55.03 34.83
CA PHE E 21 18.49 54.60 35.88
C PHE E 21 18.96 55.81 36.69
N GLN E 22 19.37 55.54 37.93
CA GLN E 22 19.94 56.58 38.78
C GLN E 22 21.37 56.83 38.33
N HIS E 23 21.59 57.93 37.61
CA HIS E 23 22.90 58.22 37.05
C HIS E 23 23.96 58.48 38.12
N GLY E 24 23.55 58.81 39.34
CA GLY E 24 24.51 59.08 40.40
C GLY E 24 25.22 57.87 40.95
N THR E 25 24.74 56.67 40.64
CA THR E 25 25.38 55.46 41.12
C THR E 25 26.76 55.30 40.52
N ALA E 26 27.71 54.84 41.34
CA ALA E 26 29.08 54.63 40.91
C ALA E 26 29.56 53.20 41.12
N GLY E 27 28.71 52.31 41.62
CA GLY E 27 29.09 50.94 41.91
C GLY E 27 28.63 49.97 40.85
N ARG E 28 28.26 48.77 41.29
CA ARG E 28 27.84 47.69 40.40
C ARG E 28 26.33 47.48 40.41
N ILE E 29 25.66 47.79 41.51
CA ILE E 29 24.21 47.68 41.63
C ILE E 29 23.59 49.04 41.32
N HIS E 30 22.46 49.04 40.64
CA HIS E 30 21.85 50.27 40.14
C HIS E 30 20.43 50.42 40.65
N ARG E 31 19.94 51.66 40.61
CA ARG E 31 18.57 51.99 40.96
C ARG E 31 17.83 52.39 39.69
N LEU E 32 16.63 51.82 39.50
CA LEU E 32 15.83 52.08 38.33
C LEU E 32 14.47 52.63 38.75
N ALA E 33 13.88 53.47 37.91
CA ALA E 33 12.57 54.04 38.18
C ALA E 33 11.67 53.85 36.98
N SER E 34 10.42 53.45 37.23
CA SER E 34 9.45 53.16 36.19
C SER E 34 8.16 53.92 36.46
N ALA E 35 7.58 54.49 35.41
CA ALA E 35 6.30 55.18 35.47
C ALA E 35 5.29 54.40 34.64
N GLY E 36 4.03 54.39 35.09
CA GLY E 36 3.00 53.62 34.44
C GLY E 36 1.66 54.34 34.47
N VAL E 37 0.68 53.69 33.82
CA VAL E 37 -0.69 54.22 33.78
C VAL E 37 -1.42 54.02 35.10
N ASP E 38 -0.90 53.18 35.98
CA ASP E 38 -1.51 52.92 37.29
C ASP E 38 -1.31 54.07 38.29
N THR E 39 -0.87 55.24 37.82
CA THR E 39 -0.66 56.42 38.66
C THR E 39 0.40 56.19 39.74
N ASN E 40 1.35 55.32 39.46
CA ASN E 40 2.42 55.00 40.40
C ASN E 40 3.77 55.16 39.72
N VAL E 41 4.77 55.57 40.51
CA VAL E 41 6.16 55.60 40.09
C VAL E 41 6.92 54.66 41.02
N ARG E 42 7.46 53.58 40.48
CA ARG E 42 8.06 52.54 41.29
C ARG E 42 9.57 52.53 41.10
N ILE E 43 10.30 52.43 42.20
CA ILE E 43 11.76 52.42 42.21
C ILE E 43 12.21 51.03 42.62
N TRP E 44 13.11 50.44 41.82
CA TRP E 44 13.59 49.09 41.97
C TRP E 44 15.11 49.09 42.02
N LYS E 45 15.66 47.95 42.47
CA LYS E 45 17.09 47.74 42.58
C LYS E 45 17.48 46.63 41.61
N VAL E 46 18.40 46.94 40.69
CA VAL E 46 18.78 46.04 39.61
C VAL E 46 20.25 45.66 39.78
N GLU E 47 20.53 44.36 39.73
CA GLU E 47 21.90 43.85 39.82
C GLU E 47 21.96 42.51 39.09
N LYS E 48 23.17 42.16 38.64
CA LYS E 48 23.39 40.89 37.98
C LYS E 48 23.58 39.78 38.99
N GLY E 49 23.07 38.59 38.66
CA GLY E 49 23.27 37.42 39.49
C GLY E 49 24.61 36.76 39.22
N PRO E 50 24.86 35.67 39.94
CA PRO E 50 26.11 34.93 39.72
C PRO E 50 26.25 34.38 38.32
N ASP E 51 25.13 34.07 37.65
CA ASP E 51 25.18 33.57 36.29
C ASP E 51 25.30 34.69 35.25
N GLY E 52 24.94 35.92 35.61
CA GLY E 52 24.92 37.03 34.69
C GLY E 52 23.55 37.52 34.29
N LYS E 53 22.49 36.89 34.77
CA LYS E 53 21.13 37.31 34.47
C LYS E 53 20.69 38.38 35.45
N ALA E 54 20.07 39.44 34.93
CA ALA E 54 19.64 40.54 35.77
C ALA E 54 18.52 40.10 36.71
N ILE E 55 18.50 40.72 37.90
CA ILE E 55 17.49 40.46 38.92
C ILE E 55 16.99 41.80 39.44
N VAL E 56 15.68 41.91 39.61
CA VAL E 56 15.02 43.16 40.03
C VAL E 56 14.49 42.99 41.44
N GLU E 57 14.86 43.91 42.31
CA GLU E 57 14.36 43.96 43.68
C GLU E 57 13.51 45.21 43.87
N PHE E 58 12.29 45.03 44.37
CA PHE E 58 11.38 46.15 44.57
C PHE E 58 11.82 46.97 45.79
N LEU E 59 11.87 48.29 45.62
CA LEU E 59 12.30 49.18 46.69
C LEU E 59 11.17 50.08 47.19
N SER E 60 10.53 50.85 46.30
CA SER E 60 9.56 51.83 46.78
C SER E 60 8.48 52.08 45.74
N ASN E 61 7.35 52.59 46.23
CA ASN E 61 6.21 52.97 45.40
C ASN E 61 5.82 54.41 45.73
N LEU E 62 5.61 55.22 44.70
CA LEU E 62 5.32 56.65 44.82
C LEU E 62 3.98 56.89 44.15
N ALA E 63 2.92 57.03 44.95
CA ALA E 63 1.56 57.07 44.44
C ALA E 63 0.94 58.46 44.47
N ARG E 64 1.73 59.51 44.70
CA ARG E 64 1.16 60.85 44.80
C ARG E 64 0.54 61.33 43.49
N HIS E 65 0.99 60.79 42.36
CA HIS E 65 0.39 61.16 41.08
C HIS E 65 -1.05 60.68 40.99
N THR E 66 -1.92 61.53 40.45
CA THR E 66 -3.35 61.23 40.37
C THR E 66 -3.73 60.54 39.07
N LYS E 67 -2.99 60.77 37.99
CA LYS E 67 -3.28 60.20 36.69
C LYS E 67 -2.06 59.42 36.18
N ALA E 68 -2.13 59.00 34.93
CA ALA E 68 -1.04 58.24 34.35
C ALA E 68 0.26 59.05 34.33
N VAL E 69 1.35 58.41 34.71
CA VAL E 69 2.67 59.03 34.73
C VAL E 69 3.39 58.64 33.44
N ASN E 70 3.80 59.64 32.66
CA ASN E 70 4.33 59.39 31.32
C ASN E 70 5.84 59.43 31.24
N VAL E 71 6.50 60.22 32.09
CA VAL E 71 7.94 60.40 32.01
C VAL E 71 8.54 60.38 33.42
N VAL E 72 9.69 59.72 33.55
CA VAL E 72 10.47 59.71 34.78
C VAL E 72 11.93 59.92 34.40
N ARG E 73 12.58 60.89 35.05
CA ARG E 73 13.96 61.22 34.75
C ARG E 73 14.71 61.53 36.04
N PHE E 74 15.92 60.99 36.15
CA PHE E 74 16.80 61.28 37.27
C PHE E 74 17.70 62.47 36.95
N SER E 75 17.98 63.26 37.98
CA SER E 75 18.94 64.35 37.85
C SER E 75 20.34 63.79 37.58
N PRO E 76 21.22 64.58 36.98
CA PRO E 76 22.57 64.06 36.67
C PRO E 76 23.30 63.50 37.87
N THR E 77 23.11 64.08 39.05
CA THR E 77 23.69 63.52 40.27
C THR E 77 22.88 62.36 40.83
N GLY E 78 21.72 62.07 40.28
CA GLY E 78 20.88 61.00 40.77
C GLY E 78 20.16 61.30 42.06
N GLU E 79 20.14 62.56 42.50
CA GLU E 79 19.56 62.92 43.78
C GLU E 79 18.10 63.33 43.68
N ILE E 80 17.68 63.89 42.55
CA ILE E 80 16.33 64.37 42.35
C ILE E 80 15.68 63.57 41.23
N LEU E 81 14.48 63.05 41.49
CA LEU E 81 13.73 62.27 40.51
C LEU E 81 12.56 63.10 40.01
N ALA E 82 12.58 63.44 38.72
CA ALA E 82 11.49 64.20 38.11
C ALA E 82 10.47 63.24 37.52
N SER E 83 9.19 63.46 37.83
CA SER E 83 8.12 62.61 37.33
C SER E 83 6.98 63.49 36.84
N GLY E 84 6.61 63.32 35.58
CA GLY E 84 5.51 64.07 34.98
C GLY E 84 4.45 63.13 34.45
N GLY E 85 3.22 63.62 34.39
CA GLY E 85 2.12 62.79 33.96
C GLY E 85 0.96 63.58 33.39
N ASP E 86 -0.20 62.92 33.33
CA ASP E 86 -1.40 63.51 32.75
C ASP E 86 -2.02 64.59 33.63
N ASP E 87 -1.54 64.76 34.85
CA ASP E 87 -2.07 65.76 35.77
C ASP E 87 -1.39 67.12 35.63
N ALA E 88 -0.52 67.28 34.62
CA ALA E 88 0.11 68.54 34.23
C ALA E 88 1.05 69.10 35.29
N VAL E 89 1.38 68.35 36.33
CA VAL E 89 2.28 68.79 37.38
C VAL E 89 3.47 67.85 37.43
N ILE E 90 4.66 68.42 37.61
CA ILE E 90 5.90 67.65 37.67
C ILE E 90 6.32 67.56 39.13
N LEU E 91 6.49 66.35 39.64
CA LEU E 91 6.91 66.14 41.01
C LEU E 91 8.42 65.88 41.06
N LEU E 92 9.11 66.54 41.99
CA LEU E 92 10.53 66.32 42.22
C LEU E 92 10.68 65.56 43.53
N TRP E 93 11.14 64.31 43.44
CA TRP E 93 11.26 63.42 44.58
C TRP E 93 12.71 63.36 45.04
N LYS E 94 12.89 63.15 46.35
CA LYS E 94 14.19 63.03 46.96
C LYS E 94 14.15 61.92 48.00
N VAL E 95 15.32 61.38 48.33
CA VAL E 95 15.40 60.32 49.32
C VAL E 95 15.18 60.91 50.70
N ASN E 96 14.20 60.38 51.43
CA ASN E 96 13.84 60.85 52.76
C ASN E 96 14.32 59.85 53.79
N ASP E 97 15.13 60.31 54.73
CA ASP E 97 15.65 59.45 55.80
C ASP E 97 15.04 59.81 57.15
N ALA E 112 2.33 53.65 54.20
CA ALA E 112 3.48 53.30 53.38
C ALA E 112 4.17 52.03 53.88
N GLN E 113 3.46 50.89 53.76
CA GLN E 113 3.98 49.63 54.25
C GLN E 113 4.92 48.97 53.24
N LEU E 114 4.61 49.08 51.95
CA LEU E 114 5.31 48.33 50.92
C LEU E 114 6.75 48.80 50.72
N ASN E 115 7.10 50.01 51.13
CA ASN E 115 8.38 50.59 50.77
C ASN E 115 9.51 50.06 51.64
N LYS E 116 10.60 49.64 50.98
CA LYS E 116 11.86 49.40 51.70
C LYS E 116 12.57 50.71 52.00
N GLU E 117 12.46 51.70 51.11
CA GLU E 117 12.96 53.03 51.33
C GLU E 117 11.87 54.02 50.93
N ASN E 118 11.95 55.24 51.47
CA ASN E 118 10.88 56.22 51.32
C ASN E 118 11.35 57.40 50.48
N TRP E 119 10.44 57.93 49.67
CA TRP E 119 10.66 59.11 48.85
C TRP E 119 9.52 60.09 49.09
N THR E 120 9.85 61.38 49.11
CA THR E 120 8.87 62.43 49.32
C THR E 120 9.07 63.53 48.29
N VAL E 121 7.98 64.22 47.98
CA VAL E 121 8.00 65.30 46.98
C VAL E 121 8.65 66.52 47.59
N VAL E 122 9.60 67.11 46.87
CA VAL E 122 10.25 68.35 47.29
C VAL E 122 9.61 69.56 46.63
N LYS E 123 9.49 69.54 45.30
CA LYS E 123 8.86 70.62 44.56
C LYS E 123 7.77 70.07 43.65
N THR E 124 6.72 70.86 43.46
CA THR E 124 5.63 70.54 42.55
C THR E 124 5.64 71.63 41.47
N LEU E 125 6.33 71.36 40.38
CA LEU E 125 6.41 72.29 39.26
C LEU E 125 5.07 72.33 38.54
N ARG E 126 4.44 73.51 38.55
CA ARG E 126 3.13 73.72 37.97
C ARG E 126 3.23 74.82 36.91
N GLY E 127 2.35 74.74 35.91
CA GLY E 127 2.35 75.71 34.84
C GLY E 127 1.98 75.09 33.50
N HIS E 128 1.91 73.77 33.46
CA HIS E 128 1.45 73.06 32.28
C HIS E 128 -0.06 72.92 32.31
N LEU E 129 -0.67 72.84 31.12
CA LEU E 129 -2.11 72.75 31.00
C LEU E 129 -2.61 71.37 30.61
N GLU E 130 -1.72 70.47 30.17
CA GLU E 130 -2.11 69.14 29.73
C GLU E 130 -1.01 68.17 30.13
N ASP E 131 -1.06 66.96 29.58
CA ASP E 131 -0.16 65.88 29.98
C ASP E 131 1.28 66.24 29.66
N VAL E 132 2.18 65.85 30.56
CA VAL E 132 3.62 66.04 30.38
C VAL E 132 4.20 64.75 29.82
N TYR E 133 4.91 64.85 28.69
CA TYR E 133 5.39 63.68 27.98
C TYR E 133 6.89 63.43 28.10
N ASP E 134 7.70 64.48 28.26
CA ASP E 134 9.15 64.29 28.32
C ASP E 134 9.76 65.35 29.21
N ILE E 135 10.86 64.98 29.88
CA ILE E 135 11.59 65.86 30.77
C ILE E 135 13.08 65.68 30.51
N CYS E 136 13.82 66.78 30.50
CA CYS E 136 15.27 66.73 30.33
C CYS E 136 15.93 67.67 31.34
N TRP E 137 16.94 67.15 32.03
CA TRP E 137 17.73 67.95 32.97
C TRP E 137 18.88 68.64 32.25
N ALA E 138 19.40 69.68 32.91
CA ALA E 138 20.62 70.33 32.47
C ALA E 138 21.83 69.69 33.15
N THR E 139 23.01 69.96 32.60
CA THR E 139 24.23 69.34 33.12
C THR E 139 24.50 69.77 34.56
N ASP E 140 24.29 71.07 34.87
CA ASP E 140 24.53 71.55 36.22
C ASP E 140 23.52 71.04 37.22
N GLY E 141 22.35 70.57 36.76
CA GLY E 141 21.31 70.11 37.65
C GLY E 141 20.45 71.20 38.24
N ASN E 142 20.66 72.46 37.87
CA ASN E 142 19.87 73.57 38.38
C ASN E 142 18.79 74.04 37.42
N LEU E 143 18.76 73.51 36.19
CA LEU E 143 17.76 73.87 35.20
C LEU E 143 17.13 72.60 34.63
N MET E 144 15.82 72.66 34.40
CA MET E 144 15.07 71.54 33.85
C MET E 144 14.25 72.01 32.66
N ALA E 145 13.90 71.06 31.79
CA ALA E 145 13.05 71.36 30.65
C ALA E 145 12.04 70.24 30.48
N SER E 146 10.80 70.60 30.17
CA SER E 146 9.74 69.62 30.00
C SER E 146 8.87 69.96 28.81
N ALA E 147 8.38 68.91 28.14
CA ALA E 147 7.47 69.02 27.01
C ALA E 147 6.11 68.47 27.40
N SER E 148 5.05 69.11 26.91
CA SER E 148 3.69 68.74 27.29
C SER E 148 2.77 68.76 26.08
N VAL E 149 1.58 68.20 26.27
CA VAL E 149 0.54 68.16 25.26
C VAL E 149 0.06 69.56 24.88
N ASP E 150 0.23 70.54 25.78
CA ASP E 150 -0.35 71.86 25.64
C ASP E 150 0.40 72.76 24.64
N ASN E 151 1.21 72.18 23.76
CA ASN E 151 1.94 72.90 22.72
C ASN E 151 3.04 73.80 23.28
N THR E 152 3.46 73.59 24.53
CA THR E 152 4.46 74.42 25.16
C THR E 152 5.57 73.54 25.75
N ALA E 153 6.80 74.04 25.68
CA ALA E 153 7.93 73.46 26.37
C ALA E 153 8.39 74.45 27.43
N ILE E 154 8.42 74.03 28.69
CA ILE E 154 8.66 74.94 29.80
C ILE E 154 10.00 74.61 30.44
N ILE E 155 10.81 75.65 30.67
CA ILE E 155 12.06 75.55 31.40
C ILE E 155 11.81 75.94 32.84
N TRP E 156 12.48 75.27 33.77
CA TRP E 156 12.25 75.43 35.19
C TRP E 156 13.56 75.66 35.93
N ASP E 157 13.52 76.59 36.88
CA ASP E 157 14.60 76.74 37.87
C ASP E 157 14.42 75.69 38.94
N VAL E 158 15.29 74.67 38.93
CA VAL E 158 15.16 73.57 39.87
C VAL E 158 15.31 74.05 41.30
N SER E 159 16.31 74.90 41.56
CA SER E 159 16.51 75.41 42.92
C SER E 159 15.33 76.28 43.37
N LYS E 160 14.84 77.15 42.48
CA LYS E 160 13.69 77.98 42.82
C LYS E 160 12.39 77.20 42.79
N GLY E 161 12.30 76.15 41.97
CA GLY E 161 11.06 75.42 41.84
C GLY E 161 9.98 76.20 41.10
N GLN E 162 10.37 77.08 40.19
CA GLN E 162 9.43 77.96 39.50
C GLN E 162 9.72 77.96 38.00
N LYS E 163 8.68 78.29 37.23
CA LYS E 163 8.81 78.43 35.80
C LYS E 163 9.65 79.64 35.44
N ILE E 164 10.51 79.50 34.43
CA ILE E 164 11.41 80.58 34.06
C ILE E 164 11.18 81.00 32.60
N SER E 165 10.71 80.08 31.77
CA SER E 165 10.56 80.37 30.35
C SER E 165 9.59 79.38 29.72
N ILE E 166 8.81 79.87 28.76
CA ILE E 166 7.83 79.05 28.03
C ILE E 166 8.07 79.22 26.54
N PHE E 167 8.16 78.10 25.82
CA PHE E 167 8.25 78.08 24.37
C PHE E 167 6.91 77.57 23.85
N ASN E 168 6.10 78.47 23.29
CA ASN E 168 4.78 78.14 22.77
C ASN E 168 4.74 78.18 21.24
N GLU E 169 5.89 78.10 20.59
CA GLU E 169 5.95 78.13 19.12
C GLU E 169 5.44 76.84 18.49
N HIS E 170 5.19 75.79 19.29
CA HIS E 170 4.69 74.55 18.74
C HIS E 170 3.22 74.70 18.30
N LYS E 171 2.82 73.86 17.36
CA LYS E 171 1.46 73.86 16.83
C LYS E 171 0.72 72.58 17.17
N SER E 172 1.32 71.67 17.92
CA SER E 172 0.70 70.41 18.32
C SER E 172 1.38 69.94 19.60
N TYR E 173 1.17 68.68 19.96
CA TYR E 173 1.78 68.14 21.16
C TYR E 173 3.31 68.15 21.03
N VAL E 174 3.98 68.43 22.13
CA VAL E 174 5.44 68.37 22.20
C VAL E 174 5.81 67.07 22.87
N GLN E 175 6.46 66.17 22.13
CA GLN E 175 6.66 64.79 22.55
C GLN E 175 8.14 64.45 22.73
N GLY E 176 8.96 65.44 23.06
CA GLY E 176 10.36 65.19 23.34
C GLY E 176 11.18 66.44 23.50
N VAL E 177 12.03 66.46 24.53
CA VAL E 177 12.92 67.59 24.80
C VAL E 177 14.27 67.06 25.22
N THR E 178 15.34 67.63 24.66
CA THR E 178 16.69 67.32 25.06
C THR E 178 17.45 68.62 25.35
N TRP E 179 18.40 68.53 26.28
CA TRP E 179 19.18 69.66 26.75
C TRP E 179 20.63 69.46 26.33
N ASP E 180 21.24 70.52 25.82
CA ASP E 180 22.60 70.42 25.31
C ASP E 180 23.58 70.20 26.46
N PRO E 181 24.42 69.16 26.41
CA PRO E 181 25.44 68.99 27.45
C PRO E 181 26.44 70.14 27.50
N LEU E 182 26.57 70.91 26.43
CA LEU E 182 27.41 72.10 26.41
C LEU E 182 26.66 73.35 26.83
N GLY E 183 25.37 73.24 27.17
CA GLY E 183 24.61 74.37 27.66
C GLY E 183 24.41 75.48 26.65
N GLN E 184 24.04 75.13 25.41
CA GLN E 184 23.87 76.13 24.36
C GLN E 184 22.49 76.06 23.71
N TYR E 185 21.94 74.85 23.59
CA TYR E 185 20.70 74.63 22.84
C TYR E 185 19.75 73.75 23.64
N VAL E 186 18.46 73.87 23.30
CA VAL E 186 17.43 72.96 23.77
C VAL E 186 16.60 72.53 22.58
N ALA E 187 16.49 71.22 22.36
CA ALA E 187 15.84 70.69 21.18
C ALA E 187 14.49 70.07 21.54
N THR E 188 13.46 70.40 20.77
CA THR E 188 12.11 69.90 20.96
C THR E 188 11.60 69.27 19.68
N LEU E 189 11.01 68.08 19.79
CA LEU E 189 10.35 67.41 18.68
C LEU E 189 8.85 67.41 18.96
N SER E 190 8.08 67.98 18.04
CA SER E 190 6.64 68.11 18.20
C SER E 190 5.92 67.24 17.17
N CYS E 191 4.60 67.15 17.34
CA CYS E 191 3.77 66.34 16.46
C CYS E 191 3.47 67.02 15.13
N ASP E 192 3.87 68.28 14.96
CA ASP E 192 3.67 68.98 13.70
C ASP E 192 4.76 68.67 12.68
N ARG E 193 5.50 67.57 12.87
CA ARG E 193 6.57 67.17 11.94
C ARG E 193 7.64 68.25 11.85
N VAL E 194 7.91 68.93 12.96
CA VAL E 194 8.84 70.04 13.03
C VAL E 194 9.79 69.83 14.20
N LEU E 195 11.09 69.93 13.93
CA LEU E 195 12.10 69.94 14.98
C LEU E 195 12.53 71.38 15.25
N ARG E 196 12.55 71.76 16.52
CA ARG E 196 12.91 73.12 16.91
C ARG E 196 14.12 73.09 17.82
N VAL E 197 15.04 74.02 17.61
CA VAL E 197 16.23 74.18 18.44
C VAL E 197 16.23 75.61 18.94
N TYR E 198 16.13 75.77 20.26
CA TYR E 198 16.08 77.06 20.93
C TYR E 198 17.43 77.39 21.53
N SER E 199 17.88 78.63 21.33
CA SER E 199 19.09 79.11 21.99
C SER E 199 18.84 79.27 23.48
N ILE E 200 19.72 78.70 24.29
CA ILE E 200 19.54 78.75 25.74
C ILE E 200 19.73 80.16 26.28
N GLN E 201 20.49 81.00 25.57
CA GLN E 201 20.75 82.37 26.02
C GLN E 201 19.72 83.35 25.46
N LYS E 202 19.47 83.28 24.16
CA LYS E 202 18.50 84.19 23.54
C LYS E 202 17.07 83.87 23.95
N LYS E 203 16.80 82.63 24.38
CA LYS E 203 15.45 82.19 24.76
C LYS E 203 14.46 82.32 23.61
N ARG E 204 14.94 82.17 22.37
CA ARG E 204 14.10 82.20 21.18
C ARG E 204 14.43 80.99 20.32
N VAL E 205 13.75 80.90 19.17
CA VAL E 205 13.97 79.80 18.24
C VAL E 205 15.23 80.09 17.43
N ALA E 206 16.20 79.19 17.50
CA ALA E 206 17.43 79.35 16.74
C ALA E 206 17.38 78.62 15.40
N PHE E 207 16.95 77.36 15.42
CA PHE E 207 16.91 76.54 14.20
C PHE E 207 15.55 75.86 14.09
N ASN E 208 15.05 75.78 12.85
CA ASN E 208 13.79 75.12 12.55
C ASN E 208 14.04 74.13 11.42
N VAL E 209 13.74 72.85 11.66
CA VAL E 209 14.08 71.77 10.73
C VAL E 209 12.82 70.92 10.56
N SER E 210 12.09 71.13 9.48
CA SER E 210 10.92 70.32 9.15
C SER E 210 11.04 69.64 7.80
N LYS E 211 11.39 70.39 6.76
CA LYS E 211 11.42 69.87 5.40
C LYS E 211 12.81 69.34 5.03
N MET E 212 12.84 68.50 4.00
CA MET E 212 14.06 67.94 3.46
C MET E 212 13.90 67.82 1.95
N LEU E 213 14.86 68.35 1.20
CA LEU E 213 14.83 68.23 -0.25
C LEU E 213 15.03 66.80 -0.68
N SER E 214 14.19 66.43 -1.65
CA SER E 214 14.09 65.10 -2.22
C SER E 214 14.99 64.89 -3.40
N GLY E 215 16.13 65.56 -3.39
CA GLY E 215 17.10 65.40 -4.47
C GLY E 215 16.67 65.94 -5.81
N ILE E 216 17.33 65.47 -6.87
CA ILE E 216 17.01 65.95 -8.19
C ILE E 216 15.88 65.22 -8.88
N GLY E 217 14.73 65.86 -8.90
CA GLY E 217 13.57 65.31 -9.57
C GLY E 217 13.91 64.78 -10.94
N ALA E 218 13.03 63.91 -11.44
CA ALA E 218 13.24 63.32 -12.77
C ALA E 218 13.24 64.39 -13.86
N GLU E 219 12.51 65.49 -13.66
CA GLU E 219 12.44 66.57 -14.63
C GLU E 219 12.98 67.87 -14.04
N GLY E 220 13.91 67.76 -13.09
CA GLY E 220 14.54 68.94 -12.51
C GLY E 220 13.75 69.63 -11.44
N GLU E 221 12.68 69.03 -10.94
CA GLU E 221 11.84 69.66 -9.95
C GLU E 221 12.54 69.71 -8.59
N ALA E 222 12.10 70.66 -7.76
CA ALA E 222 12.61 70.82 -6.41
C ALA E 222 11.71 70.04 -5.46
N ARG E 223 11.99 68.75 -5.31
CA ARG E 223 11.15 67.87 -4.51
C ARG E 223 11.54 68.00 -3.05
N SER E 224 10.58 68.37 -2.20
CA SER E 224 10.80 68.51 -0.77
C SER E 224 9.69 67.78 -0.02
N TYR E 225 10.06 66.98 0.97
CA TYR E 225 9.12 66.23 1.78
C TYR E 225 9.40 66.47 3.25
N ARG E 226 8.37 66.26 4.07
CA ARG E 226 8.51 66.48 5.51
C ARG E 226 9.35 65.38 6.14
N MET E 227 10.30 65.79 6.98
CA MET E 227 11.25 64.84 7.56
C MET E 227 10.57 63.84 8.49
N PHE E 228 9.67 64.33 9.34
CA PHE E 228 9.20 63.56 10.47
C PHE E 228 7.80 62.98 10.23
N HIS E 229 7.42 62.07 11.12
CA HIS E 229 6.21 61.26 10.94
C HIS E 229 4.96 62.08 11.28
N ASP E 230 3.83 61.62 10.75
CA ASP E 230 2.53 62.23 10.99
C ASP E 230 1.86 61.55 12.19
N ASP E 231 0.55 61.76 12.36
CA ASP E 231 -0.18 61.21 13.50
C ASP E 231 -0.25 59.69 13.51
N SER E 232 0.11 59.03 12.40
CA SER E 232 0.09 57.57 12.37
C SER E 232 1.02 56.95 13.40
N MET E 233 1.98 57.71 13.92
CA MET E 233 2.85 57.27 15.00
C MET E 233 2.04 56.68 16.14
N LYS E 234 2.28 55.40 16.44
CA LYS E 234 1.57 54.72 17.52
C LYS E 234 2.10 55.08 18.90
N SER E 235 3.23 55.78 18.98
CA SER E 235 3.85 56.11 20.25
C SER E 235 3.56 57.56 20.62
N PHE E 236 3.26 57.78 21.91
CA PHE E 236 3.08 59.14 22.42
C PHE E 236 4.34 59.97 22.32
N PHE E 237 5.51 59.34 22.22
CA PHE E 237 6.78 60.01 22.44
C PHE E 237 7.61 60.06 21.17
N ARG E 238 8.37 61.14 21.04
CA ARG E 238 9.39 61.34 20.01
C ARG E 238 10.71 61.72 20.66
N ARG E 239 11.13 60.91 21.64
CA ARG E 239 12.23 61.25 22.52
C ARG E 239 13.58 61.26 21.79
N LEU E 240 13.99 62.43 21.30
CA LEU E 240 15.30 62.62 20.74
C LEU E 240 16.33 62.86 21.84
N SER E 241 17.61 62.82 21.46
CA SER E 241 18.64 62.96 22.47
C SER E 241 19.91 63.55 21.88
N PHE E 242 20.62 64.31 22.71
CA PHE E 242 21.96 64.77 22.38
C PHE E 242 22.98 63.70 22.71
N THR E 243 24.16 63.83 22.12
CA THR E 243 25.31 63.01 22.47
C THR E 243 25.90 63.50 23.79
N PRO E 244 26.38 62.60 24.65
CA PRO E 244 26.90 63.04 25.96
C PRO E 244 27.98 64.11 25.87
N ASP E 245 28.82 64.09 24.83
CA ASP E 245 29.74 65.20 24.61
C ASP E 245 29.04 66.41 23.99
N GLY E 246 27.89 66.21 23.35
CA GLY E 246 27.14 67.28 22.73
C GLY E 246 27.32 67.39 21.23
N SER E 247 28.24 66.61 20.65
CA SER E 247 28.63 66.81 19.25
C SER E 247 27.48 66.50 18.29
N LEU E 248 26.70 65.47 18.57
CA LEU E 248 25.67 65.01 17.63
C LEU E 248 24.29 65.07 18.28
N LEU E 249 23.28 65.18 17.43
CA LEU E 249 21.88 65.19 17.86
C LEU E 249 21.13 64.11 17.09
N LEU E 250 20.50 63.20 17.81
CA LEU E 250 19.79 62.07 17.21
C LEU E 250 18.30 62.27 17.42
N THR E 251 17.55 62.34 16.31
CA THR E 251 16.11 62.60 16.34
C THR E 251 15.38 61.43 15.71
N PRO E 252 14.55 60.69 16.45
CA PRO E 252 13.80 59.58 15.86
C PRO E 252 12.56 60.05 15.12
N ALA E 253 11.75 59.10 14.65
CA ALA E 253 10.50 59.38 13.93
C ALA E 253 10.77 60.25 12.69
N GLY E 254 11.68 59.78 11.84
CA GLY E 254 11.99 60.46 10.61
C GLY E 254 11.63 59.63 9.40
N CYS E 255 11.39 60.28 8.25
CA CYS E 255 10.99 59.59 7.04
C CYS E 255 11.97 59.90 5.91
N VAL E 256 12.36 58.87 5.18
CA VAL E 256 13.24 59.00 4.01
C VAL E 256 12.54 58.40 2.81
N GLU E 257 12.46 59.16 1.72
CA GLU E 257 11.85 58.70 0.48
C GLU E 257 12.97 58.25 -0.45
N SER E 258 13.32 56.97 -0.38
CA SER E 258 14.38 56.44 -1.23
C SER E 258 13.94 56.41 -2.69
N GLY E 259 12.84 55.74 -2.98
CA GLY E 259 12.25 55.77 -4.31
C GLY E 259 10.87 56.41 -4.28
N GLU E 260 9.84 55.61 -4.56
CA GLU E 260 8.46 56.06 -4.41
C GLU E 260 7.86 55.64 -3.06
N ASN E 261 8.64 54.99 -2.21
CA ASN E 261 8.20 54.52 -0.91
C ASN E 261 8.90 55.31 0.20
N VAL E 262 8.28 55.29 1.38
CA VAL E 262 8.81 55.97 2.55
C VAL E 262 9.37 54.93 3.51
N MET E 263 10.45 55.29 4.20
CA MET E 263 11.12 54.39 5.13
C MET E 263 11.37 55.13 6.44
N ASN E 264 11.10 54.43 7.54
CA ASN E 264 11.36 55.00 8.86
C ASN E 264 12.85 55.06 9.13
N THR E 265 13.27 56.12 9.82
CA THR E 265 14.70 56.37 10.04
C THR E 265 14.87 57.29 11.23
N THR E 266 16.10 57.35 11.73
CA THR E 266 16.49 58.27 12.79
C THR E 266 17.55 59.21 12.23
N TYR E 267 17.30 60.50 12.28
CA TYR E 267 18.20 61.48 11.70
C TYR E 267 19.32 61.84 12.67
N VAL E 268 20.51 62.08 12.10
CA VAL E 268 21.72 62.41 12.84
C VAL E 268 22.22 63.76 12.34
N PHE E 269 22.21 64.76 13.22
CA PHE E 269 22.66 66.13 12.98
C PHE E 269 23.97 66.40 13.72
N SER E 270 24.72 67.37 13.21
CA SER E 270 25.95 67.83 13.83
C SER E 270 25.77 69.22 14.44
N ARG E 271 26.68 69.58 15.33
CA ARG E 271 26.70 70.92 15.89
C ARG E 271 27.06 71.97 14.86
N LYS E 272 27.86 71.59 13.85
CA LYS E 272 28.37 72.56 12.89
C LYS E 272 27.23 73.27 12.16
N ASN E 273 26.30 72.51 11.60
CA ASN E 273 25.07 73.05 11.06
C ASN E 273 23.91 72.20 11.59
N LEU E 274 22.90 72.84 12.14
CA LEU E 274 21.76 72.15 12.72
C LEU E 274 20.55 72.12 11.78
N LYS E 275 20.63 72.76 10.62
CA LYS E 275 19.52 72.80 9.68
C LYS E 275 19.57 71.69 8.65
N ARG E 276 20.59 70.83 8.69
CA ARG E 276 20.66 69.69 7.80
C ARG E 276 21.36 68.56 8.53
N PRO E 277 20.79 67.35 8.54
CA PRO E 277 21.43 66.24 9.23
C PRO E 277 22.65 65.72 8.48
N ILE E 278 23.61 65.19 9.23
CA ILE E 278 24.71 64.47 8.60
C ILE E 278 24.19 63.25 7.87
N ALA E 279 23.33 62.48 8.53
CA ALA E 279 22.99 61.18 8.01
C ALA E 279 21.66 60.72 8.59
N HIS E 280 21.22 59.54 8.16
CA HIS E 280 20.06 58.90 8.75
C HIS E 280 20.34 57.41 8.92
N LEU E 281 19.99 56.89 10.09
CA LEU E 281 20.04 55.46 10.35
C LEU E 281 18.68 54.90 9.95
N PRO E 282 18.59 54.12 8.86
CA PRO E 282 17.28 53.61 8.44
C PRO E 282 16.84 52.44 9.29
N CYS E 283 15.54 52.42 9.59
CA CYS E 283 14.91 51.33 10.35
C CYS E 283 13.70 50.86 9.58
N PRO E 284 13.87 49.88 8.67
CA PRO E 284 12.72 49.34 7.95
C PRO E 284 11.75 48.66 8.91
N GLY E 285 10.46 48.81 8.63
CA GLY E 285 9.43 48.26 9.49
C GLY E 285 8.65 49.31 10.24
N LYS E 286 8.84 49.38 11.55
CA LYS E 286 8.14 50.34 12.39
C LYS E 286 8.95 51.63 12.52
N ALA E 287 8.31 52.64 13.10
CA ALA E 287 8.93 53.95 13.27
C ALA E 287 9.70 54.03 14.57
N THR E 288 10.85 54.69 14.54
CA THR E 288 11.68 54.86 15.72
C THR E 288 11.11 55.96 16.61
N LEU E 289 11.11 55.72 17.92
CA LEU E 289 10.49 56.63 18.87
C LEU E 289 11.41 57.12 19.98
N ALA E 290 12.48 56.40 20.32
CA ALA E 290 13.34 56.82 21.41
C ALA E 290 14.80 56.65 21.02
N VAL E 291 15.65 57.53 21.58
CA VAL E 291 17.10 57.43 21.41
C VAL E 291 17.74 57.71 22.77
N ARG E 292 18.64 56.83 23.20
CA ARG E 292 19.32 57.01 24.47
C ARG E 292 20.78 56.61 24.35
N CYS E 293 21.67 57.44 24.89
CA CYS E 293 23.10 57.25 24.74
C CYS E 293 23.72 56.65 26.00
N CYS E 294 24.75 55.82 25.80
CA CYS E 294 25.51 55.27 26.91
C CYS E 294 26.44 56.35 27.48
N PRO E 295 26.49 56.52 28.79
CA PRO E 295 27.31 57.58 29.38
C PRO E 295 28.80 57.25 29.49
N VAL E 296 29.28 56.19 28.85
CA VAL E 296 30.67 55.76 28.95
C VAL E 296 31.38 56.05 27.63
N TYR E 297 32.50 56.76 27.70
CA TYR E 297 33.33 56.99 26.53
C TYR E 297 34.25 55.78 26.31
N PHE E 298 34.24 55.23 25.10
CA PHE E 298 34.97 54.02 24.79
C PHE E 298 36.14 54.31 23.86
N GLU E 299 37.22 53.56 24.07
CA GLU E 299 38.36 53.62 23.16
C GLU E 299 37.97 53.08 21.79
N LEU E 300 38.56 53.66 20.75
CA LEU E 300 38.23 53.26 19.39
C LEU E 300 38.68 51.83 19.12
N ARG E 301 37.86 51.08 18.39
CA ARG E 301 38.21 49.74 17.95
C ARG E 301 39.45 49.80 17.07
N PRO E 302 40.12 48.67 16.82
CA PRO E 302 41.15 48.66 15.78
C PRO E 302 40.52 49.10 14.46
N VAL E 303 40.91 50.28 13.98
CA VAL E 303 40.17 50.97 12.94
C VAL E 303 40.57 50.43 11.58
N VAL E 304 39.59 49.92 10.83
CA VAL E 304 39.76 49.73 9.40
C VAL E 304 39.45 51.05 8.72
N GLU E 305 40.48 51.69 8.18
CA GLU E 305 40.42 53.09 7.80
C GLU E 305 39.39 53.36 6.70
N THR E 306 38.31 54.04 7.06
CA THR E 306 37.27 54.43 6.12
C THR E 306 36.58 55.67 6.67
N GLY E 307 35.94 56.43 5.79
CA GLY E 307 35.18 57.60 6.21
C GLY E 307 33.81 57.23 6.72
N VAL E 308 33.75 56.12 7.45
CA VAL E 308 32.47 55.56 7.91
C VAL E 308 31.99 56.25 9.18
N GLU E 309 32.91 56.71 10.03
CA GLU E 309 32.54 57.23 11.34
C GLU E 309 31.59 58.40 11.23
N LEU E 310 30.59 58.43 12.13
CA LEU E 310 29.67 59.56 12.18
C LEU E 310 30.41 60.84 12.55
N MET E 311 31.29 60.77 13.53
CA MET E 311 32.16 61.88 13.89
C MET E 311 33.55 61.33 14.22
N SER E 312 34.57 62.12 13.90
CA SER E 312 35.96 61.69 14.04
C SER E 312 36.56 62.33 15.28
N LEU E 313 36.57 61.59 16.38
CA LEU E 313 37.19 62.01 17.63
C LEU E 313 37.92 60.81 18.23
N PRO E 314 38.86 61.05 19.14
CA PRO E 314 39.65 59.92 19.67
C PRO E 314 38.83 58.87 20.39
N TYR E 315 37.60 59.17 20.79
CA TYR E 315 36.76 58.22 21.50
C TYR E 315 35.55 57.85 20.65
N ARG E 316 34.70 57.00 21.21
CA ARG E 316 33.44 56.63 20.58
C ARG E 316 32.38 56.45 21.66
N LEU E 317 31.12 56.51 21.23
CA LEU E 317 29.99 56.44 22.16
C LEU E 317 28.96 55.47 21.60
N VAL E 318 28.50 54.57 22.47
CA VAL E 318 27.46 53.60 22.13
C VAL E 318 26.11 54.18 22.47
N PHE E 319 25.12 53.99 21.60
CA PHE E 319 23.76 54.44 21.87
C PHE E 319 22.77 53.43 21.32
N ALA E 320 21.51 53.61 21.71
CA ALA E 320 20.43 52.72 21.34
C ALA E 320 19.26 53.52 20.79
N VAL E 321 18.66 53.00 19.73
CA VAL E 321 17.47 53.57 19.13
C VAL E 321 16.35 52.54 19.25
N ALA E 322 15.26 52.93 19.90
CA ALA E 322 14.12 52.05 20.13
C ALA E 322 12.98 52.47 19.22
N SER E 323 12.54 51.55 18.37
CA SER E 323 11.35 51.68 17.54
C SER E 323 10.18 51.01 18.25
N GLU E 324 9.07 50.84 17.52
CA GLU E 324 7.85 50.29 18.14
C GLU E 324 8.06 48.86 18.62
N ASP E 325 8.90 48.08 17.94
CA ASP E 325 9.06 46.68 18.31
C ASP E 325 10.51 46.19 18.28
N SER E 326 11.49 47.09 18.23
CA SER E 326 12.88 46.66 18.14
C SER E 326 13.78 47.71 18.78
N VAL E 327 14.99 47.28 19.11
CA VAL E 327 16.05 48.14 19.63
C VAL E 327 17.32 47.88 18.83
N LEU E 328 17.90 48.94 18.29
CA LEU E 328 19.14 48.88 17.52
C LEU E 328 20.25 49.51 18.35
N LEU E 329 21.40 48.84 18.39
CA LEU E 329 22.54 49.25 19.21
C LEU E 329 23.66 49.68 18.27
N TYR E 330 23.92 50.98 18.23
CA TYR E 330 24.95 51.60 17.40
C TYR E 330 26.12 52.06 18.25
N ASP E 331 27.23 52.34 17.59
CA ASP E 331 28.31 53.13 18.19
C ASP E 331 28.66 54.29 17.28
N THR E 332 29.72 55.02 17.59
CA THR E 332 30.06 56.22 16.84
C THR E 332 30.72 55.89 15.50
N GLN E 333 31.71 54.99 15.51
CA GLN E 333 32.59 54.83 14.35
C GLN E 333 32.04 53.91 13.28
N GLN E 334 31.13 53.00 13.62
CA GLN E 334 30.63 52.04 12.65
C GLN E 334 29.40 52.58 11.91
N SER E 335 29.23 52.12 10.68
CA SER E 335 28.06 52.48 9.89
C SER E 335 26.86 51.65 10.28
N PHE E 336 27.05 50.34 10.41
CA PHE E 336 25.95 49.46 10.79
C PHE E 336 25.89 49.33 12.31
N PRO E 337 24.70 49.12 12.86
CA PRO E 337 24.58 48.87 14.29
C PRO E 337 25.22 47.54 14.66
N PHE E 338 25.87 47.51 15.83
CA PHE E 338 26.46 46.28 16.31
C PHE E 338 25.46 45.37 17.02
N GLY E 339 24.26 45.86 17.32
CA GLY E 339 23.27 45.03 18.00
C GLY E 339 21.88 45.26 17.44
N TYR E 340 21.07 44.20 17.51
CA TYR E 340 19.66 44.28 17.12
C TYR E 340 18.86 43.29 17.95
N VAL E 341 17.84 43.78 18.64
CA VAL E 341 16.92 42.93 19.39
C VAL E 341 15.50 43.30 18.98
N SER E 342 14.64 42.29 18.86
CA SER E 342 13.26 42.55 18.47
C SER E 342 12.37 41.41 18.93
N ASN E 343 11.06 41.67 18.93
CA ASN E 343 10.04 40.68 19.26
C ASN E 343 10.21 40.14 20.68
N ILE E 344 10.41 41.06 21.62
CA ILE E 344 10.39 40.73 23.04
C ILE E 344 9.20 41.31 23.77
N HIS E 345 8.39 42.13 23.11
CA HIS E 345 7.21 42.75 23.70
C HIS E 345 6.08 42.74 22.70
N TYR E 346 4.86 42.52 23.18
CA TYR E 346 3.70 42.38 22.30
C TYR E 346 3.09 43.71 21.89
N HIS E 347 3.63 44.84 22.37
CA HIS E 347 3.11 46.15 22.00
C HIS E 347 4.25 47.15 21.93
N THR E 348 3.89 48.40 21.65
CA THR E 348 4.88 49.43 21.36
C THR E 348 5.78 49.70 22.57
N LEU E 349 7.07 49.85 22.31
CA LEU E 349 8.01 50.25 23.34
C LEU E 349 7.82 51.73 23.67
N SER E 350 8.22 52.09 24.89
CA SER E 350 7.99 53.45 25.39
C SER E 350 9.30 54.21 25.65
N ASP E 351 10.23 53.63 26.40
CA ASP E 351 11.45 54.34 26.74
C ASP E 351 12.59 53.35 26.97
N ILE E 352 13.82 53.86 26.82
CA ILE E 352 15.03 53.09 27.06
C ILE E 352 15.95 53.93 27.93
N SER E 353 16.73 53.25 28.78
CA SER E 353 17.65 53.95 29.66
C SER E 353 18.87 53.10 29.94
N TRP E 354 20.05 53.69 29.81
CA TRP E 354 21.30 53.03 30.15
C TRP E 354 21.61 53.19 31.63
N SER E 355 22.32 52.22 32.18
CA SER E 355 22.85 52.33 33.53
C SER E 355 24.11 53.19 33.52
N SER E 356 24.56 53.57 34.72
CA SER E 356 25.69 54.48 34.84
C SER E 356 26.97 53.85 34.30
N ASP E 357 27.17 52.56 34.54
CA ASP E 357 28.37 51.86 34.09
C ASP E 357 28.22 51.27 32.69
N GLY E 358 27.04 51.37 32.08
CA GLY E 358 26.79 50.80 30.77
C GLY E 358 26.51 49.31 30.76
N ALA E 359 26.41 48.68 31.92
CA ALA E 359 26.15 47.24 31.98
C ALA E 359 24.70 46.88 31.70
N PHE E 360 23.78 47.84 31.77
CA PHE E 360 22.36 47.56 31.60
C PHE E 360 21.77 48.52 30.58
N LEU E 361 20.78 48.01 29.83
CA LEU E 361 19.93 48.82 28.98
C LEU E 361 18.50 48.39 29.25
N ALA E 362 17.74 49.23 29.95
CA ALA E 362 16.36 48.91 30.31
C ALA E 362 15.42 49.42 29.23
N ILE E 363 14.52 48.55 28.78
CA ILE E 363 13.53 48.86 27.76
C ILE E 363 12.15 48.65 28.36
N SER E 364 11.27 49.64 28.18
CA SER E 364 9.90 49.55 28.64
C SER E 364 8.95 49.54 27.44
N SER E 365 7.85 48.82 27.59
CA SER E 365 6.86 48.70 26.53
C SER E 365 5.46 48.87 27.11
N THR E 366 4.54 49.24 26.24
CA THR E 366 3.16 49.55 26.64
C THR E 366 2.33 48.31 26.94
N ASP E 367 2.88 47.11 26.73
CA ASP E 367 2.14 45.90 27.09
C ASP E 367 2.13 45.63 28.59
N GLY E 368 2.94 46.35 29.36
CA GLY E 368 2.96 46.21 30.81
C GLY E 368 4.21 45.56 31.36
N TYR E 369 5.08 45.02 30.52
CA TYR E 369 6.29 44.34 30.96
C TYR E 369 7.52 45.07 30.42
N CYS E 370 8.63 44.92 31.13
CA CYS E 370 9.90 45.55 30.78
C CYS E 370 10.97 44.47 30.57
N SER E 371 12.09 44.88 29.99
CA SER E 371 13.17 43.95 29.71
C SER E 371 14.52 44.64 29.86
N PHE E 372 15.57 43.83 29.99
CA PHE E 372 16.94 44.31 30.14
C PHE E 372 17.84 43.71 29.08
N VAL E 373 18.78 44.52 28.59
CA VAL E 373 19.86 44.06 27.74
C VAL E 373 21.14 44.24 28.55
N THR E 374 21.80 43.14 28.87
CA THR E 374 22.99 43.15 29.73
C THR E 374 24.23 42.87 28.91
N PHE E 375 25.32 43.56 29.27
CA PHE E 375 26.62 43.39 28.64
C PHE E 375 27.64 43.01 29.70
N GLU E 376 28.52 42.07 29.37
CA GLU E 376 29.52 41.61 30.32
C GLU E 376 30.70 42.60 30.34
N LYS E 377 31.80 42.21 30.99
CA LYS E 377 32.91 43.12 31.22
C LYS E 377 33.58 43.51 29.90
N ASP E 378 33.62 44.82 29.63
CA ASP E 378 34.30 45.37 28.47
C ASP E 378 33.76 44.82 27.15
N GLU E 379 32.49 44.41 27.14
CA GLU E 379 31.90 43.90 25.90
C GLU E 379 31.61 45.04 24.93
N LEU E 380 31.10 46.17 25.43
CA LEU E 380 30.86 47.31 24.56
C LEU E 380 32.15 47.93 24.07
N GLY E 381 33.21 47.83 24.86
CA GLY E 381 34.49 48.41 24.49
C GLY E 381 35.36 48.57 25.73
N ILE E 382 36.43 49.32 25.55
CA ILE E 382 37.38 49.61 26.62
C ILE E 382 37.15 51.07 27.06
N PRO E 383 36.69 51.31 28.28
CA PRO E 383 36.42 52.68 28.71
C PRO E 383 37.69 53.51 28.74
N LEU E 384 37.53 54.81 28.48
CA LEU E 384 38.65 55.73 28.56
C LEU E 384 39.14 55.85 29.99
N LYS E 385 40.45 56.04 30.14
CA LYS E 385 41.03 56.24 31.47
C LYS E 385 40.46 57.50 32.12
N GLU E 386 40.32 58.57 31.35
CA GLU E 386 39.74 59.82 31.83
C GLU E 386 38.66 60.27 30.86
N LYS E 387 37.50 60.61 31.40
CA LYS E 387 36.41 61.11 30.56
C LYS E 387 36.77 62.51 30.04
N PRO E 388 36.67 62.74 28.74
CA PRO E 388 37.13 64.03 28.18
C PRO E 388 36.37 65.21 28.75
N VAL E 389 37.08 66.32 28.93
CA VAL E 389 36.45 67.55 29.42
C VAL E 389 35.61 68.16 28.30
N LEU E 390 34.47 68.72 28.67
CA LEU E 390 33.53 69.28 27.71
C LEU E 390 33.81 70.77 27.50
N ASN E 391 33.63 71.22 26.26
CA ASN E 391 33.84 72.63 25.91
C ASN E 391 32.51 73.37 25.97
N MET E 392 32.05 73.60 27.20
CA MET E 392 30.77 74.26 27.42
C MET E 392 30.83 75.72 27.01
N ARG E 393 29.71 76.22 26.50
CA ARG E 393 29.65 77.59 25.98
C ARG E 393 29.27 78.59 27.07
N THR E 394 28.10 78.41 27.68
CA THR E 394 27.51 79.31 28.67
C THR E 394 27.88 80.78 28.49
N ALA F 7 24.79 -36.15 20.90
CA ALA F 7 24.19 -36.80 19.75
C ALA F 7 23.08 -35.93 19.15
N PHE F 8 22.08 -36.59 18.56
CA PHE F 8 20.95 -35.87 17.96
C PHE F 8 20.05 -35.23 19.00
N ASP F 9 20.14 -35.65 20.27
CA ASP F 9 19.27 -35.09 21.31
C ASP F 9 19.48 -33.60 21.44
N ASP F 10 20.75 -33.16 21.55
CA ASP F 10 21.03 -31.74 21.73
C ASP F 10 20.60 -30.93 20.51
N ALA F 11 20.87 -31.43 19.32
CA ALA F 11 20.52 -30.67 18.10
C ALA F 11 19.00 -30.54 17.96
N VAL F 12 18.28 -31.64 18.17
CA VAL F 12 16.82 -31.60 18.04
C VAL F 12 16.22 -30.70 19.10
N GLU F 13 16.71 -30.79 20.35
CA GLU F 13 16.20 -29.92 21.40
C GLU F 13 16.46 -28.46 21.08
N GLU F 14 17.66 -28.14 20.60
CA GLU F 14 17.98 -26.75 20.27
C GLU F 14 17.10 -26.24 19.15
N ARG F 15 16.89 -27.04 18.11
CA ARG F 15 16.05 -26.61 16.99
C ARG F 15 14.61 -26.36 17.45
N VAL F 16 14.06 -27.30 18.22
CA VAL F 16 12.68 -27.17 18.69
C VAL F 16 12.55 -25.94 19.58
N ILE F 17 13.51 -25.73 20.48
CA ILE F 17 13.43 -24.62 21.42
C ILE F 17 13.57 -23.29 20.68
N ASN F 18 14.45 -23.22 19.68
CA ASN F 18 14.58 -21.99 18.90
C ASN F 18 13.31 -21.69 18.12
N GLU F 19 12.69 -22.70 17.52
CA GLU F 19 11.42 -22.48 16.82
C GLU F 19 10.34 -22.00 17.79
N GLU F 20 10.27 -22.62 18.97
CA GLU F 20 9.28 -22.22 19.96
C GLU F 20 9.52 -20.79 20.43
N TYR F 21 10.79 -20.41 20.62
CA TYR F 21 11.10 -19.04 21.02
C TYR F 21 10.72 -18.05 19.93
N LYS F 22 10.97 -18.40 18.66
CA LYS F 22 10.62 -17.51 17.57
C LYS F 22 9.11 -17.29 17.51
N ILE F 23 8.33 -18.38 17.62
CA ILE F 23 6.88 -18.22 17.54
C ILE F 23 6.35 -17.50 18.79
N TRP F 24 6.97 -17.72 19.95
CA TRP F 24 6.58 -16.98 21.15
C TRP F 24 6.85 -15.49 20.98
N LYS F 25 8.02 -15.14 20.41
CA LYS F 25 8.30 -13.73 20.16
C LYS F 25 7.30 -13.13 19.19
N LYS F 26 6.88 -13.91 18.19
CA LYS F 26 5.88 -13.41 17.26
C LYS F 26 4.53 -13.19 17.95
N ASN F 27 4.16 -14.08 18.88
CA ASN F 27 2.89 -13.95 19.58
C ASN F 27 2.95 -13.05 20.80
N THR F 28 4.13 -12.51 21.13
CA THR F 28 4.25 -11.70 22.35
C THR F 28 3.31 -10.48 22.42
N PRO F 29 3.03 -9.73 21.35
CA PRO F 29 2.19 -8.53 21.53
C PRO F 29 0.78 -8.85 22.00
N PHE F 30 0.28 -10.06 21.76
CA PHE F 30 -1.08 -10.42 22.16
C PHE F 30 -1.17 -10.82 23.62
N LEU F 31 -0.06 -11.23 24.24
CA LEU F 31 -0.08 -11.81 25.57
C LEU F 31 0.60 -10.96 26.63
N TYR F 32 1.38 -9.95 26.23
CA TYR F 32 2.15 -9.17 27.17
C TYR F 32 1.91 -7.68 26.96
N ASP F 33 1.99 -6.92 28.06
CA ASP F 33 2.04 -5.48 27.99
C ASP F 33 3.46 -4.94 28.17
N LEU F 34 4.38 -5.76 28.66
CA LEU F 34 5.77 -5.38 28.85
C LEU F 34 6.65 -6.60 28.68
N VAL F 35 7.68 -6.49 27.83
CA VAL F 35 8.66 -7.55 27.64
C VAL F 35 10.03 -6.89 27.54
N MET F 36 10.96 -7.29 28.42
CA MET F 36 12.33 -6.78 28.41
C MET F 36 13.27 -7.98 28.50
N THR F 37 13.90 -8.33 27.38
CA THR F 37 14.88 -9.41 27.35
C THR F 37 16.27 -8.83 27.51
N HIS F 38 17.02 -9.37 28.47
CA HIS F 38 18.38 -8.90 28.75
C HIS F 38 19.28 -10.10 29.00
N ALA F 39 20.44 -10.11 28.36
CA ALA F 39 21.41 -11.18 28.52
C ALA F 39 22.50 -10.72 29.48
N LEU F 40 22.63 -11.41 30.61
CA LEU F 40 23.61 -11.04 31.62
C LEU F 40 24.99 -11.58 31.24
N GLU F 41 26.01 -11.04 31.93
CA GLU F 41 27.37 -11.54 31.72
C GLU F 41 27.50 -13.00 32.12
N TRP F 42 26.88 -13.39 33.23
CA TRP F 42 26.91 -14.76 33.70
C TRP F 42 25.51 -15.19 34.12
N PRO F 43 25.23 -16.48 34.10
CA PRO F 43 23.93 -16.98 34.57
C PRO F 43 23.71 -16.64 36.04
N SER F 44 22.45 -16.36 36.37
CA SER F 44 22.06 -16.04 37.73
C SER F 44 21.20 -17.17 38.29
N LEU F 45 21.61 -17.70 39.43
CA LEU F 45 20.82 -18.73 40.09
C LEU F 45 19.71 -18.16 40.96
N THR F 46 19.79 -16.87 41.30
CA THR F 46 18.82 -16.21 42.15
C THR F 46 18.37 -14.90 41.52
N ALA F 47 17.19 -14.46 41.93
CA ALA F 47 16.63 -13.19 41.47
C ALA F 47 15.60 -12.72 42.49
N GLN F 48 15.75 -11.48 42.95
CA GLN F 48 14.77 -10.96 43.89
C GLN F 48 14.60 -9.45 43.70
N TRP F 49 13.35 -9.00 43.60
CA TRP F 49 13.09 -7.57 43.51
C TRP F 49 13.36 -6.90 44.85
N LEU F 50 14.07 -5.77 44.82
CA LEU F 50 14.23 -4.97 46.02
C LEU F 50 13.01 -4.11 46.25
N PRO F 51 12.69 -3.78 47.51
CA PRO F 51 11.49 -2.98 47.78
C PRO F 51 11.63 -1.52 47.36
N ASP F 52 12.82 -1.07 47.01
CA ASP F 52 13.03 0.32 46.64
C ASP F 52 12.42 0.61 45.28
N VAL F 53 11.67 1.71 45.19
CA VAL F 53 11.28 2.27 43.90
C VAL F 53 11.51 3.77 43.96
N THR F 54 12.41 4.28 43.13
CA THR F 54 12.70 5.70 43.07
C THR F 54 11.92 6.31 41.92
N ARG F 55 11.07 7.28 42.24
CA ARG F 55 10.21 7.94 41.26
C ARG F 55 10.72 9.36 41.06
N PRO F 56 11.63 9.59 40.11
CA PRO F 56 12.18 10.94 39.90
C PRO F 56 11.09 11.89 39.40
N GLU F 57 10.90 12.99 40.13
CA GLU F 57 9.86 13.95 39.76
C GLU F 57 10.16 14.56 38.40
N GLY F 58 9.11 14.76 37.61
CA GLY F 58 9.27 15.26 36.26
C GLY F 58 9.70 14.23 35.26
N LYS F 59 9.59 12.94 35.59
CA LYS F 59 9.98 11.86 34.70
C LYS F 59 8.81 10.91 34.50
N ASP F 60 8.83 10.20 33.37
CA ASP F 60 7.77 9.30 32.98
C ASP F 60 8.03 7.85 33.39
N PHE F 61 8.99 7.62 34.28
CA PHE F 61 9.39 6.27 34.62
C PHE F 61 9.73 6.17 36.10
N SER F 62 9.76 4.93 36.58
CA SER F 62 10.26 4.61 37.92
C SER F 62 11.45 3.67 37.77
N ILE F 63 12.25 3.62 38.83
CA ILE F 63 13.49 2.84 38.83
C ILE F 63 13.40 1.80 39.94
N HIS F 64 13.39 0.53 39.55
CA HIS F 64 13.38 -0.59 40.50
C HIS F 64 14.75 -1.24 40.53
N ARG F 65 14.97 -2.05 41.56
CA ARG F 65 16.26 -2.67 41.78
C ARG F 65 16.09 -4.18 41.98
N LEU F 66 17.12 -4.92 41.55
CA LEU F 66 17.12 -6.38 41.59
C LEU F 66 18.40 -6.89 42.21
N VAL F 67 18.28 -7.93 43.02
CA VAL F 67 19.41 -8.66 43.58
C VAL F 67 19.56 -9.95 42.80
N LEU F 68 20.76 -10.16 42.23
CA LEU F 68 21.06 -11.28 41.36
C LEU F 68 22.42 -11.85 41.73
N GLY F 69 22.69 -13.05 41.22
CA GLY F 69 23.97 -13.71 41.41
C GLY F 69 24.63 -14.05 40.08
N THR F 70 25.81 -14.63 40.19
CA THR F 70 26.57 -15.08 39.03
C THR F 70 26.97 -16.54 39.22
N HIS F 71 27.04 -17.26 38.11
CA HIS F 71 27.41 -18.68 38.12
C HIS F 71 28.53 -18.86 37.09
N THR F 72 29.77 -18.63 37.53
CA THR F 72 30.94 -18.77 36.69
C THR F 72 31.60 -20.11 36.95
N SER F 73 31.92 -20.85 35.88
CA SER F 73 32.57 -22.14 36.05
C SER F 73 33.98 -21.98 36.62
N ASP F 74 34.74 -21.00 36.12
CA ASP F 74 36.13 -20.84 36.54
C ASP F 74 36.53 -19.38 36.67
N GLU F 75 35.60 -18.47 36.86
CA GLU F 75 35.89 -17.04 36.92
C GLU F 75 35.51 -16.49 38.30
N GLN F 76 35.61 -15.18 38.45
CA GLN F 76 35.27 -14.52 39.70
C GLN F 76 33.77 -14.26 39.76
N ASN F 77 33.15 -14.75 40.84
CA ASN F 77 31.71 -14.62 41.01
C ASN F 77 31.36 -13.31 41.70
N HIS F 78 30.16 -12.79 41.38
CA HIS F 78 29.73 -11.50 41.88
C HIS F 78 28.29 -11.58 42.39
N LEU F 79 28.06 -10.95 43.54
CA LEU F 79 26.71 -10.59 43.98
C LEU F 79 26.39 -9.25 43.34
N VAL F 80 25.28 -9.19 42.59
CA VAL F 80 24.98 -8.07 41.72
C VAL F 80 23.70 -7.40 42.18
N ILE F 81 23.71 -6.08 42.19
CA ILE F 81 22.50 -5.28 42.36
C ILE F 81 22.36 -4.42 41.10
N ALA F 82 21.25 -4.60 40.40
CA ALA F 82 21.02 -3.99 39.11
C ALA F 82 19.77 -3.13 39.13
N SER F 83 19.66 -2.24 38.15
CA SER F 83 18.57 -1.27 38.06
C SER F 83 17.77 -1.50 36.78
N VAL F 84 16.45 -1.37 36.90
CA VAL F 84 15.53 -1.52 35.78
C VAL F 84 14.60 -0.30 35.75
N GLN F 85 14.47 0.32 34.58
CA GLN F 85 13.57 1.44 34.39
C GLN F 85 12.26 0.93 33.81
N LEU F 86 11.14 1.33 34.41
CA LEU F 86 9.82 0.89 33.98
C LEU F 86 8.92 2.11 33.78
N PRO F 87 8.21 2.21 32.65
CA PRO F 87 7.39 3.40 32.39
C PRO F 87 6.28 3.55 33.43
N ASN F 88 5.99 4.81 33.76
CA ASN F 88 4.92 5.13 34.69
C ASN F 88 3.56 4.78 34.09
N ASP F 89 2.60 4.49 34.97
CA ASP F 89 1.25 4.18 34.51
C ASP F 89 0.62 5.37 33.80
N ASP F 90 0.85 6.57 34.30
CA ASP F 90 0.31 7.77 33.67
C ASP F 90 0.90 8.02 32.29
N ALA F 91 2.10 7.49 32.02
CA ALA F 91 2.74 7.68 30.73
C ALA F 91 2.40 6.59 29.72
N GLN F 92 1.69 5.53 30.14
CA GLN F 92 1.35 4.46 29.22
C GLN F 92 0.24 4.85 28.25
N PHE F 93 -0.43 5.97 28.47
CA PHE F 93 -1.40 6.52 27.52
C PHE F 93 -0.79 7.78 26.92
N ASP F 94 -0.40 7.72 25.66
CA ASP F 94 0.34 8.80 25.03
C ASP F 94 -0.03 8.87 23.56
N ALA F 95 -0.55 10.02 23.13
CA ALA F 95 -0.90 10.23 21.72
C ALA F 95 0.25 10.94 21.00
N SER F 96 1.42 10.29 21.04
CA SER F 96 2.60 10.88 20.43
C SER F 96 2.53 10.82 18.90
N HIS F 97 2.47 9.61 18.36
CA HIS F 97 2.46 9.40 16.92
C HIS F 97 1.32 8.46 16.55
N TYR F 98 0.88 8.57 15.30
CA TYR F 98 -0.17 7.71 14.76
C TYR F 98 0.31 7.12 13.44
N ASP F 99 0.68 5.84 13.45
CA ASP F 99 1.09 5.15 12.23
C ASP F 99 -0.15 4.87 11.37
N SER F 100 -0.29 5.61 10.28
CA SER F 100 -1.46 5.48 9.42
C SER F 100 -1.51 4.16 8.67
N GLU F 101 -0.41 3.40 8.62
CA GLU F 101 -0.40 2.12 7.94
C GLU F 101 -0.86 0.99 8.86
N LYS F 102 -0.15 0.77 9.97
CA LYS F 102 -0.51 -0.28 10.91
C LYS F 102 -1.72 0.08 11.76
N GLY F 103 -2.16 1.34 11.73
CA GLY F 103 -3.36 1.73 12.43
C GLY F 103 -3.25 1.75 13.94
N GLU F 104 -2.05 1.93 14.46
CA GLU F 104 -1.82 1.97 15.90
C GLU F 104 -1.17 3.30 16.28
N PHE F 105 -1.24 3.61 17.58
CA PHE F 105 -0.47 4.72 18.13
C PHE F 105 0.92 4.27 18.53
N GLY F 106 1.62 3.64 17.59
CA GLY F 106 2.86 2.97 17.88
C GLY F 106 4.11 3.69 17.42
N GLY F 107 4.90 3.02 16.59
CA GLY F 107 6.21 3.50 16.22
C GLY F 107 7.23 3.04 17.23
N PHE F 108 8.39 2.58 16.74
CA PHE F 108 9.41 2.07 17.66
C PHE F 108 10.09 3.21 18.42
N GLY F 109 10.38 4.31 17.73
CA GLY F 109 10.89 5.52 18.37
C GLY F 109 12.20 5.29 19.09
N SER F 110 12.38 6.02 20.19
CA SER F 110 13.59 5.93 21.01
C SER F 110 13.29 5.62 22.47
N VAL F 111 12.03 5.39 22.82
CA VAL F 111 11.67 5.05 24.20
C VAL F 111 12.04 3.59 24.45
N SER F 112 12.90 3.36 25.44
CA SER F 112 13.36 2.01 25.73
C SER F 112 13.63 1.88 27.22
N GLY F 113 13.36 0.67 27.74
CA GLY F 113 13.62 0.39 29.14
C GLY F 113 15.10 0.19 29.38
N LYS F 114 15.61 0.82 30.43
CA LYS F 114 17.03 0.84 30.71
C LYS F 114 17.36 -0.17 31.80
N ILE F 115 18.19 -1.16 31.47
CA ILE F 115 18.67 -2.15 32.42
C ILE F 115 20.18 -2.02 32.51
N GLU F 116 20.68 -1.78 33.72
CA GLU F 116 22.12 -1.60 33.92
C GLU F 116 22.50 -2.18 35.28
N ILE F 117 23.77 -2.56 35.40
CA ILE F 117 24.31 -3.08 36.64
C ILE F 117 24.82 -1.92 37.47
N GLU F 118 24.39 -1.86 38.73
CA GLU F 118 24.76 -0.76 39.63
C GLU F 118 25.90 -1.12 40.57
N ILE F 119 25.81 -2.24 41.27
CA ILE F 119 26.83 -2.64 42.23
C ILE F 119 27.21 -4.09 41.97
N LYS F 120 28.50 -4.36 41.89
CA LYS F 120 29.05 -5.71 41.84
C LYS F 120 29.98 -5.91 43.02
N ILE F 121 29.73 -6.95 43.81
CA ILE F 121 30.54 -7.27 44.97
C ILE F 121 31.13 -8.66 44.77
N ASN F 122 32.39 -8.84 45.18
CA ASN F 122 33.02 -10.14 45.03
C ASN F 122 32.27 -11.19 45.85
N HIS F 123 32.36 -12.44 45.39
CA HIS F 123 31.66 -13.53 46.06
C HIS F 123 32.41 -14.82 45.76
N GLU F 124 32.88 -15.51 46.79
CA GLU F 124 33.59 -16.77 46.61
C GLU F 124 32.57 -17.86 46.29
N GLY F 125 32.65 -18.40 45.07
CA GLY F 125 31.74 -19.42 44.62
C GLY F 125 30.45 -18.84 44.06
N GLU F 126 29.64 -19.74 43.49
CA GLU F 126 28.39 -19.34 42.88
C GLU F 126 27.42 -18.80 43.93
N VAL F 127 26.54 -17.90 43.50
CA VAL F 127 25.50 -17.35 44.37
C VAL F 127 24.28 -18.24 44.21
N ASN F 128 24.11 -19.19 45.12
CA ASN F 128 23.00 -20.12 45.04
C ASN F 128 21.66 -19.41 45.23
N ARG F 129 21.58 -18.55 46.24
CA ARG F 129 20.37 -17.76 46.48
C ARG F 129 20.72 -16.57 47.35
N ALA F 130 20.29 -15.39 46.93
CA ALA F 130 20.50 -14.15 47.67
C ALA F 130 19.15 -13.56 48.06
N ARG F 131 18.99 -13.25 49.35
CA ARG F 131 17.76 -12.68 49.86
C ARG F 131 18.09 -11.53 50.81
N TYR F 132 17.36 -10.43 50.67
CA TYR F 132 17.58 -9.25 51.50
C TYR F 132 16.71 -9.30 52.74
N MET F 133 17.16 -8.63 53.79
CA MET F 133 16.41 -8.57 55.04
C MET F 133 15.32 -7.51 54.94
N PRO F 134 14.05 -7.86 55.15
CA PRO F 134 12.98 -6.86 54.99
C PRO F 134 13.12 -5.65 55.90
N GLN F 135 13.60 -5.85 57.13
CA GLN F 135 13.79 -4.73 58.04
C GLN F 135 14.92 -3.81 57.61
N ASN F 136 15.78 -4.26 56.70
CA ASN F 136 16.91 -3.46 56.24
C ASN F 136 17.37 -3.99 54.89
N PRO F 137 16.82 -3.49 53.78
CA PRO F 137 17.20 -4.01 52.46
C PRO F 137 18.68 -3.87 52.14
N CYS F 138 19.45 -3.15 52.97
CA CYS F 138 20.90 -3.08 52.77
C CYS F 138 21.60 -4.37 53.15
N ILE F 139 20.97 -5.19 53.97
CA ILE F 139 21.57 -6.44 54.44
C ILE F 139 21.09 -7.57 53.52
N ILE F 140 22.03 -8.24 52.87
CA ILE F 140 21.73 -9.30 51.90
C ILE F 140 22.46 -10.56 52.32
N ALA F 141 21.71 -11.66 52.43
CA ALA F 141 22.28 -12.96 52.78
C ALA F 141 22.41 -13.81 51.53
N THR F 142 23.56 -14.46 51.37
CA THR F 142 23.87 -15.26 50.21
C THR F 142 24.31 -16.66 50.64
N LYS F 143 23.88 -17.65 49.86
CA LYS F 143 24.25 -19.04 50.06
C LYS F 143 25.32 -19.41 49.04
N THR F 144 26.46 -19.87 49.52
CA THR F 144 27.61 -20.24 48.70
C THR F 144 27.61 -21.73 48.45
N PRO F 145 28.47 -22.22 47.55
CA PRO F 145 28.68 -23.67 47.45
C PRO F 145 29.50 -24.22 48.61
N SER F 146 29.76 -23.39 49.62
CA SER F 146 30.42 -23.79 50.84
C SER F 146 29.40 -23.96 51.95
N SER F 147 29.86 -24.43 53.11
CA SER F 147 28.99 -24.67 54.25
C SER F 147 28.56 -23.40 54.98
N ASP F 148 29.22 -22.27 54.72
CA ASP F 148 28.94 -21.02 55.40
C ASP F 148 27.98 -20.15 54.60
N VAL F 149 27.18 -19.37 55.32
CA VAL F 149 26.27 -18.40 54.73
C VAL F 149 26.88 -17.02 54.91
N LEU F 150 26.88 -16.23 53.84
CA LEU F 150 27.51 -14.91 53.90
C LEU F 150 26.45 -13.82 54.03
N VAL F 151 26.82 -12.73 54.69
CA VAL F 151 25.94 -11.58 54.88
C VAL F 151 26.71 -10.33 54.51
N PHE F 152 26.19 -9.58 53.55
CA PHE F 152 26.83 -8.38 53.03
C PHE F 152 25.96 -7.16 53.27
N ASP F 153 26.63 -6.00 53.36
CA ASP F 153 25.97 -4.70 53.38
C ASP F 153 26.53 -3.91 52.22
N TYR F 154 25.74 -3.75 51.16
CA TYR F 154 26.26 -3.18 49.92
C TYR F 154 26.61 -1.70 50.05
N THR F 155 26.16 -1.04 51.12
CA THR F 155 26.61 0.32 51.39
C THR F 155 28.02 0.37 51.97
N LYS F 156 28.49 -0.72 52.57
CA LYS F 156 29.82 -0.80 53.16
C LYS F 156 30.87 -1.32 52.17
N HIS F 157 30.50 -1.47 50.90
CA HIS F 157 31.40 -2.02 49.90
C HIS F 157 31.54 -1.07 48.72
N PRO F 158 32.69 -1.09 48.04
CA PRO F 158 32.87 -0.21 46.89
C PRO F 158 31.88 -0.53 45.77
N SER F 159 31.52 0.52 45.02
CA SER F 159 30.59 0.33 43.91
C SER F 159 31.15 -0.59 42.85
N LYS F 160 32.47 -0.59 42.66
CA LYS F 160 33.14 -1.52 41.78
C LYS F 160 33.83 -2.61 42.60
N PRO F 161 33.95 -3.83 42.07
CA PRO F 161 34.56 -4.92 42.84
C PRO F 161 36.02 -4.65 43.14
N ASP F 162 36.55 -5.44 44.06
CA ASP F 162 37.95 -5.31 44.44
C ASP F 162 38.84 -5.63 43.24
N PRO F 163 40.05 -5.05 43.19
CA PRO F 163 40.94 -5.34 42.05
C PRO F 163 41.22 -6.82 41.88
N SER F 164 41.39 -7.55 42.99
CA SER F 164 41.57 -9.00 42.95
C SER F 164 41.25 -9.54 44.34
N GLY F 165 41.30 -10.86 44.47
CA GLY F 165 41.02 -11.51 45.73
C GLY F 165 39.54 -11.76 45.93
N GLU F 166 39.24 -12.59 46.93
CA GLU F 166 37.87 -12.96 47.24
C GLU F 166 37.18 -11.83 48.00
N CYS F 167 35.96 -12.08 48.44
CA CYS F 167 35.14 -11.07 49.10
C CYS F 167 35.60 -10.85 50.54
N ASN F 168 35.11 -9.74 51.11
CA ASN F 168 35.24 -9.43 52.53
C ASN F 168 33.83 -9.37 53.10
N PRO F 169 33.23 -10.51 53.44
CA PRO F 169 31.84 -10.49 53.92
C PRO F 169 31.73 -9.79 55.26
N ASP F 170 30.62 -9.07 55.45
CA ASP F 170 30.38 -8.40 56.72
C ASP F 170 30.10 -9.40 57.83
N LEU F 171 29.37 -10.48 57.52
CA LEU F 171 29.12 -11.53 58.50
C LEU F 171 29.26 -12.90 57.85
N ARG F 172 29.83 -13.84 58.59
CA ARG F 172 29.95 -15.23 58.17
C ARG F 172 29.24 -16.10 59.19
N LEU F 173 28.25 -16.86 58.74
CA LEU F 173 27.45 -17.73 59.61
C LEU F 173 27.81 -19.18 59.30
N ARG F 174 28.28 -19.89 60.33
CA ARG F 174 28.76 -21.26 60.18
C ARG F 174 27.87 -22.19 60.99
N GLY F 175 26.89 -22.81 60.32
CA GLY F 175 26.03 -23.77 60.99
C GLY F 175 25.97 -25.13 60.31
N HIS F 176 26.23 -25.17 59.01
CA HIS F 176 26.04 -26.38 58.22
C HIS F 176 27.37 -27.06 57.93
N GLN F 177 27.28 -28.15 57.17
CA GLN F 177 28.44 -28.88 56.68
C GLN F 177 28.50 -28.95 55.17
N LYS F 178 27.45 -28.54 54.46
CA LYS F 178 27.40 -28.64 53.01
C LYS F 178 26.72 -27.39 52.46
N GLU F 179 26.66 -27.29 51.14
CA GLU F 179 25.99 -26.19 50.47
C GLU F 179 24.48 -26.34 50.56
N GLY F 180 23.77 -25.25 50.27
CA GLY F 180 22.32 -25.24 50.32
C GLY F 180 21.73 -24.20 49.41
N TYR F 181 20.40 -24.20 49.33
CA TYR F 181 19.67 -23.26 48.49
C TYR F 181 18.52 -22.54 49.18
N GLY F 182 18.04 -23.02 50.33
CA GLY F 182 16.93 -22.40 51.02
C GLY F 182 17.41 -21.33 51.98
N LEU F 183 16.82 -20.14 51.89
CA LEU F 183 17.22 -19.01 52.72
C LEU F 183 16.03 -18.08 52.89
N SER F 184 15.78 -17.66 54.14
CA SER F 184 14.68 -16.74 54.39
C SER F 184 14.90 -15.99 55.69
N TRP F 185 14.63 -14.68 55.66
CA TRP F 185 14.64 -13.85 56.84
C TRP F 185 13.29 -13.91 57.56
N ASN F 186 13.32 -13.62 58.85
CA ASN F 186 12.09 -13.54 59.62
C ASN F 186 11.44 -12.18 59.41
N PRO F 187 10.22 -12.11 58.86
CA PRO F 187 9.59 -10.81 58.63
C PRO F 187 9.05 -10.15 59.90
N ASN F 188 9.06 -10.84 61.04
CA ASN F 188 8.57 -10.28 62.29
C ASN F 188 9.66 -10.06 63.33
N LEU F 189 10.77 -10.79 63.25
CA LEU F 189 11.90 -10.62 64.16
C LEU F 189 13.12 -10.22 63.34
N SER F 190 13.62 -9.01 63.57
CA SER F 190 14.74 -8.50 62.80
C SER F 190 16.02 -9.24 63.15
N GLY F 191 16.70 -9.75 62.12
CA GLY F 191 17.97 -10.43 62.28
C GLY F 191 17.90 -11.94 62.26
N HIS F 192 16.71 -12.51 62.47
CA HIS F 192 16.55 -13.96 62.50
C HIS F 192 16.58 -14.50 61.08
N LEU F 193 17.56 -15.36 60.79
CA LEU F 193 17.75 -15.93 59.46
C LEU F 193 17.67 -17.45 59.52
N LEU F 194 16.97 -18.04 58.55
CA LEU F 194 16.85 -19.48 58.41
C LEU F 194 17.49 -19.92 57.11
N SER F 195 18.30 -20.97 57.18
CA SER F 195 18.94 -21.54 55.99
C SER F 195 18.80 -23.05 56.00
N ALA F 196 18.72 -23.62 54.81
CA ALA F 196 18.59 -25.05 54.61
C ALA F 196 19.65 -25.52 53.63
N SER F 197 20.18 -26.73 53.85
CA SER F 197 21.30 -27.22 53.08
C SER F 197 21.16 -28.72 52.87
N ASP F 198 22.13 -29.29 52.14
CA ASP F 198 22.16 -30.72 51.88
C ASP F 198 22.54 -31.54 53.10
N ASP F 199 22.94 -30.89 54.20
CA ASP F 199 23.34 -31.58 55.42
C ASP F 199 22.16 -32.10 56.23
N HIS F 200 20.96 -32.12 55.66
CA HIS F 200 19.75 -32.68 56.28
C HIS F 200 19.29 -31.86 57.48
N THR F 201 19.78 -30.64 57.65
CA THR F 201 19.45 -29.81 58.81
C THR F 201 19.05 -28.42 58.36
N ILE F 202 18.43 -27.68 59.28
CA ILE F 202 18.06 -26.28 59.09
C ILE F 202 18.71 -25.47 60.20
N CYS F 203 19.24 -24.30 59.85
CA CYS F 203 19.96 -23.47 60.80
C CYS F 203 19.27 -22.13 60.98
N LEU F 204 19.17 -21.70 62.24
CA LEU F 204 18.60 -20.41 62.62
C LEU F 204 19.69 -19.58 63.29
N TRP F 205 19.92 -18.38 62.75
CA TRP F 205 20.86 -17.41 63.29
C TRP F 205 20.12 -16.17 63.76
N ASP F 206 20.71 -15.49 64.74
CA ASP F 206 20.19 -14.22 65.26
C ASP F 206 21.33 -13.21 65.22
N ILE F 207 21.36 -12.38 64.17
CA ILE F 207 22.43 -11.42 63.97
C ILE F 207 22.08 -10.04 64.50
N SER F 208 21.01 -9.93 65.30
CA SER F 208 20.57 -8.63 65.81
C SER F 208 21.40 -8.12 66.97
N ALA F 209 22.33 -8.93 67.50
CA ALA F 209 23.17 -8.52 68.63
C ALA F 209 24.66 -8.61 68.30
N VAL F 210 25.01 -8.61 67.01
CA VAL F 210 26.42 -8.73 66.63
C VAL F 210 27.15 -7.44 66.98
N PRO F 211 28.32 -7.51 67.61
CA PRO F 211 29.10 -6.30 67.88
C PRO F 211 29.60 -5.68 66.58
N LYS F 212 30.09 -4.43 66.70
CA LYS F 212 30.53 -3.70 65.53
C LYS F 212 31.72 -4.38 64.86
N GLU F 213 32.65 -4.91 65.65
CA GLU F 213 33.82 -5.57 65.11
C GLU F 213 33.61 -7.08 64.97
N GLY F 214 32.44 -7.59 65.31
CA GLY F 214 32.18 -9.01 65.13
C GLY F 214 32.07 -9.35 63.64
N LYS F 215 32.56 -10.54 63.29
CA LYS F 215 32.56 -10.99 61.90
C LYS F 215 32.05 -12.41 61.70
N VAL F 216 32.04 -13.25 62.72
CA VAL F 216 31.60 -14.64 62.60
C VAL F 216 30.53 -14.90 63.64
N VAL F 217 29.42 -15.50 63.21
CA VAL F 217 28.29 -15.81 64.10
C VAL F 217 28.00 -17.30 63.97
N ASP F 218 27.94 -17.99 65.11
CA ASP F 218 27.61 -19.40 65.14
C ASP F 218 26.10 -19.60 65.05
N ALA F 219 25.70 -20.83 64.74
CA ALA F 219 24.28 -21.14 64.60
C ALA F 219 23.58 -21.06 65.95
N LYS F 220 22.47 -20.31 66.00
CA LYS F 220 21.70 -20.21 67.22
C LYS F 220 20.92 -21.50 67.49
N THR F 221 20.32 -22.07 66.45
CA THR F 221 19.58 -23.31 66.63
C THR F 221 19.70 -24.16 65.36
N ILE F 222 19.73 -25.48 65.56
CA ILE F 222 19.79 -26.44 64.46
C ILE F 222 18.63 -27.42 64.59
N PHE F 223 17.84 -27.54 63.52
CA PHE F 223 16.71 -28.47 63.47
C PHE F 223 17.09 -29.63 62.56
N THR F 224 16.85 -30.86 63.04
CA THR F 224 17.32 -32.07 62.37
C THR F 224 16.18 -33.03 62.06
N GLY F 225 14.95 -32.53 61.91
CA GLY F 225 13.82 -33.42 61.69
C GLY F 225 13.87 -34.12 60.35
N HIS F 226 14.28 -33.42 59.31
CA HIS F 226 14.29 -34.00 57.96
C HIS F 226 15.36 -35.08 57.86
N THR F 227 15.05 -36.12 57.09
CA THR F 227 15.97 -37.23 56.87
C THR F 227 16.62 -37.20 55.49
N ALA F 228 16.37 -36.14 54.72
CA ALA F 228 16.96 -36.01 53.39
C ALA F 228 17.46 -34.58 53.22
N VAL F 229 17.84 -34.22 52.00
CA VAL F 229 18.32 -32.89 51.70
C VAL F 229 17.16 -31.90 51.84
N VAL F 230 17.28 -30.98 52.81
CA VAL F 230 16.26 -29.97 53.03
C VAL F 230 16.33 -28.97 51.88
N GLU F 231 15.36 -29.04 50.97
CA GLU F 231 15.43 -28.23 49.76
C GLU F 231 15.11 -26.76 50.03
N ASP F 232 14.09 -26.48 50.83
CA ASP F 232 13.71 -25.09 51.03
C ASP F 232 13.15 -24.89 52.43
N VAL F 233 13.29 -23.66 52.93
CA VAL F 233 12.74 -23.24 54.21
C VAL F 233 12.20 -21.82 54.05
N SER F 234 11.13 -21.51 54.79
CA SER F 234 10.51 -20.21 54.70
C SER F 234 9.77 -19.89 55.98
N TRP F 235 10.01 -18.70 56.53
CA TRP F 235 9.28 -18.26 57.71
C TRP F 235 7.82 -18.03 57.38
N HIS F 236 6.98 -18.08 58.41
CA HIS F 236 5.60 -17.67 58.27
C HIS F 236 5.51 -16.15 58.29
N LEU F 237 4.61 -15.60 57.49
CA LEU F 237 4.59 -14.17 57.25
C LEU F 237 3.99 -13.37 58.41
N LEU F 238 3.25 -14.02 59.31
CA LEU F 238 2.60 -13.29 60.41
C LEU F 238 2.97 -13.79 61.80
N HIS F 239 3.52 -15.00 61.93
CA HIS F 239 3.89 -15.55 63.22
C HIS F 239 5.40 -15.53 63.38
N GLU F 240 5.87 -14.98 64.50
CA GLU F 240 7.30 -14.87 64.78
C GLU F 240 7.91 -16.18 65.27
N SER F 241 7.17 -17.27 65.26
CA SER F 241 7.65 -18.54 65.77
C SER F 241 7.55 -19.69 64.78
N LEU F 242 6.50 -19.71 63.96
CA LEU F 242 6.26 -20.81 63.04
C LEU F 242 7.03 -20.61 61.74
N PHE F 243 7.54 -21.71 61.18
CA PHE F 243 8.14 -21.66 59.86
C PHE F 243 8.03 -23.03 59.20
N GLY F 244 7.94 -23.03 57.87
CA GLY F 244 7.81 -24.26 57.12
C GLY F 244 9.08 -24.67 56.38
N SER F 245 9.21 -25.96 56.09
CA SER F 245 10.34 -26.45 55.33
C SER F 245 9.90 -27.64 54.48
N VAL F 246 10.48 -27.76 53.29
CA VAL F 246 10.21 -28.87 52.39
C VAL F 246 11.54 -29.52 52.02
N ALA F 247 11.57 -30.85 52.05
CA ALA F 247 12.84 -31.56 51.86
C ALA F 247 12.69 -32.63 50.78
N ASP F 248 13.83 -33.28 50.48
CA ASP F 248 13.89 -34.34 49.49
C ASP F 248 13.20 -35.63 49.94
N ASP F 249 12.83 -35.74 51.22
CA ASP F 249 12.12 -36.90 51.71
C ASP F 249 10.62 -36.80 51.49
N GLN F 250 10.19 -36.01 50.50
CA GLN F 250 8.78 -35.85 50.14
C GLN F 250 7.96 -35.31 51.30
N LYS F 251 8.60 -34.54 52.18
CA LYS F 251 7.97 -34.11 53.42
C LYS F 251 8.00 -32.59 53.56
N LEU F 252 6.91 -32.07 54.12
CA LEU F 252 6.79 -30.67 54.52
C LEU F 252 6.56 -30.63 56.03
N MET F 253 7.39 -29.87 56.73
CA MET F 253 7.36 -29.80 58.18
C MET F 253 7.10 -28.36 58.63
N ILE F 254 6.19 -28.22 59.60
CA ILE F 254 5.90 -26.94 60.23
C ILE F 254 6.54 -26.97 61.62
N TRP F 255 7.51 -26.07 61.83
CA TRP F 255 8.28 -26.00 63.05
C TRP F 255 7.84 -24.79 63.87
N ASP F 256 7.84 -24.97 65.19
CA ASP F 256 7.62 -23.88 66.14
C ASP F 256 8.91 -23.66 66.90
N THR F 257 9.43 -22.43 66.86
CA THR F 257 10.67 -22.14 67.57
C THR F 257 10.51 -22.18 69.08
N ARG F 258 9.27 -22.14 69.59
CA ARG F 258 9.03 -22.29 71.02
C ARG F 258 9.06 -23.74 71.46
N SER F 259 8.98 -24.69 70.53
CA SER F 259 9.08 -26.09 70.85
C SER F 259 10.54 -26.46 71.12
N ASN F 260 10.78 -27.15 72.23
CA ASN F 260 12.14 -27.48 72.63
C ASN F 260 12.72 -28.66 71.86
N ASN F 261 11.88 -29.49 71.24
CA ASN F 261 12.34 -30.63 70.46
C ASN F 261 12.85 -30.11 69.13
N THR F 262 14.18 -30.04 69.00
CA THR F 262 14.83 -29.56 67.78
C THR F 262 15.04 -30.67 66.76
N SER F 263 14.54 -31.88 67.02
CA SER F 263 14.66 -32.99 66.09
C SER F 263 13.32 -33.51 65.58
N LYS F 264 12.20 -33.03 66.13
CA LYS F 264 10.88 -33.45 65.69
C LYS F 264 10.04 -32.21 65.44
N PRO F 265 9.53 -32.01 64.23
CA PRO F 265 8.74 -30.81 63.95
C PRO F 265 7.40 -30.84 64.68
N SER F 266 6.85 -29.63 64.88
CA SER F 266 5.52 -29.52 65.48
C SER F 266 4.46 -30.16 64.60
N HIS F 267 4.68 -30.19 63.28
CA HIS F 267 3.76 -30.84 62.36
C HIS F 267 4.56 -31.41 61.19
N SER F 268 4.17 -32.60 60.73
CA SER F 268 4.80 -33.23 59.58
C SER F 268 3.73 -33.71 58.62
N VAL F 269 3.94 -33.51 57.33
CA VAL F 269 2.98 -33.90 56.29
C VAL F 269 3.73 -34.52 55.13
N ASP F 270 3.27 -35.68 54.68
CA ASP F 270 3.75 -36.30 53.44
C ASP F 270 3.12 -35.54 52.29
N ALA F 271 3.79 -34.47 51.86
CA ALA F 271 3.17 -33.54 50.92
C ALA F 271 3.07 -34.14 49.52
N HIS F 272 4.10 -34.87 49.09
CA HIS F 272 4.21 -35.26 47.70
C HIS F 272 4.77 -36.67 47.60
N THR F 273 4.90 -37.14 46.36
CA THR F 273 5.44 -38.46 46.08
C THR F 273 6.89 -38.42 45.61
N ALA F 274 7.51 -37.24 45.57
CA ALA F 274 8.90 -37.10 45.17
C ALA F 274 9.49 -35.91 45.92
N GLU F 275 10.67 -35.46 45.46
CA GLU F 275 11.34 -34.34 46.11
C GLU F 275 10.51 -33.07 45.99
N VAL F 276 10.38 -32.34 47.11
CA VAL F 276 9.66 -31.09 47.15
C VAL F 276 10.70 -29.97 47.23
N ASN F 277 10.70 -29.08 46.23
CA ASN F 277 11.84 -28.18 46.06
C ASN F 277 11.61 -26.77 46.61
N CYS F 278 10.36 -26.37 46.83
CA CYS F 278 10.11 -24.98 47.23
C CYS F 278 8.79 -24.89 47.97
N LEU F 279 8.64 -23.80 48.71
CA LEU F 279 7.40 -23.50 49.42
C LEU F 279 7.28 -21.99 49.55
N SER F 280 6.04 -21.54 49.76
CA SER F 280 5.76 -20.12 49.90
C SER F 280 4.43 -19.94 50.60
N PHE F 281 4.38 -19.00 51.55
CA PHE F 281 3.16 -18.69 52.28
C PHE F 281 2.37 -17.60 51.56
N ASN F 282 1.05 -17.72 51.59
CA ASN F 282 0.20 -16.68 51.03
C ASN F 282 0.25 -15.43 51.91
N PRO F 283 0.37 -14.24 51.32
CA PRO F 283 0.48 -13.03 52.14
C PRO F 283 -0.85 -12.58 52.72
N TYR F 284 -1.95 -12.94 52.06
CA TYR F 284 -3.27 -12.49 52.49
C TYR F 284 -3.99 -13.49 53.38
N SER F 285 -3.53 -14.73 53.44
CA SER F 285 -4.15 -15.77 54.27
C SER F 285 -3.11 -16.36 55.21
N GLU F 286 -3.39 -16.30 56.51
CA GLU F 286 -2.50 -16.90 57.50
C GLU F 286 -2.49 -18.43 57.42
N PHE F 287 -3.52 -19.03 56.82
CA PHE F 287 -3.68 -20.48 56.86
C PHE F 287 -3.20 -21.20 55.62
N ILE F 288 -3.06 -20.51 54.50
CA ILE F 288 -2.82 -21.14 53.20
C ILE F 288 -1.34 -21.04 52.85
N LEU F 289 -0.82 -22.11 52.25
CA LEU F 289 0.54 -22.11 51.71
C LEU F 289 0.58 -23.03 50.49
N ALA F 290 1.69 -22.99 49.76
CA ALA F 290 1.84 -23.78 48.55
C ALA F 290 3.23 -24.37 48.47
N THR F 291 3.33 -25.58 47.93
CA THR F 291 4.60 -26.29 47.78
C THR F 291 4.73 -26.84 46.37
N GLY F 292 5.86 -26.58 45.73
CA GLY F 292 6.15 -27.12 44.41
C GLY F 292 7.04 -28.34 44.51
N SER F 293 6.70 -29.38 43.76
CA SER F 293 7.39 -30.66 43.90
C SER F 293 7.98 -31.11 42.58
N ALA F 294 8.69 -32.24 42.63
CA ALA F 294 9.18 -32.92 41.44
C ALA F 294 8.10 -33.71 40.74
N ASP F 295 6.91 -33.83 41.34
CA ASP F 295 5.76 -34.48 40.70
C ASP F 295 5.25 -33.73 39.49
N LYS F 296 5.88 -32.61 39.13
CA LYS F 296 5.32 -31.63 38.20
C LYS F 296 4.01 -31.06 38.73
N THR F 297 3.91 -30.94 40.06
CA THR F 297 2.70 -30.52 40.74
C THR F 297 3.00 -29.43 41.76
N VAL F 298 1.96 -28.65 42.06
CA VAL F 298 1.98 -27.68 43.15
C VAL F 298 0.81 -28.02 44.08
N ALA F 299 1.12 -28.28 45.35
CA ALA F 299 0.12 -28.65 46.34
C ALA F 299 -0.25 -27.44 47.18
N LEU F 300 -1.55 -27.25 47.38
CA LEU F 300 -2.09 -26.18 48.21
C LEU F 300 -2.45 -26.75 49.57
N TRP F 301 -2.02 -26.08 50.64
CA TRP F 301 -2.15 -26.59 51.99
C TRP F 301 -2.86 -25.58 52.88
N ASP F 302 -3.79 -26.09 53.68
CA ASP F 302 -4.47 -25.33 54.72
C ASP F 302 -3.86 -25.71 56.07
N LEU F 303 -3.43 -24.69 56.83
CA LEU F 303 -2.79 -24.95 58.12
C LEU F 303 -3.77 -25.46 59.17
N ARG F 304 -5.06 -25.24 58.98
CA ARG F 304 -6.06 -25.77 59.90
C ARG F 304 -6.42 -27.22 59.61
N ASN F 305 -6.06 -27.74 58.44
CA ASN F 305 -6.34 -29.13 58.08
C ASN F 305 -5.17 -29.63 57.22
N LEU F 306 -4.19 -30.24 57.88
CA LEU F 306 -2.97 -30.65 57.22
C LEU F 306 -3.04 -32.06 56.62
N LYS F 307 -3.99 -32.88 57.07
CA LYS F 307 -4.12 -34.22 56.49
C LYS F 307 -4.61 -34.17 55.06
N LEU F 308 -5.45 -33.20 54.72
CA LEU F 308 -6.06 -33.09 53.40
C LEU F 308 -5.33 -32.06 52.57
N LYS F 309 -4.89 -32.46 51.38
CA LYS F 309 -4.35 -31.52 50.41
C LYS F 309 -5.49 -30.73 49.78
N LEU F 310 -5.43 -29.40 49.87
CA LEU F 310 -6.52 -28.58 49.39
C LEU F 310 -6.74 -28.74 47.88
N HIS F 311 -5.65 -28.73 47.12
CA HIS F 311 -5.74 -28.89 45.67
C HIS F 311 -4.36 -29.17 45.12
N SER F 312 -4.33 -29.69 43.89
CA SER F 312 -3.08 -29.99 43.20
C SER F 312 -3.13 -29.37 41.80
N PHE F 313 -2.17 -28.48 41.53
CA PHE F 313 -2.01 -27.87 40.22
C PHE F 313 -1.08 -28.75 39.39
N GLU F 314 -1.56 -29.19 38.24
CA GLU F 314 -0.95 -30.29 37.48
C GLU F 314 -0.85 -29.94 36.00
N SER F 315 -0.35 -28.75 35.69
CA SER F 315 -0.13 -28.37 34.29
C SER F 315 1.35 -28.29 33.92
N HIS F 316 2.26 -28.53 34.86
CA HIS F 316 3.68 -28.49 34.55
C HIS F 316 4.10 -29.78 33.84
N LYS F 317 5.19 -29.69 33.08
CA LYS F 317 5.70 -30.81 32.31
C LYS F 317 7.03 -31.35 32.83
N ASP F 318 7.55 -30.81 33.93
CA ASP F 318 8.81 -31.27 34.49
C ASP F 318 8.88 -30.80 35.94
N GLU F 319 10.07 -30.92 36.54
CA GLU F 319 10.27 -30.57 37.94
C GLU F 319 10.01 -29.08 38.15
N ILE F 320 9.61 -28.74 39.38
CA ILE F 320 9.31 -27.38 39.79
C ILE F 320 10.30 -26.97 40.87
N PHE F 321 10.93 -25.81 40.71
CA PHE F 321 11.98 -25.37 41.62
C PHE F 321 11.65 -24.11 42.40
N GLN F 322 10.74 -23.26 41.91
CA GLN F 322 10.36 -22.07 42.64
C GLN F 322 8.86 -21.85 42.51
N VAL F 323 8.23 -21.52 43.65
CA VAL F 323 6.80 -21.18 43.70
C VAL F 323 6.67 -19.93 44.56
N GLN F 324 6.06 -18.88 44.00
CA GLN F 324 5.89 -17.63 44.71
C GLN F 324 4.49 -17.09 44.47
N TRP F 325 3.89 -16.53 45.51
CA TRP F 325 2.58 -15.90 45.41
C TRP F 325 2.70 -14.49 44.84
N SER F 326 1.61 -14.02 44.26
CA SER F 326 1.52 -12.62 43.88
C SER F 326 1.31 -11.76 45.13
N PRO F 327 2.04 -10.66 45.26
CA PRO F 327 1.86 -9.79 46.43
C PRO F 327 0.64 -8.89 46.34
N HIS F 328 -0.01 -8.80 45.18
CA HIS F 328 -1.13 -7.90 44.98
C HIS F 328 -2.46 -8.63 44.78
N ASN F 329 -2.48 -9.96 44.87
CA ASN F 329 -3.70 -10.71 44.64
C ASN F 329 -3.56 -12.08 45.30
N GLU F 330 -4.45 -12.39 46.25
CA GLU F 330 -4.32 -13.63 46.99
C GLU F 330 -4.62 -14.86 46.15
N THR F 331 -5.44 -14.71 45.10
CA THR F 331 -5.85 -15.83 44.27
C THR F 331 -4.88 -16.12 43.14
N ILE F 332 -3.74 -15.43 43.09
CA ILE F 332 -2.79 -15.56 41.99
C ILE F 332 -1.51 -16.19 42.52
N LEU F 333 -1.05 -17.24 41.83
CA LEU F 333 0.12 -18.00 42.23
C LEU F 333 1.02 -18.20 41.00
N ALA F 334 2.30 -18.45 41.24
CA ALA F 334 3.24 -18.66 40.15
C ALA F 334 4.19 -19.79 40.51
N SER F 335 4.62 -20.53 39.48
CA SER F 335 5.49 -21.67 39.65
C SER F 335 6.37 -21.84 38.43
N SER F 336 7.67 -22.04 38.65
CA SER F 336 8.64 -22.21 37.56
C SER F 336 9.45 -23.48 37.79
N GLY F 337 10.03 -23.98 36.72
CA GLY F 337 10.80 -25.21 36.82
C GLY F 337 11.65 -25.45 35.59
N THR F 338 12.12 -26.69 35.47
CA THR F 338 13.04 -27.09 34.42
C THR F 338 12.37 -27.18 33.04
N ASP F 339 11.04 -27.10 32.97
CA ASP F 339 10.34 -27.17 31.70
C ASP F 339 10.36 -25.86 30.92
N ARG F 340 11.23 -24.92 31.32
CA ARG F 340 11.38 -23.62 30.67
C ARG F 340 10.09 -22.80 30.68
N ARG F 341 9.18 -23.09 31.60
CA ARG F 341 7.88 -22.43 31.65
C ARG F 341 7.64 -21.83 33.03
N LEU F 342 6.93 -20.71 33.04
CA LEU F 342 6.47 -20.07 34.28
C LEU F 342 4.95 -20.05 34.23
N ASN F 343 4.32 -20.87 35.07
CA ASN F 343 2.87 -21.01 35.08
C ASN F 343 2.28 -20.10 36.14
N VAL F 344 1.25 -19.34 35.75
CA VAL F 344 0.52 -18.45 36.65
C VAL F 344 -0.89 -18.99 36.78
N TRP F 345 -1.32 -19.21 38.03
CA TRP F 345 -2.56 -19.89 38.36
C TRP F 345 -3.51 -18.95 39.09
N ASP F 346 -4.80 -19.15 38.86
CA ASP F 346 -5.86 -18.44 39.56
C ASP F 346 -6.57 -19.42 40.48
N LEU F 347 -6.64 -19.07 41.77
CA LEU F 347 -7.32 -19.95 42.74
C LEU F 347 -8.83 -19.92 42.54
N SER F 348 -9.39 -18.77 42.20
CA SER F 348 -10.84 -18.60 42.05
C SER F 348 -11.41 -19.30 40.81
N LYS F 349 -10.61 -20.06 40.06
CA LYS F 349 -11.09 -20.80 38.91
C LYS F 349 -10.95 -22.31 39.10
N ILE F 350 -10.76 -22.76 40.34
CA ILE F 350 -10.62 -24.18 40.62
C ILE F 350 -11.98 -24.86 40.50
N GLY F 351 -12.01 -25.99 39.79
CA GLY F 351 -13.24 -26.74 39.65
C GLY F 351 -14.33 -26.03 38.87
N GLU F 352 -13.95 -25.20 37.90
CA GLU F 352 -14.92 -24.53 37.04
C GLU F 352 -15.14 -25.36 35.78
N GLU F 353 -16.38 -25.34 35.28
CA GLU F 353 -16.67 -26.03 34.03
C GLU F 353 -15.88 -25.42 32.89
N GLN F 354 -15.43 -26.26 31.97
CA GLN F 354 -14.54 -25.85 30.90
C GLN F 354 -15.01 -26.44 29.59
N SER F 355 -14.91 -25.65 28.52
CA SER F 355 -15.28 -26.12 27.21
C SER F 355 -14.32 -27.22 26.76
N PRO F 356 -14.75 -28.12 25.86
CA PRO F 356 -13.89 -29.26 25.50
C PRO F 356 -12.55 -28.87 24.94
N GLU F 357 -12.49 -27.78 24.15
CA GLU F 357 -11.23 -27.34 23.58
C GLU F 357 -10.43 -26.45 24.51
N ASP F 358 -11.06 -25.86 25.52
CA ASP F 358 -10.31 -25.12 26.53
C ASP F 358 -9.62 -26.08 27.49
N ALA F 359 -10.27 -27.20 27.81
CA ALA F 359 -9.63 -28.22 28.62
C ALA F 359 -8.45 -28.87 27.92
N GLU F 360 -8.35 -28.70 26.59
CA GLU F 360 -7.19 -29.17 25.86
C GLU F 360 -5.94 -28.41 26.28
N ASP F 361 -6.09 -27.15 26.68
CA ASP F 361 -4.94 -26.33 27.07
C ASP F 361 -4.47 -26.62 28.49
N GLY F 362 -5.39 -27.01 29.38
CA GLY F 362 -5.03 -27.32 30.74
C GLY F 362 -6.19 -27.15 31.71
N PRO F 363 -5.90 -27.27 33.00
CA PRO F 363 -6.95 -27.14 34.02
C PRO F 363 -7.48 -25.72 34.06
N PRO F 364 -8.71 -25.53 34.53
CA PRO F 364 -9.28 -24.17 34.54
C PRO F 364 -8.51 -23.19 35.42
N GLU F 365 -7.85 -23.68 36.48
CA GLU F 365 -7.12 -22.78 37.37
C GLU F 365 -5.85 -22.22 36.73
N LEU F 366 -5.35 -22.85 35.67
CA LEU F 366 -4.19 -22.32 34.97
C LEU F 366 -4.57 -21.06 34.21
N LEU F 367 -3.87 -19.95 34.49
CA LEU F 367 -4.21 -18.65 33.93
C LEU F 367 -3.27 -18.24 32.80
N PHE F 368 -1.96 -18.39 33.00
CA PHE F 368 -1.00 -17.88 32.02
C PHE F 368 0.21 -18.81 31.96
N ILE F 369 0.83 -18.87 30.79
CA ILE F 369 2.04 -19.64 30.57
C ILE F 369 3.09 -18.71 29.98
N HIS F 370 4.24 -18.61 30.64
CA HIS F 370 5.38 -17.84 30.15
C HIS F 370 6.39 -18.82 29.60
N GLY F 371 6.54 -18.83 28.27
CA GLY F 371 7.47 -19.73 27.61
C GLY F 371 8.51 -18.99 26.80
N GLY F 372 8.88 -17.80 27.23
CA GLY F 372 9.90 -17.01 26.60
C GLY F 372 11.33 -17.39 26.95
N HIS F 373 11.50 -18.37 27.83
CA HIS F 373 12.82 -18.82 28.25
C HIS F 373 13.24 -20.03 27.44
N THR F 374 14.48 -20.03 26.97
CA THR F 374 15.03 -21.13 26.19
C THR F 374 15.84 -22.10 27.04
N ALA F 375 15.84 -21.93 28.36
CA ALA F 375 16.57 -22.80 29.27
C ALA F 375 15.78 -22.92 30.56
N LYS F 376 16.32 -23.68 31.50
CA LYS F 376 15.66 -23.86 32.79
C LYS F 376 15.57 -22.54 33.53
N ILE F 377 14.36 -22.21 34.01
CA ILE F 377 14.15 -20.99 34.77
C ILE F 377 14.77 -21.17 36.15
N SER F 378 15.93 -20.54 36.38
CA SER F 378 16.61 -20.69 37.64
C SER F 378 15.80 -20.09 38.79
N ASP F 379 15.31 -18.86 38.62
CA ASP F 379 14.57 -18.24 39.71
C ASP F 379 13.78 -17.05 39.18
N PHE F 380 12.59 -16.84 39.75
CA PHE F 380 11.76 -15.70 39.39
C PHE F 380 11.29 -15.00 40.66
N SER F 381 10.74 -13.80 40.46
CA SER F 381 10.28 -12.98 41.58
C SER F 381 9.22 -11.99 41.09
N TRP F 382 8.17 -11.84 41.88
CA TRP F 382 7.15 -10.83 41.62
C TRP F 382 7.65 -9.46 42.03
N ASN F 383 7.26 -8.44 41.29
CA ASN F 383 7.59 -7.07 41.66
C ASN F 383 6.62 -6.60 42.75
N PRO F 384 7.11 -6.23 43.93
CA PRO F 384 6.20 -5.83 45.01
C PRO F 384 5.59 -4.45 44.83
N ASN F 385 6.08 -3.65 43.88
CA ASN F 385 5.58 -2.30 43.68
C ASN F 385 4.70 -2.15 42.44
N GLU F 386 4.97 -2.89 41.37
CA GLU F 386 4.15 -2.84 40.17
C GLU F 386 3.43 -4.17 39.99
N PRO F 387 2.10 -4.19 40.03
CA PRO F 387 1.37 -5.46 39.94
C PRO F 387 1.61 -6.17 38.61
N TRP F 388 1.62 -7.50 38.68
CA TRP F 388 1.71 -8.40 37.52
C TRP F 388 3.05 -8.30 36.80
N VAL F 389 4.06 -7.69 37.40
CA VAL F 389 5.38 -7.61 36.82
C VAL F 389 6.26 -8.66 37.46
N ILE F 390 6.83 -9.55 36.65
CA ILE F 390 7.63 -10.66 37.13
C ILE F 390 8.98 -10.62 36.45
N CYS F 391 10.05 -10.83 37.22
CA CYS F 391 11.41 -10.96 36.69
C CYS F 391 11.86 -12.40 36.85
N SER F 392 12.27 -13.02 35.75
CA SER F 392 12.69 -14.41 35.76
C SER F 392 14.07 -14.53 35.11
N VAL F 393 14.98 -15.21 35.80
CA VAL F 393 16.33 -15.48 35.30
C VAL F 393 16.47 -16.98 35.09
N SER F 394 17.06 -17.34 33.95
CA SER F 394 17.21 -18.73 33.52
C SER F 394 18.68 -19.11 33.48
N GLU F 395 18.95 -20.33 33.01
CA GLU F 395 20.30 -20.86 33.04
C GLU F 395 21.19 -20.25 31.97
N ASP F 396 20.62 -19.84 30.84
CA ASP F 396 21.43 -19.28 29.75
C ASP F 396 21.61 -17.77 29.90
N ASN F 397 22.03 -17.36 31.11
CA ASN F 397 22.27 -15.97 31.49
C ASN F 397 21.25 -15.00 30.90
N ILE F 398 19.97 -15.39 30.92
CA ILE F 398 18.89 -14.58 30.37
C ILE F 398 17.99 -14.14 31.51
N MET F 399 17.83 -12.82 31.63
CA MET F 399 16.92 -12.20 32.59
C MET F 399 15.81 -11.51 31.81
N GLN F 400 14.56 -11.79 32.18
CA GLN F 400 13.40 -11.21 31.50
C GLN F 400 12.49 -10.58 32.54
N VAL F 401 12.26 -9.28 32.41
CA VAL F 401 11.27 -8.56 33.21
C VAL F 401 10.05 -8.33 32.33
N TRP F 402 8.93 -8.94 32.71
CA TRP F 402 7.76 -8.94 31.84
C TRP F 402 6.50 -8.71 32.66
N GLN F 403 5.40 -8.46 31.95
CA GLN F 403 4.08 -8.29 32.54
C GLN F 403 3.07 -8.73 31.49
N MET F 404 2.19 -9.65 31.86
CA MET F 404 1.21 -10.15 30.90
C MET F 404 0.16 -9.09 30.60
N ALA F 405 -0.57 -9.31 29.50
CA ALA F 405 -1.49 -8.30 28.99
C ALA F 405 -2.63 -8.05 29.97
N GLU F 406 -3.14 -6.81 29.94
CA GLU F 406 -4.19 -6.41 30.87
C GLU F 406 -5.48 -7.20 30.62
N ASN F 407 -5.81 -7.45 29.36
CA ASN F 407 -7.04 -8.14 29.01
C ASN F 407 -7.05 -9.60 29.44
N ILE F 408 -6.01 -10.08 30.12
CA ILE F 408 -5.94 -11.46 30.59
C ILE F 408 -6.40 -11.58 32.03
N TYR F 409 -5.98 -10.67 32.91
CA TYR F 409 -6.34 -10.75 34.32
C TYR F 409 -7.53 -9.87 34.69
N ASN F 410 -7.62 -8.65 34.14
CA ASN F 410 -8.71 -7.76 34.50
C ASN F 410 -10.01 -8.17 33.82
N ASP F 411 -10.03 -8.19 32.49
CA ASP F 411 -11.19 -8.57 31.71
C ASP F 411 -12.42 -7.74 32.07
C1 GOL G . 19.96 -2.89 28.42
O1 GOL G . 18.85 -3.44 27.80
C2 GOL G . 20.07 -1.43 27.94
O2 GOL G . 18.97 -0.66 28.34
C3 GOL G . 21.40 -0.91 28.55
O3 GOL G . 21.43 0.47 28.35
#